data_1V3F
#
_entry.id   1V3F
#
_cell.length_a   1.000
_cell.length_b   1.000
_cell.length_c   1.000
_cell.angle_alpha   90.00
_cell.angle_beta   90.00
_cell.angle_gamma   90.00
#
_symmetry.space_group_name_H-M   'P 1'
#
_entity_poly.entity_id   1
_entity_poly.type   'polypeptide(L)'
_entity_poly.pdbx_seq_one_letter_code
;GSSGSSGLHRIVDKMHDTSTGIRPSPNMEQGSTYKKTFLGSSLVDWLISSNFAASRLEAVTLASMLMEENFLRPVGVRSM
GAIRSGDLAEQFLDDSTALYTFAESYKKKVSSKESGPSSG
;
_entity_poly.pdbx_strand_id   A
#
# COMPACT_ATOMS: atom_id res chain seq x y z
N GLY A 1 14.58 -11.47 -9.77
CA GLY A 1 14.26 -12.85 -9.44
C GLY A 1 13.81 -12.98 -7.98
N SER A 2 13.69 -14.22 -7.54
CA SER A 2 13.28 -14.50 -6.17
C SER A 2 11.98 -13.75 -5.86
N SER A 3 10.88 -14.45 -6.06
CA SER A 3 9.57 -13.86 -5.81
C SER A 3 8.98 -14.45 -4.52
N GLY A 4 8.86 -13.57 -3.52
CA GLY A 4 8.32 -13.98 -2.24
C GLY A 4 6.94 -13.36 -2.00
N SER A 5 6.01 -13.73 -2.87
CA SER A 5 4.65 -13.22 -2.77
C SER A 5 3.66 -14.23 -3.36
N SER A 6 3.78 -14.42 -4.66
CA SER A 6 2.92 -15.34 -5.37
C SER A 6 1.51 -14.75 -5.49
N GLY A 7 0.93 -14.45 -4.35
CA GLY A 7 -0.41 -13.87 -4.33
C GLY A 7 -0.35 -12.34 -4.37
N LEU A 8 0.31 -11.78 -3.38
CA LEU A 8 0.45 -10.33 -3.29
C LEU A 8 0.69 -9.77 -4.70
N HIS A 9 1.41 -10.53 -5.50
CA HIS A 9 1.70 -10.13 -6.86
C HIS A 9 0.41 -9.78 -7.59
N ARG A 10 -0.51 -10.73 -7.57
CA ARG A 10 -1.80 -10.55 -8.23
C ARG A 10 -2.56 -9.39 -7.59
N ILE A 11 -2.16 -9.06 -6.37
CA ILE A 11 -2.79 -7.98 -5.63
C ILE A 11 -2.19 -6.64 -6.09
N VAL A 12 -0.88 -6.64 -6.22
CA VAL A 12 -0.16 -5.44 -6.64
C VAL A 12 -0.62 -5.07 -8.06
N ASP A 13 -0.61 -6.05 -8.93
CA ASP A 13 -1.00 -5.84 -10.31
C ASP A 13 -2.34 -5.09 -10.34
N LYS A 14 -3.23 -5.50 -9.44
CA LYS A 14 -4.54 -4.88 -9.36
C LYS A 14 -4.37 -3.41 -8.93
N MET A 15 -3.65 -3.23 -7.84
CA MET A 15 -3.42 -1.90 -7.31
C MET A 15 -2.76 -1.00 -8.36
N HIS A 16 -1.91 -1.62 -9.18
CA HIS A 16 -1.22 -0.90 -10.23
C HIS A 16 -2.24 -0.28 -11.19
N ASP A 17 -3.44 -0.84 -11.16
CA ASP A 17 -4.51 -0.35 -12.01
C ASP A 17 -5.29 0.74 -11.28
N THR A 18 -5.99 1.55 -12.08
CA THR A 18 -6.79 2.63 -11.52
C THR A 18 -8.28 2.32 -11.65
N SER A 19 -8.60 1.48 -12.62
CA SER A 19 -9.98 1.09 -12.85
C SER A 19 -10.46 0.17 -11.72
N THR A 20 -9.97 -1.05 -11.76
CA THR A 20 -10.35 -2.03 -10.75
C THR A 20 -9.38 -1.98 -9.57
N GLY A 21 -8.26 -1.29 -9.78
CA GLY A 21 -7.25 -1.15 -8.75
C GLY A 21 -7.66 -0.10 -7.72
N ILE A 22 -6.69 0.29 -6.89
CA ILE A 22 -6.94 1.28 -5.87
C ILE A 22 -7.05 2.66 -6.52
N ARG A 23 -7.28 3.66 -5.67
CA ARG A 23 -7.39 5.03 -6.15
C ARG A 23 -6.95 6.00 -5.05
N PRO A 24 -5.63 6.36 -5.10
CA PRO A 24 -5.07 7.28 -4.13
C PRO A 24 -5.50 8.72 -4.43
N SER A 25 -5.24 9.59 -3.47
CA SER A 25 -5.58 10.99 -3.63
C SER A 25 -5.21 11.76 -2.35
N PRO A 26 -5.07 13.11 -2.52
CA PRO A 26 -4.73 13.96 -1.40
C PRO A 26 -5.91 14.17 -0.47
N ASN A 27 -5.67 13.93 0.82
CA ASN A 27 -6.71 14.08 1.82
C ASN A 27 -6.38 15.26 2.72
N MET A 28 -5.09 15.54 2.83
CA MET A 28 -4.63 16.64 3.65
C MET A 28 -5.10 16.47 5.10
N GLU A 29 -4.52 15.48 5.76
CA GLU A 29 -4.87 15.20 7.15
C GLU A 29 -4.51 16.39 8.03
N GLN A 30 -3.22 16.62 8.16
CA GLN A 30 -2.74 17.73 8.98
C GLN A 30 -1.45 18.30 8.39
N GLY A 31 -1.59 18.94 7.24
CA GLY A 31 -0.44 19.53 6.57
C GLY A 31 -0.11 18.77 5.28
N SER A 32 0.85 19.31 4.54
CA SER A 32 1.27 18.70 3.30
C SER A 32 0.06 18.48 2.38
N THR A 33 0.33 17.91 1.22
CA THR A 33 -0.71 17.63 0.26
C THR A 33 -0.88 16.13 0.05
N TYR A 34 0.25 15.43 0.10
CA TYR A 34 0.25 13.99 -0.07
C TYR A 34 -0.40 13.60 -1.41
N LYS A 35 0.43 13.56 -2.44
CA LYS A 35 -0.06 13.21 -3.76
C LYS A 35 0.13 11.70 -4.00
N LYS A 36 -0.96 11.05 -4.38
CA LYS A 36 -0.91 9.61 -4.63
C LYS A 36 -0.89 8.87 -3.30
N THR A 37 -1.92 9.11 -2.50
CA THR A 37 -2.02 8.47 -1.20
C THR A 37 -3.46 8.01 -0.95
N PHE A 38 -3.57 6.84 -0.34
CA PHE A 38 -4.87 6.28 -0.04
C PHE A 38 -5.02 5.99 1.47
N LEU A 39 -6.20 6.29 1.98
CA LEU A 39 -6.47 6.07 3.38
C LEU A 39 -6.33 4.58 3.70
N GLY A 40 -5.85 4.31 4.91
CA GLY A 40 -5.66 2.94 5.35
C GLY A 40 -6.92 2.11 5.13
N SER A 41 -8.06 2.70 5.49
CA SER A 41 -9.33 2.02 5.33
C SER A 41 -9.61 1.77 3.85
N SER A 42 -9.20 2.73 3.03
CA SER A 42 -9.40 2.62 1.60
C SER A 42 -8.76 1.34 1.07
N LEU A 43 -7.58 1.03 1.60
CA LEU A 43 -6.86 -0.16 1.20
C LEU A 43 -7.57 -1.40 1.76
N VAL A 44 -7.74 -1.39 3.07
CA VAL A 44 -8.39 -2.49 3.75
C VAL A 44 -9.69 -2.85 3.00
N ASP A 45 -10.57 -1.87 2.92
CA ASP A 45 -11.84 -2.07 2.23
C ASP A 45 -11.58 -2.61 0.83
N TRP A 46 -10.58 -2.02 0.17
CA TRP A 46 -10.22 -2.43 -1.17
C TRP A 46 -9.89 -3.92 -1.13
N LEU A 47 -8.81 -4.25 -0.44
CA LEU A 47 -8.38 -5.63 -0.33
C LEU A 47 -9.60 -6.52 -0.19
N ILE A 48 -10.50 -6.12 0.70
CA ILE A 48 -11.72 -6.88 0.93
C ILE A 48 -12.58 -6.87 -0.33
N SER A 49 -12.89 -5.66 -0.79
CA SER A 49 -13.70 -5.50 -1.99
C SER A 49 -13.08 -6.29 -3.15
N SER A 50 -11.76 -6.45 -3.08
CA SER A 50 -11.05 -7.19 -4.11
C SER A 50 -11.24 -8.69 -3.91
N ASN A 51 -11.73 -9.04 -2.73
CA ASN A 51 -11.95 -10.44 -2.40
C ASN A 51 -10.63 -11.08 -1.93
N PHE A 52 -9.72 -10.21 -1.51
CA PHE A 52 -8.42 -10.68 -1.05
C PHE A 52 -8.43 -10.91 0.46
N ALA A 53 -9.42 -10.31 1.11
CA ALA A 53 -9.57 -10.45 2.55
C ALA A 53 -11.03 -10.72 2.89
N ALA A 54 -11.24 -11.30 4.07
CA ALA A 54 -12.57 -11.61 4.53
C ALA A 54 -13.05 -10.52 5.48
N SER A 55 -12.11 -10.00 6.25
CA SER A 55 -12.42 -8.95 7.21
C SER A 55 -11.28 -7.92 7.25
N ARG A 56 -11.61 -6.75 7.76
CA ARG A 56 -10.62 -5.68 7.86
C ARG A 56 -9.26 -6.26 8.27
N LEU A 57 -9.31 -7.26 9.13
CA LEU A 57 -8.09 -7.90 9.60
C LEU A 57 -7.32 -8.46 8.40
N GLU A 58 -7.88 -9.49 7.79
CA GLU A 58 -7.26 -10.12 6.64
C GLU A 58 -6.69 -9.05 5.70
N ALA A 59 -7.38 -7.91 5.66
CA ALA A 59 -6.96 -6.81 4.81
C ALA A 59 -5.80 -6.07 5.48
N VAL A 60 -5.97 -5.84 6.77
CA VAL A 60 -4.94 -5.13 7.53
C VAL A 60 -3.60 -5.84 7.34
N THR A 61 -3.64 -7.16 7.42
CA THR A 61 -2.43 -7.96 7.26
C THR A 61 -1.98 -7.93 5.80
N LEU A 62 -2.94 -8.07 4.91
CA LEU A 62 -2.65 -8.06 3.48
C LEU A 62 -1.98 -6.74 3.11
N ALA A 63 -2.45 -5.68 3.75
CA ALA A 63 -1.90 -4.36 3.50
C ALA A 63 -0.46 -4.30 4.00
N SER A 64 -0.29 -4.64 5.27
CA SER A 64 1.03 -4.63 5.87
C SER A 64 1.98 -5.54 5.10
N MET A 65 1.39 -6.53 4.44
CA MET A 65 2.15 -7.48 3.65
C MET A 65 2.74 -6.82 2.40
N LEU A 66 1.92 -5.97 1.79
CA LEU A 66 2.33 -5.27 0.60
C LEU A 66 3.49 -4.32 0.93
N MET A 67 3.31 -3.59 2.02
CA MET A 67 4.32 -2.65 2.47
C MET A 67 5.68 -3.34 2.62
N GLU A 68 5.63 -4.56 3.15
CA GLU A 68 6.85 -5.33 3.35
C GLU A 68 7.48 -5.69 2.01
N GLU A 69 6.63 -6.16 1.10
CA GLU A 69 7.09 -6.55 -0.22
C GLU A 69 7.73 -5.35 -0.93
N ASN A 70 7.52 -4.18 -0.36
CA ASN A 70 8.06 -2.96 -0.92
C ASN A 70 7.09 -2.42 -1.98
N PHE A 71 5.82 -2.66 -1.74
CA PHE A 71 4.78 -2.19 -2.66
C PHE A 71 4.14 -0.90 -2.17
N LEU A 72 4.09 -0.77 -0.85
CA LEU A 72 3.50 0.41 -0.24
C LEU A 72 4.34 0.83 0.97
N ARG A 73 4.02 1.99 1.52
CA ARG A 73 4.73 2.51 2.66
C ARG A 73 3.83 3.45 3.47
N PRO A 74 4.13 3.55 4.79
CA PRO A 74 3.36 4.40 5.67
C PRO A 74 3.71 5.88 5.45
N VAL A 75 2.69 6.72 5.59
CA VAL A 75 2.88 8.14 5.41
C VAL A 75 2.71 8.85 6.75
N GLY A 76 2.78 10.17 6.70
CA GLY A 76 2.64 10.97 7.90
C GLY A 76 1.35 10.64 8.64
N VAL A 77 1.02 11.48 9.61
CA VAL A 77 -0.19 11.28 10.39
C VAL A 77 -0.26 9.83 10.87
N ARG A 78 -1.47 9.40 11.19
CA ARG A 78 -1.68 8.04 11.65
C ARG A 78 -0.79 7.07 10.87
N SER A 79 -0.53 5.92 11.49
CA SER A 79 0.30 4.91 10.86
C SER A 79 1.72 5.44 10.65
N MET A 80 2.45 5.54 11.75
CA MET A 80 3.81 6.04 11.69
C MET A 80 4.46 6.00 13.08
N GLY A 81 5.75 6.28 13.10
CA GLY A 81 6.49 6.30 14.35
C GLY A 81 7.48 5.12 14.42
N ALA A 82 7.06 4.08 15.13
CA ALA A 82 7.89 2.90 15.28
C ALA A 82 7.64 1.96 14.11
N ILE A 83 7.98 2.44 12.92
CA ILE A 83 7.79 1.66 11.71
C ILE A 83 8.98 0.72 11.53
N ARG A 84 8.67 -0.57 11.50
CA ARG A 84 9.71 -1.59 11.34
C ARG A 84 9.39 -2.47 10.13
N SER A 85 10.43 -2.72 9.34
CA SER A 85 10.28 -3.54 8.15
C SER A 85 11.19 -4.78 8.26
N GLY A 86 11.10 -5.44 9.40
CA GLY A 86 11.91 -6.63 9.64
C GLY A 86 11.08 -7.89 9.42
N ASP A 87 10.10 -8.09 10.29
CA ASP A 87 9.23 -9.25 10.19
C ASP A 87 7.89 -8.83 9.59
N LEU A 88 7.11 -9.84 9.21
CA LEU A 88 5.81 -9.59 8.63
C LEU A 88 5.05 -8.57 9.48
N ALA A 89 4.83 -8.95 10.73
CA ALA A 89 4.12 -8.08 11.66
C ALA A 89 2.82 -7.58 11.00
N GLU A 90 2.11 -6.75 11.74
CA GLU A 90 0.85 -6.20 11.25
C GLU A 90 0.79 -4.71 11.51
N GLN A 91 1.90 -4.04 11.21
CA GLN A 91 1.99 -2.60 11.41
C GLN A 91 1.16 -1.87 10.35
N PHE A 92 -0.12 -1.70 10.67
CA PHE A 92 -1.03 -1.02 9.75
C PHE A 92 -2.42 -0.90 10.37
N LEU A 93 -2.90 0.34 10.43
CA LEU A 93 -4.21 0.61 10.99
C LEU A 93 -5.25 0.58 9.87
N ASP A 94 -6.51 0.49 10.28
CA ASP A 94 -7.60 0.46 9.33
C ASP A 94 -8.57 1.60 9.62
N ASP A 95 -8.14 2.80 9.26
CA ASP A 95 -8.95 3.99 9.47
C ASP A 95 -8.84 4.91 8.26
N SER A 96 -9.35 6.11 8.42
CA SER A 96 -9.31 7.10 7.35
C SER A 96 -8.02 7.92 7.45
N THR A 97 -7.71 8.33 8.67
CA THR A 97 -6.52 9.11 8.91
C THR A 97 -5.28 8.43 8.31
N ALA A 98 -5.03 7.22 8.78
CA ALA A 98 -3.89 6.45 8.31
C ALA A 98 -3.83 6.54 6.79
N LEU A 99 -2.62 6.81 6.30
CA LEU A 99 -2.40 6.93 4.87
C LEU A 99 -1.27 5.99 4.44
N TYR A 100 -1.17 5.80 3.14
CA TYR A 100 -0.13 4.92 2.60
C TYR A 100 0.09 5.20 1.11
N THR A 101 1.33 5.01 0.69
CA THR A 101 1.68 5.24 -0.71
C THR A 101 2.50 4.06 -1.25
N PHE A 102 2.59 4.00 -2.56
CA PHE A 102 3.32 2.94 -3.22
C PHE A 102 4.83 3.15 -3.09
N ALA A 103 5.54 2.07 -2.79
CA ALA A 103 6.98 2.13 -2.64
C ALA A 103 7.63 2.15 -4.02
N GLU A 104 8.50 3.14 -4.21
CA GLU A 104 9.20 3.29 -5.47
C GLU A 104 10.25 2.19 -5.63
N SER A 105 10.46 1.45 -4.56
CA SER A 105 11.43 0.36 -4.57
C SER A 105 10.74 -0.94 -5.00
N TYR A 106 10.66 -1.12 -6.31
CA TYR A 106 10.05 -2.32 -6.86
C TYR A 106 10.20 -2.37 -8.38
N LYS A 107 9.59 -3.38 -8.97
CA LYS A 107 9.66 -3.56 -10.42
C LYS A 107 8.86 -2.44 -11.09
N LYS A 108 9.59 -1.49 -11.67
CA LYS A 108 8.97 -0.38 -12.35
C LYS A 108 9.74 -0.09 -13.64
N LYS A 109 9.20 -0.58 -14.74
CA LYS A 109 9.83 -0.37 -16.04
C LYS A 109 10.16 1.12 -16.22
N VAL A 110 11.08 1.37 -17.13
CA VAL A 110 11.50 2.74 -17.40
C VAL A 110 12.03 2.83 -18.83
N SER A 111 11.82 3.99 -19.43
CA SER A 111 12.27 4.23 -20.79
C SER A 111 13.69 3.68 -20.98
N SER A 112 13.77 2.54 -21.62
CA SER A 112 15.05 1.90 -21.87
C SER A 112 15.03 1.19 -23.22
N LYS A 113 15.19 1.97 -24.28
CA LYS A 113 15.19 1.43 -25.63
C LYS A 113 13.79 0.94 -25.98
N GLU A 114 12.90 1.90 -26.19
CA GLU A 114 11.52 1.58 -26.53
C GLU A 114 10.71 2.86 -26.74
N SER A 115 9.55 2.70 -27.36
CA SER A 115 8.68 3.83 -27.63
C SER A 115 8.26 4.49 -26.31
N GLY A 116 8.75 5.70 -26.10
CA GLY A 116 8.43 6.43 -24.89
C GLY A 116 7.27 7.40 -25.14
N PRO A 117 6.55 7.74 -24.02
CA PRO A 117 5.43 8.65 -24.10
C PRO A 117 5.90 10.10 -24.27
N SER A 118 4.94 10.99 -24.48
CA SER A 118 5.24 12.39 -24.65
C SER A 118 5.23 13.10 -23.30
N SER A 119 5.74 14.32 -23.31
CA SER A 119 5.79 15.12 -22.08
C SER A 119 5.06 16.45 -22.30
N GLY A 120 4.82 17.13 -21.20
CA GLY A 120 4.13 18.41 -21.25
C GLY A 120 5.03 19.53 -20.70
N GLY A 1 13.09 -8.08 -3.92
CA GLY A 1 13.24 -9.48 -3.57
C GLY A 1 11.90 -10.22 -3.70
N SER A 2 11.94 -11.49 -3.32
CA SER A 2 10.74 -12.32 -3.40
C SER A 2 10.91 -13.55 -2.49
N SER A 3 10.09 -13.58 -1.45
CA SER A 3 10.13 -14.68 -0.50
C SER A 3 8.72 -14.98 0.01
N GLY A 4 8.25 -16.17 -0.30
CA GLY A 4 6.92 -16.59 0.12
C GLY A 4 5.93 -15.43 0.05
N SER A 5 5.79 -14.88 -1.16
CA SER A 5 4.89 -13.76 -1.37
C SER A 5 4.83 -13.42 -2.86
N SER A 6 4.20 -14.31 -3.61
CA SER A 6 4.07 -14.11 -5.05
C SER A 6 2.67 -13.61 -5.38
N GLY A 7 1.70 -14.16 -4.66
CA GLY A 7 0.31 -13.77 -4.87
C GLY A 7 0.12 -12.26 -4.74
N LEU A 8 0.74 -11.71 -3.70
CA LEU A 8 0.66 -10.27 -3.46
C LEU A 8 0.83 -9.53 -4.78
N HIS A 9 1.55 -10.16 -5.69
CA HIS A 9 1.80 -9.57 -7.00
C HIS A 9 0.45 -9.27 -7.68
N ARG A 10 -0.41 -10.27 -7.67
CA ARG A 10 -1.72 -10.14 -8.29
C ARG A 10 -2.48 -8.96 -7.66
N ILE A 11 -2.12 -8.67 -6.42
CA ILE A 11 -2.76 -7.58 -5.70
C ILE A 11 -2.22 -6.25 -6.21
N VAL A 12 -0.90 -6.19 -6.32
CA VAL A 12 -0.24 -4.98 -6.80
C VAL A 12 -0.78 -4.62 -8.18
N ASP A 13 -0.79 -5.61 -9.06
CA ASP A 13 -1.27 -5.42 -10.41
C ASP A 13 -2.65 -4.74 -10.36
N LYS A 14 -3.49 -5.26 -9.49
CA LYS A 14 -4.84 -4.72 -9.34
C LYS A 14 -4.74 -3.26 -8.90
N MET A 15 -3.95 -3.04 -7.86
CA MET A 15 -3.76 -1.70 -7.33
C MET A 15 -3.29 -0.74 -8.43
N HIS A 16 -2.42 -1.25 -9.29
CA HIS A 16 -1.88 -0.45 -10.38
C HIS A 16 -3.04 0.07 -11.25
N ASP A 17 -4.15 -0.66 -11.19
CA ASP A 17 -5.32 -0.27 -11.96
C ASP A 17 -6.06 0.86 -11.25
N THR A 18 -6.94 1.51 -11.97
CA THR A 18 -7.71 2.60 -11.42
C THR A 18 -9.20 2.25 -11.40
N SER A 19 -9.62 1.52 -12.42
CA SER A 19 -11.01 1.11 -12.54
C SER A 19 -11.39 0.20 -11.36
N THR A 20 -10.65 -0.90 -11.25
CA THR A 20 -10.89 -1.85 -10.18
C THR A 20 -9.82 -1.73 -9.10
N GLY A 21 -8.70 -1.13 -9.50
CA GLY A 21 -7.59 -0.94 -8.57
C GLY A 21 -7.91 0.15 -7.54
N ILE A 22 -6.89 0.52 -6.79
CA ILE A 22 -7.04 1.56 -5.78
C ILE A 22 -7.13 2.93 -6.45
N ARG A 23 -7.32 3.95 -5.63
CA ARG A 23 -7.43 5.31 -6.14
C ARG A 23 -6.96 6.30 -5.07
N PRO A 24 -5.64 6.65 -5.15
CA PRO A 24 -5.07 7.58 -4.20
C PRO A 24 -5.50 9.02 -4.52
N SER A 25 -6.59 9.43 -3.89
CA SER A 25 -7.12 10.76 -4.10
C SER A 25 -6.91 11.60 -2.83
N PRO A 26 -5.86 12.45 -2.87
CA PRO A 26 -5.54 13.32 -1.74
C PRO A 26 -6.52 14.49 -1.66
N ASN A 27 -6.56 15.26 -2.72
CA ASN A 27 -7.45 16.41 -2.78
C ASN A 27 -7.45 17.12 -1.42
N MET A 28 -6.26 17.47 -0.97
CA MET A 28 -6.10 18.14 0.30
C MET A 28 -7.03 17.53 1.36
N GLU A 29 -6.83 16.24 1.60
CA GLU A 29 -7.63 15.53 2.57
C GLU A 29 -7.71 16.32 3.88
N GLN A 30 -6.54 16.54 4.47
CA GLN A 30 -6.46 17.27 5.72
C GLN A 30 -5.01 17.71 5.98
N GLY A 31 -4.66 18.86 5.44
CA GLY A 31 -3.33 19.40 5.62
C GLY A 31 -2.29 18.50 4.94
N SER A 32 -1.28 19.15 4.37
CA SER A 32 -0.22 18.43 3.68
C SER A 32 -0.82 17.58 2.55
N THR A 33 -0.91 18.18 1.38
CA THR A 33 -1.46 17.50 0.22
C THR A 33 -0.62 16.26 -0.10
N TYR A 34 -1.10 15.12 0.39
CA TYR A 34 -0.41 13.87 0.15
C TYR A 34 -0.28 13.57 -1.35
N LYS A 35 0.93 13.21 -1.74
CA LYS A 35 1.19 12.90 -3.14
C LYS A 35 0.82 11.44 -3.42
N LYS A 36 -0.26 11.26 -4.15
CA LYS A 36 -0.73 9.93 -4.48
C LYS A 36 -0.72 9.06 -3.23
N THR A 37 -1.81 9.11 -2.50
CA THR A 37 -1.94 8.33 -1.28
C THR A 37 -3.40 7.90 -1.06
N PHE A 38 -3.55 6.76 -0.40
CA PHE A 38 -4.88 6.24 -0.12
C PHE A 38 -5.06 5.96 1.37
N LEU A 39 -6.20 6.38 1.90
CA LEU A 39 -6.50 6.18 3.30
C LEU A 39 -6.30 4.70 3.65
N GLY A 40 -5.91 4.47 4.90
CA GLY A 40 -5.70 3.12 5.37
C GLY A 40 -6.94 2.25 5.18
N SER A 41 -8.08 2.84 5.49
CA SER A 41 -9.36 2.15 5.36
C SER A 41 -9.63 1.84 3.89
N SER A 42 -9.27 2.79 3.04
CA SER A 42 -9.47 2.63 1.61
C SER A 42 -8.84 1.33 1.13
N LEU A 43 -7.62 1.09 1.61
CA LEU A 43 -6.89 -0.11 1.23
C LEU A 43 -7.61 -1.33 1.81
N VAL A 44 -7.76 -1.34 3.12
CA VAL A 44 -8.43 -2.43 3.80
C VAL A 44 -9.69 -2.81 3.02
N ASP A 45 -10.63 -1.89 3.01
CA ASP A 45 -11.89 -2.11 2.30
C ASP A 45 -11.60 -2.65 0.90
N TRP A 46 -10.69 -1.99 0.22
CA TRP A 46 -10.32 -2.38 -1.12
C TRP A 46 -9.94 -3.87 -1.09
N LEU A 47 -8.86 -4.15 -0.38
CA LEU A 47 -8.38 -5.52 -0.26
C LEU A 47 -9.58 -6.46 -0.10
N ILE A 48 -10.49 -6.06 0.78
CA ILE A 48 -11.68 -6.85 1.02
C ILE A 48 -12.51 -6.96 -0.26
N SER A 49 -12.77 -5.79 -0.85
CA SER A 49 -13.53 -5.73 -2.08
C SER A 49 -12.81 -6.51 -3.19
N SER A 50 -11.50 -6.58 -3.05
CA SER A 50 -10.69 -7.29 -4.03
C SER A 50 -10.82 -8.80 -3.82
N ASN A 51 -11.60 -9.17 -2.82
CA ASN A 51 -11.82 -10.57 -2.51
C ASN A 51 -10.51 -11.18 -2.01
N PHE A 52 -9.62 -10.30 -1.56
CA PHE A 52 -8.33 -10.75 -1.06
C PHE A 52 -8.37 -10.96 0.45
N ALA A 53 -9.36 -10.33 1.07
CA ALA A 53 -9.52 -10.45 2.51
C ALA A 53 -10.99 -10.74 2.83
N ALA A 54 -11.21 -11.27 4.03
CA ALA A 54 -12.56 -11.60 4.46
C ALA A 54 -13.05 -10.50 5.42
N SER A 55 -12.12 -9.98 6.19
CA SER A 55 -12.44 -8.93 7.15
C SER A 55 -11.31 -7.91 7.22
N ARG A 56 -11.64 -6.74 7.75
CA ARG A 56 -10.66 -5.67 7.87
C ARG A 56 -9.30 -6.24 8.29
N LEU A 57 -9.35 -7.25 9.14
CA LEU A 57 -8.14 -7.90 9.62
C LEU A 57 -7.35 -8.44 8.43
N GLU A 58 -7.92 -9.45 7.79
CA GLU A 58 -7.28 -10.07 6.65
C GLU A 58 -6.71 -9.00 5.72
N ALA A 59 -7.41 -7.88 5.66
CA ALA A 59 -6.99 -6.77 4.83
C ALA A 59 -5.84 -6.01 5.51
N VAL A 60 -6.00 -5.83 6.82
CA VAL A 60 -5.00 -5.13 7.59
C VAL A 60 -3.65 -5.81 7.42
N THR A 61 -3.68 -7.14 7.47
CA THR A 61 -2.46 -7.92 7.31
C THR A 61 -1.99 -7.89 5.85
N LEU A 62 -2.96 -7.96 4.95
CA LEU A 62 -2.65 -7.94 3.53
C LEU A 62 -1.98 -6.62 3.17
N ALA A 63 -2.43 -5.57 3.83
CA ALA A 63 -1.88 -4.24 3.60
C ALA A 63 -0.42 -4.21 4.06
N SER A 64 -0.22 -4.52 5.32
CA SER A 64 1.11 -4.54 5.89
C SER A 64 2.02 -5.43 5.06
N MET A 65 1.42 -6.44 4.45
CA MET A 65 2.16 -7.38 3.63
C MET A 65 2.70 -6.68 2.37
N LEU A 66 1.82 -5.94 1.72
CA LEU A 66 2.19 -5.23 0.51
C LEU A 66 3.34 -4.26 0.82
N MET A 67 3.20 -3.56 1.94
CA MET A 67 4.21 -2.61 2.36
C MET A 67 5.58 -3.29 2.50
N GLU A 68 5.54 -4.48 3.08
CA GLU A 68 6.76 -5.25 3.29
C GLU A 68 7.38 -5.64 1.94
N GLU A 69 6.52 -6.07 1.03
CA GLU A 69 6.97 -6.47 -0.29
C GLU A 69 7.57 -5.28 -1.03
N ASN A 70 7.39 -4.10 -0.44
CA ASN A 70 7.91 -2.88 -1.03
C ASN A 70 6.90 -2.35 -2.05
N PHE A 71 5.64 -2.71 -1.83
CA PHE A 71 4.58 -2.27 -2.72
C PHE A 71 3.89 -1.01 -2.18
N LEU A 72 4.20 -0.71 -0.92
CA LEU A 72 3.61 0.45 -0.27
C LEU A 72 4.44 0.80 0.96
N ARG A 73 4.14 1.96 1.53
CA ARG A 73 4.84 2.43 2.71
C ARG A 73 3.93 3.31 3.56
N PRO A 74 4.15 3.25 4.90
CA PRO A 74 3.35 4.03 5.83
C PRO A 74 3.76 5.50 5.80
N VAL A 75 2.77 6.35 5.56
CA VAL A 75 3.01 7.78 5.50
C VAL A 75 2.85 8.38 6.89
N GLY A 76 3.04 9.70 6.96
CA GLY A 76 2.93 10.39 8.23
C GLY A 76 1.55 10.20 8.85
N VAL A 77 1.04 11.26 9.45
CA VAL A 77 -0.27 11.22 10.08
C VAL A 77 -0.34 10.00 11.01
N ARG A 78 -1.56 9.56 11.26
CA ARG A 78 -1.78 8.41 12.13
C ARG A 78 -0.76 7.31 11.82
N SER A 79 -0.75 6.89 10.57
CA SER A 79 0.17 5.84 10.13
C SER A 79 1.59 6.19 10.58
N MET A 80 2.52 5.31 10.23
CA MET A 80 3.91 5.51 10.57
C MET A 80 4.12 5.44 12.09
N GLY A 81 3.84 4.26 12.63
CA GLY A 81 3.99 4.05 14.06
C GLY A 81 5.38 3.50 14.39
N ALA A 82 5.44 2.18 14.53
CA ALA A 82 6.69 1.53 14.85
C ALA A 82 7.37 1.09 13.54
N ILE A 83 6.63 1.19 12.46
CA ILE A 83 7.14 0.81 11.16
C ILE A 83 7.61 -0.65 11.21
N ARG A 84 7.78 -1.23 10.03
CA ARG A 84 8.22 -2.61 9.92
C ARG A 84 9.73 -2.70 10.13
N SER A 85 10.11 -3.60 11.02
CA SER A 85 11.51 -3.80 11.33
C SER A 85 11.98 -5.16 10.79
N GLY A 86 11.63 -5.41 9.54
CA GLY A 86 12.00 -6.66 8.90
C GLY A 86 11.31 -7.85 9.56
N ASP A 87 10.00 -7.91 9.36
CA ASP A 87 9.21 -8.99 9.94
C ASP A 87 7.90 -9.12 9.18
N LEU A 88 7.00 -9.93 9.73
CA LEU A 88 5.71 -10.14 9.11
C LEU A 88 4.62 -9.44 9.93
N ALA A 89 5.06 -8.47 10.71
CA ALA A 89 4.15 -7.71 11.54
C ALA A 89 2.98 -7.21 10.69
N GLU A 90 1.96 -6.71 11.38
CA GLU A 90 0.78 -6.20 10.70
C GLU A 90 0.57 -4.72 11.04
N GLN A 91 1.68 -4.03 11.26
CA GLN A 91 1.63 -2.62 11.60
C GLN A 91 0.84 -1.86 10.53
N PHE A 92 -0.47 -1.79 10.76
CA PHE A 92 -1.35 -1.10 9.83
C PHE A 92 -2.69 -0.78 10.49
N LEU A 93 -3.23 0.37 10.12
CA LEU A 93 -4.51 0.80 10.67
C LEU A 93 -5.59 0.67 9.60
N ASP A 94 -6.83 0.87 10.02
CA ASP A 94 -7.96 0.77 9.11
C ASP A 94 -8.92 1.94 9.37
N ASP A 95 -8.48 3.12 8.98
CA ASP A 95 -9.29 4.32 9.17
C ASP A 95 -8.91 5.36 8.11
N SER A 96 -9.79 6.33 7.93
CA SER A 96 -9.56 7.39 6.96
C SER A 96 -8.22 8.07 7.26
N THR A 97 -8.10 8.57 8.48
CA THR A 97 -6.89 9.26 8.89
C THR A 97 -5.66 8.57 8.30
N ALA A 98 -5.39 7.37 8.80
CA ALA A 98 -4.25 6.61 8.33
C ALA A 98 -4.12 6.77 6.81
N LEU A 99 -2.88 6.78 6.35
CA LEU A 99 -2.61 6.92 4.93
C LEU A 99 -1.56 5.89 4.51
N TYR A 100 -1.39 5.77 3.20
CA TYR A 100 -0.43 4.83 2.65
C TYR A 100 -0.16 5.12 1.18
N THR A 101 1.09 4.94 0.79
CA THR A 101 1.49 5.17 -0.59
C THR A 101 2.22 3.95 -1.14
N PHE A 102 2.59 4.05 -2.42
CA PHE A 102 3.28 2.96 -3.07
C PHE A 102 4.80 3.06 -2.87
N ALA A 103 5.40 1.93 -2.55
CA ALA A 103 6.83 1.88 -2.32
C ALA A 103 7.55 1.54 -3.62
N GLU A 104 8.66 2.22 -3.85
CA GLU A 104 9.44 2.00 -5.05
C GLU A 104 8.51 1.70 -6.24
N SER A 105 8.43 0.42 -6.58
CA SER A 105 7.59 0.01 -7.68
C SER A 105 7.80 -1.49 -7.96
N TYR A 106 7.46 -2.29 -6.97
CA TYR A 106 7.60 -3.74 -7.10
C TYR A 106 8.91 -4.09 -7.80
N LYS A 107 8.98 -5.34 -8.26
CA LYS A 107 10.16 -5.82 -8.96
C LYS A 107 10.39 -4.98 -10.21
N LYS A 108 11.48 -4.23 -10.19
CA LYS A 108 11.82 -3.36 -11.31
C LYS A 108 13.34 -3.35 -11.49
N LYS A 109 13.78 -4.02 -12.55
CA LYS A 109 15.20 -4.10 -12.85
C LYS A 109 15.73 -2.68 -13.13
N VAL A 110 16.85 -2.36 -12.48
CA VAL A 110 17.46 -1.05 -12.66
C VAL A 110 18.94 -1.13 -12.26
N SER A 111 19.73 -0.29 -12.89
CA SER A 111 21.16 -0.25 -12.61
C SER A 111 21.40 -0.35 -11.11
N SER A 112 21.82 -1.53 -10.68
CA SER A 112 22.09 -1.76 -9.27
C SER A 112 22.65 -3.17 -9.08
N LYS A 113 21.87 -4.15 -9.49
CA LYS A 113 22.27 -5.55 -9.36
C LYS A 113 22.79 -5.79 -7.95
N GLU A 114 21.85 -5.90 -7.01
CA GLU A 114 22.20 -6.14 -5.63
C GLU A 114 21.04 -6.82 -4.91
N SER A 115 21.16 -8.13 -4.77
CA SER A 115 20.14 -8.92 -4.10
C SER A 115 20.65 -10.32 -3.83
N GLY A 116 21.02 -11.01 -4.90
CA GLY A 116 21.54 -12.36 -4.79
C GLY A 116 20.48 -13.30 -4.20
N PRO A 117 19.79 -14.02 -5.12
CA PRO A 117 18.75 -14.95 -4.72
C PRO A 117 19.35 -16.23 -4.14
N SER A 118 18.48 -17.13 -3.72
CA SER A 118 18.91 -18.39 -3.13
C SER A 118 17.73 -19.34 -3.01
N SER A 119 18.01 -20.62 -3.19
CA SER A 119 16.98 -21.65 -3.10
C SER A 119 17.59 -23.02 -3.36
N GLY A 120 17.10 -24.00 -2.61
CA GLY A 120 17.59 -25.36 -2.76
C GLY A 120 19.04 -25.48 -2.30
N GLY A 1 6.26 -14.27 -14.81
CA GLY A 1 7.25 -13.79 -13.87
C GLY A 1 7.44 -14.78 -12.72
N SER A 2 6.54 -14.67 -11.74
CA SER A 2 6.60 -15.54 -10.59
C SER A 2 7.86 -15.25 -9.77
N SER A 3 7.69 -14.45 -8.73
CA SER A 3 8.81 -14.08 -7.87
C SER A 3 8.28 -13.51 -6.55
N GLY A 4 8.41 -14.31 -5.50
CA GLY A 4 7.96 -13.90 -4.19
C GLY A 4 6.48 -13.48 -4.21
N SER A 5 5.92 -13.31 -3.03
CA SER A 5 4.54 -12.91 -2.90
C SER A 5 3.63 -14.01 -3.46
N SER A 6 3.58 -14.07 -4.79
CA SER A 6 2.76 -15.06 -5.47
C SER A 6 1.34 -14.52 -5.66
N GLY A 7 0.83 -13.89 -4.62
CA GLY A 7 -0.51 -13.32 -4.66
C GLY A 7 -0.45 -11.79 -4.64
N LEU A 8 0.22 -11.26 -3.64
CA LEU A 8 0.35 -9.83 -3.50
C LEU A 8 0.57 -9.20 -4.89
N HIS A 9 1.28 -9.93 -5.72
CA HIS A 9 1.57 -9.46 -7.07
C HIS A 9 0.26 -9.08 -7.76
N ARG A 10 -0.64 -10.05 -7.81
CA ARG A 10 -1.94 -9.83 -8.44
C ARG A 10 -2.70 -8.72 -7.72
N ILE A 11 -2.30 -8.47 -6.49
CA ILE A 11 -2.93 -7.44 -5.68
C ILE A 11 -2.36 -6.08 -6.06
N VAL A 12 -1.05 -6.03 -6.21
CA VAL A 12 -0.37 -4.81 -6.57
C VAL A 12 -0.84 -4.37 -7.96
N ASP A 13 -0.81 -5.32 -8.88
CA ASP A 13 -1.22 -5.05 -10.25
C ASP A 13 -2.56 -4.31 -10.24
N LYS A 14 -3.51 -4.89 -9.50
CA LYS A 14 -4.83 -4.30 -9.40
C LYS A 14 -4.71 -2.85 -8.89
N MET A 15 -3.98 -2.72 -7.79
CA MET A 15 -3.78 -1.41 -7.19
C MET A 15 -3.10 -0.46 -8.17
N HIS A 16 -2.39 -1.05 -9.13
CA HIS A 16 -1.69 -0.27 -10.12
C HIS A 16 -2.69 0.30 -11.14
N ASP A 17 -3.91 -0.23 -11.08
CA ASP A 17 -4.96 0.21 -11.97
C ASP A 17 -5.71 1.39 -11.34
N THR A 18 -6.45 2.09 -12.19
CA THR A 18 -7.21 3.25 -11.72
C THR A 18 -8.71 2.96 -11.82
N SER A 19 -9.02 1.81 -12.39
CA SER A 19 -10.41 1.41 -12.55
C SER A 19 -10.81 0.44 -11.44
N THR A 20 -10.30 -0.78 -11.56
CA THR A 20 -10.60 -1.81 -10.57
C THR A 20 -9.58 -1.77 -9.43
N GLY A 21 -8.66 -0.82 -9.54
CA GLY A 21 -7.63 -0.66 -8.54
C GLY A 21 -8.04 0.38 -7.49
N ILE A 22 -7.09 0.71 -6.62
CA ILE A 22 -7.34 1.68 -5.57
C ILE A 22 -7.47 3.07 -6.20
N ARG A 23 -7.71 4.04 -5.33
CA ARG A 23 -7.86 5.42 -5.78
C ARG A 23 -7.33 6.38 -4.72
N PRO A 24 -6.02 6.71 -4.84
CA PRO A 24 -5.38 7.62 -3.90
C PRO A 24 -5.79 9.06 -4.17
N SER A 25 -6.38 9.68 -3.15
CA SER A 25 -6.82 11.05 -3.26
C SER A 25 -6.02 11.94 -2.31
N PRO A 26 -5.75 13.20 -2.77
CA PRO A 26 -5.01 14.15 -1.97
C PRO A 26 -5.87 14.72 -0.84
N ASN A 27 -6.26 13.83 0.07
CA ASN A 27 -7.09 14.22 1.20
C ASN A 27 -6.22 14.91 2.25
N MET A 28 -6.41 16.21 2.38
CA MET A 28 -5.65 16.98 3.34
C MET A 28 -5.64 16.30 4.71
N GLU A 29 -4.72 16.75 5.56
CA GLU A 29 -4.59 16.19 6.89
C GLU A 29 -4.19 17.29 7.89
N GLN A 30 -3.07 17.92 7.60
CA GLN A 30 -2.58 18.99 8.46
C GLN A 30 -1.44 19.74 7.76
N GLY A 31 -1.78 20.91 7.24
CA GLY A 31 -0.80 21.75 6.55
C GLY A 31 0.17 20.89 5.74
N SER A 32 -0.40 20.08 4.86
CA SER A 32 0.39 19.20 4.03
C SER A 32 -0.52 18.24 3.25
N THR A 33 -0.63 18.49 1.96
CA THR A 33 -1.46 17.67 1.10
C THR A 33 -0.65 16.49 0.54
N TYR A 34 -1.11 15.30 0.85
CA TYR A 34 -0.45 14.09 0.40
C TYR A 34 -1.07 13.58 -0.90
N LYS A 35 -0.43 13.91 -2.01
CA LYS A 35 -0.92 13.49 -3.31
C LYS A 35 -0.35 12.11 -3.64
N LYS A 36 -1.21 11.26 -4.19
CA LYS A 36 -0.80 9.92 -4.55
C LYS A 36 -0.79 9.04 -3.30
N THR A 37 -1.85 9.16 -2.52
CA THR A 37 -1.96 8.38 -1.30
C THR A 37 -3.42 7.96 -1.06
N PHE A 38 -3.58 6.81 -0.45
CA PHE A 38 -4.91 6.28 -0.16
C PHE A 38 -5.06 5.95 1.32
N LEU A 39 -6.17 6.38 1.89
CA LEU A 39 -6.45 6.13 3.29
C LEU A 39 -6.15 4.67 3.61
N GLY A 40 -5.95 4.41 4.89
CA GLY A 40 -5.66 3.06 5.34
C GLY A 40 -6.91 2.18 5.27
N SER A 41 -8.05 2.81 5.44
CA SER A 41 -9.32 2.09 5.40
C SER A 41 -9.67 1.75 3.96
N SER A 42 -9.35 2.66 3.06
CA SER A 42 -9.63 2.47 1.64
C SER A 42 -9.01 1.14 1.18
N LEU A 43 -7.75 0.95 1.54
CA LEU A 43 -7.04 -0.26 1.16
C LEU A 43 -7.78 -1.48 1.73
N VAL A 44 -7.94 -1.47 3.05
CA VAL A 44 -8.61 -2.56 3.72
C VAL A 44 -9.89 -2.92 2.95
N ASP A 45 -10.86 -2.02 3.04
CA ASP A 45 -12.13 -2.23 2.36
C ASP A 45 -11.86 -2.73 0.94
N TRP A 46 -10.95 -2.04 0.25
CA TRP A 46 -10.60 -2.39 -1.10
C TRP A 46 -10.22 -3.87 -1.12
N LEU A 47 -9.10 -4.17 -0.45
CA LEU A 47 -8.62 -5.54 -0.38
C LEU A 47 -9.81 -6.50 -0.25
N ILE A 48 -10.64 -6.21 0.75
CA ILE A 48 -11.82 -7.03 0.99
C ILE A 48 -12.68 -7.06 -0.26
N SER A 49 -13.05 -5.88 -0.73
CA SER A 49 -13.88 -5.76 -1.92
C SER A 49 -13.25 -6.52 -3.07
N SER A 50 -11.92 -6.51 -3.10
CA SER A 50 -11.18 -7.19 -4.14
C SER A 50 -11.20 -8.70 -3.89
N ASN A 51 -11.78 -9.08 -2.75
CA ASN A 51 -11.86 -10.48 -2.39
C ASN A 51 -10.48 -10.97 -1.96
N PHE A 52 -9.63 -10.02 -1.60
CA PHE A 52 -8.28 -10.35 -1.17
C PHE A 52 -8.22 -10.55 0.35
N ALA A 53 -9.25 -10.05 1.02
CA ALA A 53 -9.33 -10.17 2.46
C ALA A 53 -10.73 -10.61 2.86
N ALA A 54 -10.81 -11.27 4.01
CA ALA A 54 -12.08 -11.76 4.51
C ALA A 54 -12.72 -10.69 5.39
N SER A 55 -11.89 -10.09 6.24
CA SER A 55 -12.36 -9.05 7.15
C SER A 55 -11.32 -7.94 7.24
N ARG A 56 -11.77 -6.80 7.74
CA ARG A 56 -10.89 -5.65 7.89
C ARG A 56 -9.50 -6.09 8.36
N LEU A 57 -9.50 -7.16 9.15
CA LEU A 57 -8.25 -7.69 9.68
C LEU A 57 -7.38 -8.18 8.52
N GLU A 58 -7.87 -9.22 7.85
CA GLU A 58 -7.15 -9.79 6.73
C GLU A 58 -6.61 -8.69 5.82
N ALA A 59 -7.44 -7.68 5.62
CA ALA A 59 -7.06 -6.56 4.78
C ALA A 59 -5.88 -5.82 5.43
N VAL A 60 -5.98 -5.65 6.74
CA VAL A 60 -4.93 -4.97 7.49
C VAL A 60 -3.61 -5.72 7.30
N THR A 61 -3.69 -7.03 7.36
CA THR A 61 -2.52 -7.87 7.21
C THR A 61 -2.04 -7.85 5.75
N LEU A 62 -3.00 -7.97 4.84
CA LEU A 62 -2.69 -7.98 3.42
C LEU A 62 -1.97 -6.67 3.06
N ALA A 63 -2.30 -5.62 3.81
CA ALA A 63 -1.69 -4.33 3.58
C ALA A 63 -0.23 -4.37 4.03
N SER A 64 -0.05 -4.68 5.31
CA SER A 64 1.28 -4.75 5.88
C SER A 64 2.17 -5.66 5.02
N MET A 65 1.52 -6.61 4.36
CA MET A 65 2.24 -7.54 3.50
C MET A 65 2.81 -6.83 2.27
N LEU A 66 2.00 -5.96 1.70
CA LEU A 66 2.40 -5.22 0.52
C LEU A 66 3.56 -4.29 0.89
N MET A 67 3.39 -3.56 1.98
CA MET A 67 4.40 -2.65 2.45
C MET A 67 5.75 -3.35 2.61
N GLU A 68 5.70 -4.56 3.15
CA GLU A 68 6.90 -5.35 3.36
C GLU A 68 7.54 -5.70 2.01
N GLU A 69 6.70 -6.16 1.10
CA GLU A 69 7.17 -6.54 -0.22
C GLU A 69 7.81 -5.34 -0.92
N ASN A 70 7.59 -4.17 -0.33
CA ASN A 70 8.13 -2.94 -0.89
C ASN A 70 7.17 -2.39 -1.95
N PHE A 71 5.89 -2.61 -1.71
CA PHE A 71 4.87 -2.15 -2.64
C PHE A 71 4.21 -0.88 -2.13
N LEU A 72 4.30 -0.67 -0.82
CA LEU A 72 3.71 0.49 -0.19
C LEU A 72 4.52 0.86 1.05
N ARG A 73 4.18 2.00 1.64
CA ARG A 73 4.86 2.47 2.83
C ARG A 73 3.90 3.30 3.70
N PRO A 74 4.15 3.24 5.03
CA PRO A 74 3.33 3.97 5.97
C PRO A 74 3.65 5.46 5.94
N VAL A 75 2.74 6.22 5.33
CA VAL A 75 2.91 7.66 5.21
C VAL A 75 2.77 8.29 6.59
N GLY A 76 3.22 9.54 6.69
CA GLY A 76 3.14 10.26 7.94
C GLY A 76 1.73 10.18 8.54
N VAL A 77 0.99 11.28 8.37
CA VAL A 77 -0.37 11.35 8.88
C VAL A 77 -0.43 10.64 10.24
N ARG A 78 -1.56 10.00 10.48
CA ARG A 78 -1.77 9.28 11.72
C ARG A 78 -0.79 8.11 11.83
N SER A 79 -0.73 7.34 10.76
CA SER A 79 0.16 6.19 10.72
C SER A 79 1.60 6.62 11.05
N MET A 80 2.53 5.72 10.77
CA MET A 80 3.93 5.99 11.04
C MET A 80 4.18 6.20 12.53
N GLY A 81 3.78 5.21 13.31
CA GLY A 81 3.95 5.29 14.76
C GLY A 81 5.16 4.46 15.20
N ALA A 82 4.94 3.16 15.30
CA ALA A 82 5.99 2.25 15.71
C ALA A 82 6.15 1.15 14.66
N ILE A 83 6.10 1.56 13.40
CA ILE A 83 6.24 0.63 12.30
C ILE A 83 7.65 0.03 12.32
N ARG A 84 7.74 -1.21 11.84
CA ARG A 84 9.02 -1.90 11.80
C ARG A 84 9.09 -2.80 10.55
N SER A 85 9.59 -2.22 9.48
CA SER A 85 9.72 -2.95 8.23
C SER A 85 10.83 -3.99 8.35
N GLY A 86 10.57 -5.00 9.16
CA GLY A 86 11.54 -6.07 9.38
C GLY A 86 10.87 -7.30 9.99
N ASP A 87 10.00 -7.04 10.95
CA ASP A 87 9.29 -8.12 11.63
C ASP A 87 8.07 -8.52 10.80
N LEU A 88 7.46 -9.63 11.19
CA LEU A 88 6.29 -10.13 10.49
C LEU A 88 5.06 -9.32 10.92
N ALA A 89 5.27 -8.49 11.94
CA ALA A 89 4.20 -7.66 12.46
C ALA A 89 3.35 -7.14 11.30
N GLU A 90 2.11 -6.80 11.61
CA GLU A 90 1.19 -6.30 10.61
C GLU A 90 0.72 -4.89 10.99
N GLN A 91 1.69 -4.03 11.25
CA GLN A 91 1.38 -2.65 11.61
C GLN A 91 0.70 -1.93 10.45
N PHE A 92 -0.57 -1.64 10.64
CA PHE A 92 -1.35 -0.95 9.63
C PHE A 92 -2.77 -0.67 10.10
N LEU A 93 -3.04 0.60 10.37
CA LEU A 93 -4.35 1.01 10.83
C LEU A 93 -5.36 0.84 9.71
N ASP A 94 -6.63 0.86 10.08
CA ASP A 94 -7.71 0.70 9.12
C ASP A 94 -8.74 1.80 9.33
N ASP A 95 -8.33 3.02 9.01
CA ASP A 95 -9.22 4.17 9.16
C ASP A 95 -8.94 5.18 8.05
N SER A 96 -9.70 6.27 8.07
CA SER A 96 -9.54 7.30 7.07
C SER A 96 -8.22 8.04 7.28
N THR A 97 -7.97 8.39 8.54
CA THR A 97 -6.75 9.10 8.88
C THR A 97 -5.53 8.38 8.30
N ALA A 98 -5.25 7.22 8.86
CA ALA A 98 -4.12 6.42 8.40
C ALA A 98 -4.03 6.50 6.87
N LEU A 99 -2.82 6.73 6.40
CA LEU A 99 -2.58 6.83 4.96
C LEU A 99 -1.40 5.94 4.58
N TYR A 100 -1.34 5.61 3.29
CA TYR A 100 -0.27 4.77 2.79
C TYR A 100 -0.02 5.03 1.31
N THR A 101 1.26 5.10 0.96
CA THR A 101 1.64 5.34 -0.42
C THR A 101 2.43 4.15 -0.98
N PHE A 102 2.57 4.14 -2.29
CA PHE A 102 3.29 3.07 -2.96
C PHE A 102 4.81 3.27 -2.83
N ALA A 103 5.48 2.18 -2.51
CA ALA A 103 6.93 2.21 -2.35
C ALA A 103 7.59 2.13 -3.73
N GLU A 104 6.75 2.01 -4.74
CA GLU A 104 7.25 1.91 -6.11
C GLU A 104 8.65 1.30 -6.13
N SER A 105 8.68 -0.01 -6.22
CA SER A 105 9.95 -0.73 -6.25
C SER A 105 9.73 -2.17 -6.76
N TYR A 106 9.79 -2.30 -8.07
CA TYR A 106 9.61 -3.61 -8.70
C TYR A 106 10.09 -3.59 -10.15
N LYS A 107 10.15 -4.77 -10.73
CA LYS A 107 10.59 -4.92 -12.11
C LYS A 107 10.01 -3.77 -12.94
N LYS A 108 10.90 -2.97 -13.49
CA LYS A 108 10.49 -1.84 -14.31
C LYS A 108 11.72 -1.23 -14.99
N LYS A 109 11.63 -1.12 -16.31
CA LYS A 109 12.72 -0.55 -17.08
C LYS A 109 13.20 0.73 -16.42
N VAL A 110 14.47 0.71 -16.03
CA VAL A 110 15.07 1.87 -15.37
C VAL A 110 16.56 1.63 -15.18
N SER A 111 17.30 2.73 -15.09
CA SER A 111 18.74 2.65 -14.91
C SER A 111 19.07 2.25 -13.47
N SER A 112 18.94 0.95 -13.21
CA SER A 112 19.22 0.43 -11.89
C SER A 112 19.05 -1.10 -11.88
N LYS A 113 19.68 -1.73 -10.90
CA LYS A 113 19.61 -3.18 -10.78
C LYS A 113 19.03 -3.54 -9.40
N GLU A 114 18.52 -4.76 -9.31
CA GLU A 114 17.95 -5.23 -8.06
C GLU A 114 17.92 -6.76 -8.05
N SER A 115 17.25 -7.32 -9.04
CA SER A 115 17.13 -8.76 -9.15
C SER A 115 16.77 -9.15 -10.59
N GLY A 116 17.27 -10.31 -10.99
CA GLY A 116 17.00 -10.80 -12.33
C GLY A 116 15.97 -11.93 -12.32
N PRO A 117 14.73 -11.57 -12.76
CA PRO A 117 13.65 -12.53 -12.80
C PRO A 117 13.82 -13.52 -13.96
N SER A 118 12.96 -14.52 -13.97
CA SER A 118 13.01 -15.53 -15.02
C SER A 118 11.61 -15.76 -15.59
N SER A 119 11.52 -15.68 -16.91
CA SER A 119 10.26 -15.87 -17.59
C SER A 119 10.45 -16.77 -18.82
N GLY A 120 9.34 -17.19 -19.38
CA GLY A 120 9.37 -18.05 -20.55
C GLY A 120 9.42 -19.53 -20.15
N GLY A 1 6.37 -12.95 -12.25
CA GLY A 1 6.25 -13.75 -11.04
C GLY A 1 6.89 -15.13 -11.22
N SER A 2 7.21 -15.75 -10.10
CA SER A 2 7.83 -17.06 -10.12
C SER A 2 7.42 -17.86 -8.88
N SER A 3 7.66 -17.26 -7.73
CA SER A 3 7.31 -17.91 -6.47
C SER A 3 7.55 -16.94 -5.30
N GLY A 4 6.78 -17.14 -4.25
CA GLY A 4 6.90 -16.30 -3.07
C GLY A 4 5.61 -15.51 -2.82
N SER A 5 5.68 -14.22 -3.13
CA SER A 5 4.54 -13.35 -2.95
C SER A 5 3.75 -13.25 -4.26
N SER A 6 3.56 -14.41 -4.88
CA SER A 6 2.82 -14.47 -6.14
C SER A 6 1.45 -13.82 -5.97
N GLY A 7 0.82 -14.11 -4.84
CA GLY A 7 -0.49 -13.56 -4.55
C GLY A 7 -0.44 -12.03 -4.49
N LEU A 8 0.32 -11.53 -3.53
CA LEU A 8 0.47 -10.10 -3.35
C LEU A 8 0.67 -9.44 -4.72
N HIS A 9 1.22 -10.21 -5.64
CA HIS A 9 1.48 -9.72 -6.99
C HIS A 9 0.14 -9.34 -7.65
N ARG A 10 -0.71 -10.34 -7.79
CA ARG A 10 -2.01 -10.14 -8.40
C ARG A 10 -2.76 -9.01 -7.69
N ILE A 11 -2.34 -8.75 -6.46
CA ILE A 11 -2.97 -7.71 -5.66
C ILE A 11 -2.43 -6.35 -6.11
N VAL A 12 -1.12 -6.30 -6.32
CA VAL A 12 -0.47 -5.07 -6.75
C VAL A 12 -0.97 -4.70 -8.14
N ASP A 13 -0.93 -5.68 -9.03
CA ASP A 13 -1.38 -5.46 -10.40
C ASP A 13 -2.70 -4.70 -10.39
N LYS A 14 -3.58 -5.10 -9.47
CA LYS A 14 -4.88 -4.47 -9.35
C LYS A 14 -4.68 -3.01 -8.90
N MET A 15 -3.91 -2.86 -7.83
CA MET A 15 -3.65 -1.53 -7.29
C MET A 15 -3.08 -0.61 -8.37
N HIS A 16 -2.36 -1.20 -9.30
CA HIS A 16 -1.77 -0.44 -10.39
C HIS A 16 -2.86 0.16 -11.26
N ASP A 17 -4.02 -0.48 -11.23
CA ASP A 17 -5.16 -0.02 -12.01
C ASP A 17 -5.78 1.20 -11.31
N THR A 18 -6.49 1.99 -12.11
CA THR A 18 -7.14 3.17 -11.58
C THR A 18 -8.65 2.99 -11.55
N SER A 19 -9.10 1.93 -12.21
CA SER A 19 -10.52 1.63 -12.28
C SER A 19 -10.87 0.58 -11.22
N THR A 20 -10.30 -0.60 -11.39
CA THR A 20 -10.55 -1.69 -10.46
C THR A 20 -9.49 -1.70 -9.34
N GLY A 21 -8.53 -0.81 -9.49
CA GLY A 21 -7.46 -0.69 -8.51
C GLY A 21 -7.81 0.36 -7.45
N ILE A 22 -6.80 0.71 -6.66
CA ILE A 22 -6.99 1.70 -5.61
C ILE A 22 -7.10 3.08 -6.24
N ARG A 23 -7.28 4.08 -5.37
CA ARG A 23 -7.40 5.44 -5.83
C ARG A 23 -6.91 6.42 -4.75
N PRO A 24 -5.61 6.76 -4.84
CA PRO A 24 -5.01 7.67 -3.88
C PRO A 24 -5.45 9.12 -4.13
N SER A 25 -6.62 9.45 -3.59
CA SER A 25 -7.16 10.78 -3.76
C SER A 25 -6.88 11.63 -2.52
N PRO A 26 -6.27 12.82 -2.76
CA PRO A 26 -5.94 13.72 -1.67
C PRO A 26 -7.18 14.42 -1.13
N ASN A 27 -7.17 14.67 0.17
CA ASN A 27 -8.30 15.33 0.81
C ASN A 27 -7.90 15.72 2.24
N MET A 28 -6.63 16.07 2.40
CA MET A 28 -6.11 16.45 3.70
C MET A 28 -6.38 15.37 4.74
N GLU A 29 -5.73 15.53 5.89
CA GLU A 29 -5.88 14.57 6.97
C GLU A 29 -5.36 15.16 8.28
N GLN A 30 -4.13 15.65 8.22
CA GLN A 30 -3.50 16.24 9.39
C GLN A 30 -2.84 17.57 9.01
N GLY A 31 -1.78 17.47 8.22
CA GLY A 31 -1.06 18.65 7.79
C GLY A 31 -1.04 18.75 6.26
N SER A 32 -0.29 17.85 5.64
CA SER A 32 -0.18 17.83 4.19
C SER A 32 -1.48 17.30 3.58
N THR A 33 -1.50 17.26 2.25
CA THR A 33 -2.67 16.78 1.54
C THR A 33 -2.41 15.37 0.99
N TYR A 34 -1.14 15.00 0.96
CA TYR A 34 -0.76 13.68 0.48
C TYR A 34 -1.52 13.33 -0.80
N LYS A 35 -0.88 13.60 -1.93
CA LYS A 35 -1.48 13.31 -3.22
C LYS A 35 -1.52 11.81 -3.44
N LYS A 36 -0.38 11.27 -3.85
CA LYS A 36 -0.27 9.85 -4.10
C LYS A 36 -0.33 9.09 -2.77
N THR A 37 -1.52 9.12 -2.17
CA THR A 37 -1.73 8.44 -0.91
C THR A 37 -3.19 8.01 -0.77
N PHE A 38 -3.38 6.85 -0.17
CA PHE A 38 -4.72 6.32 0.03
C PHE A 38 -4.94 5.92 1.48
N LEU A 39 -6.03 6.43 2.04
CA LEU A 39 -6.38 6.14 3.43
C LEU A 39 -6.08 4.67 3.72
N GLY A 40 -5.74 4.41 4.98
CA GLY A 40 -5.43 3.06 5.40
C GLY A 40 -6.68 2.17 5.35
N SER A 41 -7.82 2.78 5.61
CA SER A 41 -9.08 2.06 5.59
C SER A 41 -9.46 1.71 4.15
N SER A 42 -9.12 2.63 3.24
CA SER A 42 -9.41 2.43 1.84
C SER A 42 -8.80 1.11 1.35
N LEU A 43 -7.52 0.95 1.64
CA LEU A 43 -6.81 -0.26 1.24
C LEU A 43 -7.52 -1.48 1.82
N VAL A 44 -7.82 -1.39 3.11
CA VAL A 44 -8.49 -2.48 3.80
C VAL A 44 -9.76 -2.84 3.04
N ASP A 45 -10.73 -1.93 3.08
CA ASP A 45 -11.99 -2.14 2.40
C ASP A 45 -11.73 -2.60 0.96
N TRP A 46 -10.66 -2.05 0.40
CA TRP A 46 -10.29 -2.39 -0.97
C TRP A 46 -9.91 -3.87 -1.01
N LEU A 47 -8.85 -4.19 -0.29
CA LEU A 47 -8.38 -5.58 -0.23
C LEU A 47 -9.59 -6.51 -0.16
N ILE A 48 -10.47 -6.22 0.78
CA ILE A 48 -11.66 -7.03 0.96
C ILE A 48 -12.47 -7.03 -0.33
N SER A 49 -12.83 -5.84 -0.77
CA SER A 49 -13.61 -5.70 -2.00
C SER A 49 -12.90 -6.42 -3.16
N SER A 50 -11.58 -6.48 -3.05
CA SER A 50 -10.77 -7.14 -4.07
C SER A 50 -10.78 -8.65 -3.85
N ASN A 51 -11.57 -9.07 -2.88
CA ASN A 51 -11.68 -10.48 -2.55
C ASN A 51 -10.31 -11.00 -2.09
N PHE A 52 -9.48 -10.06 -1.63
CA PHE A 52 -8.15 -10.41 -1.16
C PHE A 52 -8.15 -10.65 0.35
N ALA A 53 -9.23 -10.19 0.98
CA ALA A 53 -9.36 -10.34 2.43
C ALA A 53 -10.79 -10.81 2.75
N ALA A 54 -10.92 -11.41 3.93
CA ALA A 54 -12.22 -11.91 4.37
C ALA A 54 -12.84 -10.89 5.32
N SER A 55 -11.99 -10.27 6.13
CA SER A 55 -12.46 -9.28 7.08
C SER A 55 -11.45 -8.14 7.18
N ARG A 56 -11.92 -7.00 7.65
CA ARG A 56 -11.07 -5.83 7.81
C ARG A 56 -9.68 -6.24 8.29
N LEU A 57 -9.67 -7.24 9.16
CA LEU A 57 -8.42 -7.74 9.70
C LEU A 57 -7.53 -8.22 8.55
N GLU A 58 -7.96 -9.29 7.92
CA GLU A 58 -7.22 -9.86 6.81
C GLU A 58 -6.69 -8.75 5.89
N ALA A 59 -7.56 -7.78 5.64
CA ALA A 59 -7.20 -6.66 4.79
C ALA A 59 -6.07 -5.87 5.44
N VAL A 60 -6.20 -5.67 6.75
CA VAL A 60 -5.20 -4.94 7.51
C VAL A 60 -3.85 -5.65 7.39
N THR A 61 -3.91 -6.97 7.45
CA THR A 61 -2.71 -7.78 7.35
C THR A 61 -2.20 -7.80 5.91
N LEU A 62 -3.14 -7.92 4.98
CA LEU A 62 -2.80 -7.95 3.57
C LEU A 62 -2.11 -6.65 3.18
N ALA A 63 -2.46 -5.59 3.91
CA ALA A 63 -1.88 -4.28 3.65
C ALA A 63 -0.40 -4.31 4.02
N SER A 64 -0.14 -4.58 5.29
CA SER A 64 1.22 -4.64 5.79
C SER A 64 2.06 -5.56 4.90
N MET A 65 1.41 -6.60 4.41
CA MET A 65 2.07 -7.57 3.55
C MET A 65 2.60 -6.91 2.28
N LEU A 66 1.82 -5.96 1.78
CA LEU A 66 2.19 -5.25 0.56
C LEU A 66 3.34 -4.29 0.88
N MET A 67 3.20 -3.58 1.99
CA MET A 67 4.21 -2.63 2.42
C MET A 67 5.56 -3.32 2.61
N GLU A 68 5.51 -4.55 3.09
CA GLU A 68 6.71 -5.33 3.32
C GLU A 68 7.37 -5.70 1.98
N GLU A 69 6.54 -6.15 1.07
CA GLU A 69 7.01 -6.55 -0.25
C GLU A 69 7.65 -5.34 -0.96
N ASN A 70 7.45 -4.18 -0.37
CA ASN A 70 8.00 -2.95 -0.93
C ASN A 70 7.03 -2.40 -1.98
N PHE A 71 5.77 -2.77 -1.84
CA PHE A 71 4.75 -2.33 -2.77
C PHE A 71 4.11 -1.01 -2.30
N LEU A 72 4.10 -0.84 -0.99
CA LEU A 72 3.53 0.36 -0.40
C LEU A 72 4.36 0.76 0.83
N ARG A 73 4.03 1.92 1.38
CA ARG A 73 4.72 2.43 2.55
C ARG A 73 3.82 3.38 3.33
N PRO A 74 4.12 3.49 4.65
CA PRO A 74 3.35 4.36 5.53
C PRO A 74 3.69 5.83 5.27
N VAL A 75 2.64 6.65 5.20
CA VAL A 75 2.81 8.07 4.96
C VAL A 75 2.12 8.85 6.08
N GLY A 76 2.38 10.15 6.11
CA GLY A 76 1.79 11.02 7.11
C GLY A 76 2.49 10.84 8.47
N VAL A 77 1.68 10.52 9.48
CA VAL A 77 2.20 10.32 10.81
C VAL A 77 1.71 8.99 11.36
N ARG A 78 0.42 8.73 11.13
CA ARG A 78 -0.19 7.49 11.59
C ARG A 78 0.47 6.29 10.91
N SER A 79 0.52 5.19 11.64
CA SER A 79 1.11 3.98 11.13
C SER A 79 2.62 3.98 11.37
N MET A 80 3.23 5.11 11.07
CA MET A 80 4.67 5.27 11.24
C MET A 80 5.06 5.04 12.71
N GLY A 81 5.47 3.82 13.00
CA GLY A 81 5.88 3.46 14.35
C GLY A 81 7.21 2.70 14.34
N ALA A 82 8.22 3.33 13.76
CA ALA A 82 9.52 2.72 13.66
C ALA A 82 9.57 1.79 12.46
N ILE A 83 8.41 1.60 11.84
CA ILE A 83 8.31 0.74 10.68
C ILE A 83 9.09 -0.56 10.93
N ARG A 84 9.28 -1.31 9.86
CA ARG A 84 10.01 -2.56 9.96
C ARG A 84 10.51 -2.99 8.57
N SER A 85 11.77 -3.38 8.54
CA SER A 85 12.38 -3.82 7.29
C SER A 85 12.83 -5.28 7.41
N GLY A 86 11.92 -6.11 7.89
CA GLY A 86 12.19 -7.52 8.07
C GLY A 86 10.94 -8.29 8.51
N ASP A 87 10.82 -8.44 9.81
CA ASP A 87 9.68 -9.15 10.38
C ASP A 87 8.41 -8.76 9.60
N LEU A 88 7.67 -9.78 9.21
CA LEU A 88 6.44 -9.57 8.46
C LEU A 88 5.51 -8.66 9.27
N ALA A 89 5.19 -9.11 10.47
CA ALA A 89 4.31 -8.35 11.35
C ALA A 89 3.09 -7.88 10.56
N GLU A 90 2.32 -7.00 11.19
CA GLU A 90 1.13 -6.47 10.55
C GLU A 90 1.12 -4.94 10.64
N GLN A 91 2.31 -4.38 10.81
CA GLN A 91 2.45 -2.94 10.92
C GLN A 91 1.52 -2.24 9.93
N PHE A 92 0.35 -1.85 10.44
CA PHE A 92 -0.63 -1.18 9.61
C PHE A 92 -1.86 -0.80 10.42
N LEU A 93 -2.65 0.11 9.88
CA LEU A 93 -3.86 0.57 10.54
C LEU A 93 -5.02 0.55 9.55
N ASP A 94 -6.21 0.77 10.08
CA ASP A 94 -7.41 0.78 9.25
C ASP A 94 -8.26 2.00 9.62
N ASP A 95 -7.73 3.17 9.30
CA ASP A 95 -8.44 4.41 9.58
C ASP A 95 -8.37 5.32 8.36
N SER A 96 -8.79 6.57 8.57
CA SER A 96 -8.77 7.55 7.50
C SER A 96 -7.59 8.49 7.68
N THR A 97 -6.65 8.07 8.51
CA THR A 97 -5.46 8.87 8.77
C THR A 97 -4.21 8.11 8.33
N ALA A 98 -4.24 6.80 8.55
CA ALA A 98 -3.12 5.95 8.18
C ALA A 98 -2.97 5.93 6.66
N LEU A 99 -2.28 6.93 6.14
CA LEU A 99 -2.07 7.04 4.71
C LEU A 99 -1.05 5.98 4.28
N TYR A 100 -0.93 5.82 2.97
CA TYR A 100 -0.02 4.85 2.41
C TYR A 100 0.22 5.10 0.92
N THR A 101 1.47 4.99 0.52
CA THR A 101 1.84 5.20 -0.87
C THR A 101 2.63 4.01 -1.41
N PHE A 102 2.71 3.94 -2.72
CA PHE A 102 3.44 2.85 -3.37
C PHE A 102 4.95 3.03 -3.23
N ALA A 103 5.61 1.95 -2.84
CA ALA A 103 7.05 1.98 -2.67
C ALA A 103 7.73 1.93 -4.04
N GLU A 104 8.84 2.64 -4.15
CA GLU A 104 9.58 2.69 -5.38
C GLU A 104 8.63 2.68 -6.59
N SER A 105 8.51 1.51 -7.21
CA SER A 105 7.64 1.36 -8.36
C SER A 105 8.01 0.08 -9.12
N TYR A 106 7.07 -0.85 -9.13
CA TYR A 106 7.28 -2.11 -9.81
C TYR A 106 7.67 -1.89 -11.27
N LYS A 107 7.71 -2.99 -12.02
CA LYS A 107 8.07 -2.92 -13.43
C LYS A 107 7.02 -2.08 -14.18
N LYS A 108 7.52 -1.22 -15.04
CA LYS A 108 6.64 -0.36 -15.82
C LYS A 108 7.49 0.46 -16.82
N LYS A 109 6.90 0.71 -17.97
CA LYS A 109 7.58 1.47 -19.01
C LYS A 109 7.71 2.92 -18.56
N VAL A 110 8.67 3.62 -19.17
CA VAL A 110 8.90 5.01 -18.84
C VAL A 110 7.63 5.82 -19.11
N SER A 111 6.88 6.05 -18.03
CA SER A 111 5.65 6.81 -18.14
C SER A 111 5.84 8.21 -17.58
N SER A 112 6.19 8.27 -16.29
CA SER A 112 6.40 9.54 -15.63
C SER A 112 5.10 10.34 -15.59
N LYS A 113 5.13 11.39 -14.79
CA LYS A 113 3.95 12.25 -14.66
C LYS A 113 3.94 13.27 -15.80
N GLU A 114 2.84 14.01 -15.87
CA GLU A 114 2.69 15.02 -16.91
C GLU A 114 3.97 15.82 -17.06
N SER A 115 4.28 16.17 -18.31
CA SER A 115 5.48 16.94 -18.60
C SER A 115 5.51 17.30 -20.08
N GLY A 116 6.44 18.19 -20.42
CA GLY A 116 6.59 18.63 -21.80
C GLY A 116 6.36 17.47 -22.77
N PRO A 117 5.10 17.42 -23.32
CA PRO A 117 4.75 16.37 -24.26
C PRO A 117 5.38 16.62 -25.63
N SER A 118 5.26 15.63 -26.50
CA SER A 118 5.81 15.73 -27.84
C SER A 118 5.19 14.66 -28.74
N SER A 119 5.08 15.00 -30.02
CA SER A 119 4.52 14.08 -30.99
C SER A 119 3.03 13.85 -30.69
N GLY A 120 2.21 14.77 -31.18
CA GLY A 120 0.78 14.69 -30.98
C GLY A 120 0.17 13.56 -31.81
N GLY A 1 8.34 -23.70 -11.46
CA GLY A 1 8.89 -22.84 -10.43
C GLY A 1 7.80 -21.99 -9.77
N SER A 2 7.95 -21.77 -8.48
CA SER A 2 6.99 -20.97 -7.74
C SER A 2 7.44 -20.85 -6.28
N SER A 3 7.80 -19.62 -5.91
CA SER A 3 8.24 -19.35 -4.55
C SER A 3 8.29 -17.85 -4.30
N GLY A 4 7.33 -17.38 -3.53
CA GLY A 4 7.25 -15.96 -3.20
C GLY A 4 5.81 -15.55 -2.89
N SER A 5 5.61 -14.25 -2.78
CA SER A 5 4.29 -13.72 -2.49
C SER A 5 3.23 -14.50 -3.25
N SER A 6 3.16 -14.24 -4.55
CA SER A 6 2.20 -14.91 -5.40
C SER A 6 0.86 -14.17 -5.36
N GLY A 7 0.41 -13.88 -4.15
CA GLY A 7 -0.84 -13.18 -3.95
C GLY A 7 -0.64 -11.66 -3.99
N LEU A 8 0.36 -11.21 -3.25
CA LEU A 8 0.67 -9.79 -3.19
C LEU A 8 0.91 -9.27 -4.62
N HIS A 9 1.87 -9.89 -5.28
CA HIS A 9 2.21 -9.49 -6.64
C HIS A 9 0.93 -9.43 -7.49
N ARG A 10 -0.05 -10.22 -7.07
CA ARG A 10 -1.32 -10.27 -7.78
C ARG A 10 -2.23 -9.13 -7.31
N ILE A 11 -2.19 -8.88 -6.01
CA ILE A 11 -3.00 -7.84 -5.40
C ILE A 11 -2.56 -6.49 -5.96
N VAL A 12 -1.26 -6.24 -5.88
CA VAL A 12 -0.71 -4.99 -6.37
C VAL A 12 -1.12 -4.79 -7.83
N ASP A 13 -0.90 -5.83 -8.62
CA ASP A 13 -1.23 -5.78 -10.03
C ASP A 13 -2.58 -5.06 -10.21
N LYS A 14 -3.41 -5.18 -9.19
CA LYS A 14 -4.72 -4.55 -9.21
C LYS A 14 -4.60 -3.10 -8.75
N MET A 15 -3.99 -2.94 -7.58
CA MET A 15 -3.80 -1.61 -7.01
C MET A 15 -2.99 -0.73 -7.95
N HIS A 16 -2.26 -1.38 -8.84
CA HIS A 16 -1.44 -0.66 -9.80
C HIS A 16 -2.33 0.01 -10.84
N ASP A 17 -3.57 -0.46 -10.90
CA ASP A 17 -4.53 0.08 -11.85
C ASP A 17 -5.30 1.23 -11.18
N THR A 18 -5.89 2.07 -12.02
CA THR A 18 -6.66 3.20 -11.53
C THR A 18 -8.11 3.09 -11.99
N SER A 19 -8.40 2.02 -12.72
CA SER A 19 -9.74 1.80 -13.22
C SER A 19 -10.43 0.72 -12.37
N THR A 20 -9.71 -0.36 -12.12
CA THR A 20 -10.25 -1.45 -11.33
C THR A 20 -9.42 -1.64 -10.06
N GLY A 21 -8.47 -0.74 -9.88
CA GLY A 21 -7.60 -0.79 -8.70
C GLY A 21 -8.04 0.23 -7.66
N ILE A 22 -7.12 0.53 -6.75
CA ILE A 22 -7.39 1.49 -5.69
C ILE A 22 -7.42 2.89 -6.28
N ARG A 23 -7.70 3.87 -5.42
CA ARG A 23 -7.76 5.25 -5.84
C ARG A 23 -7.24 6.17 -4.73
N PRO A 24 -5.91 6.43 -4.78
CA PRO A 24 -5.27 7.29 -3.80
C PRO A 24 -5.61 8.75 -4.06
N SER A 25 -4.96 9.31 -5.07
CA SER A 25 -5.18 10.70 -5.42
C SER A 25 -4.73 11.61 -4.27
N PRO A 26 -3.83 12.56 -4.62
CA PRO A 26 -3.32 13.50 -3.63
C PRO A 26 -4.36 14.57 -3.30
N ASN A 27 -4.22 15.13 -2.11
CA ASN A 27 -5.14 16.16 -1.66
C ASN A 27 -4.76 16.59 -0.23
N MET A 28 -4.13 17.75 -0.14
CA MET A 28 -3.72 18.28 1.15
C MET A 28 -4.82 18.11 2.19
N GLU A 29 -4.55 17.27 3.17
CA GLU A 29 -5.52 17.01 4.23
C GLU A 29 -5.02 17.61 5.55
N GLN A 30 -4.74 18.90 5.52
CA GLN A 30 -4.25 19.59 6.70
C GLN A 30 -3.12 18.80 7.35
N GLY A 31 -2.11 18.50 6.54
CA GLY A 31 -0.96 17.76 7.03
C GLY A 31 0.18 17.77 6.00
N SER A 32 -0.12 17.23 4.84
CA SER A 32 0.86 17.17 3.76
C SER A 32 0.15 16.97 2.41
N THR A 33 0.95 17.01 1.36
CA THR A 33 0.43 16.83 0.01
C THR A 33 0.17 15.35 -0.27
N TYR A 34 1.06 14.51 0.25
CA TYR A 34 0.94 13.08 0.06
C TYR A 34 0.79 12.73 -1.42
N LYS A 35 1.92 12.38 -2.03
CA LYS A 35 1.93 12.03 -3.44
C LYS A 35 1.22 10.68 -3.62
N LYS A 36 0.07 10.73 -4.27
CA LYS A 36 -0.70 9.53 -4.52
C LYS A 36 -0.70 8.65 -3.25
N THR A 37 -1.71 8.89 -2.41
CA THR A 37 -1.83 8.14 -1.18
C THR A 37 -3.29 7.75 -0.94
N PHE A 38 -3.47 6.61 -0.27
CA PHE A 38 -4.80 6.11 0.02
C PHE A 38 -4.97 5.88 1.53
N LEU A 39 -6.19 6.08 1.99
CA LEU A 39 -6.51 5.89 3.40
C LEU A 39 -6.31 4.42 3.76
N GLY A 40 -5.98 4.20 5.03
CA GLY A 40 -5.76 2.85 5.53
C GLY A 40 -7.04 2.02 5.41
N SER A 41 -8.18 2.70 5.50
CA SER A 41 -9.46 2.03 5.41
C SER A 41 -9.76 1.68 3.95
N SER A 42 -9.28 2.54 3.06
CA SER A 42 -9.50 2.33 1.64
C SER A 42 -8.87 0.99 1.20
N LEU A 43 -7.57 0.89 1.44
CA LEU A 43 -6.85 -0.33 1.08
C LEU A 43 -7.58 -1.54 1.66
N VAL A 44 -7.90 -1.45 2.94
CA VAL A 44 -8.60 -2.53 3.61
C VAL A 44 -9.88 -2.87 2.84
N ASP A 45 -10.87 -2.03 3.02
CA ASP A 45 -12.15 -2.23 2.34
C ASP A 45 -11.90 -2.70 0.91
N TRP A 46 -10.88 -2.11 0.30
CA TRP A 46 -10.53 -2.45 -1.06
C TRP A 46 -10.15 -3.93 -1.09
N LEU A 47 -9.04 -4.25 -0.44
CA LEU A 47 -8.57 -5.62 -0.39
C LEU A 47 -9.76 -6.56 -0.22
N ILE A 48 -10.63 -6.20 0.71
CA ILE A 48 -11.81 -7.00 0.98
C ILE A 48 -12.67 -7.06 -0.28
N SER A 49 -13.12 -5.89 -0.71
CA SER A 49 -13.95 -5.79 -1.89
C SER A 49 -13.28 -6.50 -3.07
N SER A 50 -11.96 -6.47 -3.06
CA SER A 50 -11.19 -7.10 -4.12
C SER A 50 -11.22 -8.62 -3.95
N ASN A 51 -11.66 -9.05 -2.77
CA ASN A 51 -11.75 -10.47 -2.47
C ASN A 51 -10.37 -10.98 -2.01
N PHE A 52 -9.53 -10.03 -1.61
CA PHE A 52 -8.20 -10.37 -1.16
C PHE A 52 -8.17 -10.56 0.36
N ALA A 53 -9.23 -10.08 1.00
CA ALA A 53 -9.33 -10.18 2.45
C ALA A 53 -10.75 -10.62 2.81
N ALA A 54 -10.85 -11.28 3.97
CA ALA A 54 -12.13 -11.76 4.44
C ALA A 54 -12.78 -10.68 5.32
N SER A 55 -11.94 -10.00 6.07
CA SER A 55 -12.42 -8.94 6.95
C SER A 55 -11.38 -7.82 7.04
N ARG A 56 -11.78 -6.73 7.68
CA ARG A 56 -10.90 -5.58 7.84
C ARG A 56 -9.52 -6.04 8.32
N LEU A 57 -9.53 -7.08 9.14
CA LEU A 57 -8.29 -7.62 9.68
C LEU A 57 -7.41 -8.11 8.53
N GLU A 58 -7.87 -9.17 7.87
CA GLU A 58 -7.14 -9.74 6.77
C GLU A 58 -6.59 -8.63 5.86
N ALA A 59 -7.44 -7.63 5.63
CA ALA A 59 -7.05 -6.51 4.79
C ALA A 59 -5.89 -5.76 5.45
N VAL A 60 -6.01 -5.58 6.76
CA VAL A 60 -4.99 -4.88 7.51
C VAL A 60 -3.66 -5.63 7.36
N THR A 61 -3.74 -6.95 7.43
CA THR A 61 -2.56 -7.78 7.30
C THR A 61 -2.07 -7.80 5.85
N LEU A 62 -3.02 -7.91 4.94
CA LEU A 62 -2.71 -7.95 3.52
C LEU A 62 -2.00 -6.65 3.13
N ALA A 63 -2.32 -5.59 3.87
CA ALA A 63 -1.72 -4.30 3.61
C ALA A 63 -0.27 -4.30 4.10
N SER A 64 -0.11 -4.59 5.39
CA SER A 64 1.20 -4.63 5.99
C SER A 64 2.11 -5.56 5.19
N MET A 65 1.49 -6.49 4.47
CA MET A 65 2.23 -7.44 3.67
C MET A 65 2.79 -6.77 2.41
N LEU A 66 1.93 -6.02 1.74
CA LEU A 66 2.32 -5.33 0.53
C LEU A 66 3.48 -4.38 0.84
N MET A 67 3.35 -3.69 1.97
CA MET A 67 4.37 -2.75 2.40
C MET A 67 5.73 -3.44 2.55
N GLU A 68 5.68 -4.67 3.04
CA GLU A 68 6.88 -5.44 3.25
C GLU A 68 7.54 -5.76 1.90
N GLU A 69 6.71 -6.19 0.95
CA GLU A 69 7.21 -6.52 -0.38
C GLU A 69 7.81 -5.29 -1.04
N ASN A 70 7.57 -4.14 -0.43
CA ASN A 70 8.08 -2.89 -0.95
C ASN A 70 7.10 -2.33 -2.00
N PHE A 71 5.83 -2.65 -1.79
CA PHE A 71 4.79 -2.20 -2.70
C PHE A 71 4.13 -0.93 -2.19
N LEU A 72 4.16 -0.78 -0.86
CA LEU A 72 3.56 0.39 -0.24
C LEU A 72 4.40 0.78 0.98
N ARG A 73 4.12 1.98 1.49
CA ARG A 73 4.84 2.49 2.65
C ARG A 73 3.94 3.42 3.46
N PRO A 74 4.21 3.46 4.79
CA PRO A 74 3.44 4.31 5.68
C PRO A 74 3.84 5.77 5.53
N VAL A 75 2.84 6.65 5.70
CA VAL A 75 3.08 8.07 5.59
C VAL A 75 2.90 8.72 6.96
N GLY A 76 3.00 10.05 6.96
CA GLY A 76 2.86 10.80 8.20
C GLY A 76 1.51 10.52 8.86
N VAL A 77 1.09 11.45 9.70
CA VAL A 77 -0.17 11.31 10.41
C VAL A 77 -0.25 9.91 11.02
N ARG A 78 -1.48 9.43 11.19
CA ARG A 78 -1.70 8.12 11.77
C ARG A 78 -0.76 7.10 11.14
N SER A 79 -0.76 5.90 11.71
CA SER A 79 0.08 4.83 11.22
C SER A 79 1.50 4.99 11.75
N MET A 80 2.44 4.41 11.02
CA MET A 80 3.84 4.49 11.41
C MET A 80 4.03 4.06 12.87
N GLY A 81 3.63 2.82 13.15
CA GLY A 81 3.75 2.29 14.49
C GLY A 81 5.12 1.65 14.71
N ALA A 82 5.09 0.44 15.26
CA ALA A 82 6.32 -0.29 15.52
C ALA A 82 6.86 -0.86 14.20
N ILE A 83 6.09 -0.64 13.15
CA ILE A 83 6.48 -1.14 11.83
C ILE A 83 6.96 -2.59 11.95
N ARG A 84 8.01 -2.89 11.20
CA ARG A 84 8.57 -4.24 11.22
C ARG A 84 7.48 -5.27 10.92
N SER A 85 6.96 -5.19 9.71
CA SER A 85 5.91 -6.11 9.28
C SER A 85 6.48 -7.52 9.16
N GLY A 86 6.84 -8.07 10.31
CA GLY A 86 7.39 -9.42 10.35
C GLY A 86 6.29 -10.46 10.53
N ASP A 87 6.28 -11.07 11.70
CA ASP A 87 5.29 -12.09 12.02
C ASP A 87 3.89 -11.53 11.74
N LEU A 88 2.90 -12.34 12.07
CA LEU A 88 1.51 -11.93 11.86
C LEU A 88 1.35 -10.45 12.21
N ALA A 89 1.65 -10.14 13.47
CA ALA A 89 1.54 -8.77 13.94
C ALA A 89 0.19 -8.19 13.52
N GLU A 90 0.01 -6.92 13.81
CA GLU A 90 -1.22 -6.23 13.48
C GLU A 90 -0.93 -4.79 13.05
N GLN A 91 0.12 -4.65 12.25
CA GLN A 91 0.51 -3.33 11.76
C GLN A 91 -0.57 -2.76 10.85
N PHE A 92 -0.32 -1.55 10.38
CA PHE A 92 -1.27 -0.88 9.50
C PHE A 92 -2.60 -0.64 10.21
N LEU A 93 -3.23 0.48 9.87
CA LEU A 93 -4.50 0.83 10.45
C LEU A 93 -5.60 0.74 9.39
N ASP A 94 -6.84 0.77 9.86
CA ASP A 94 -7.98 0.68 8.96
C ASP A 94 -8.94 1.83 9.25
N ASP A 95 -8.51 3.03 8.92
CA ASP A 95 -9.31 4.21 9.14
C ASP A 95 -9.07 5.22 8.01
N SER A 96 -9.80 6.32 8.07
CA SER A 96 -9.68 7.36 7.07
C SER A 96 -8.38 8.16 7.30
N THR A 97 -7.94 8.15 8.54
CA THR A 97 -6.73 8.87 8.91
C THR A 97 -5.50 8.19 8.29
N ALA A 98 -5.25 6.97 8.76
CA ALA A 98 -4.11 6.20 8.28
C ALA A 98 -3.98 6.40 6.76
N LEU A 99 -2.75 6.65 6.33
CA LEU A 99 -2.48 6.87 4.93
C LEU A 99 -1.30 5.98 4.51
N TYR A 100 -1.11 5.89 3.20
CA TYR A 100 -0.03 5.09 2.65
C TYR A 100 0.24 5.46 1.19
N THR A 101 1.36 4.95 0.68
CA THR A 101 1.74 5.22 -0.68
C THR A 101 2.60 4.07 -1.23
N PHE A 102 2.73 4.05 -2.56
CA PHE A 102 3.52 3.02 -3.21
C PHE A 102 5.01 3.34 -3.14
N ALA A 103 5.79 2.32 -2.80
CA ALA A 103 7.23 2.48 -2.71
C ALA A 103 7.81 2.69 -4.10
N GLU A 104 9.03 3.23 -4.14
CA GLU A 104 9.70 3.48 -5.40
C GLU A 104 9.43 2.35 -6.39
N SER A 105 9.34 1.14 -5.84
CA SER A 105 9.08 -0.03 -6.67
C SER A 105 9.19 -1.30 -5.82
N TYR A 106 9.30 -2.43 -6.51
CA TYR A 106 9.42 -3.71 -5.84
C TYR A 106 10.62 -4.49 -6.35
N LYS A 107 10.76 -5.71 -5.85
CA LYS A 107 11.86 -6.57 -6.25
C LYS A 107 11.85 -6.72 -7.77
N LYS A 108 12.99 -7.18 -8.29
CA LYS A 108 13.13 -7.38 -9.72
C LYS A 108 13.05 -8.86 -10.04
N LYS A 109 11.98 -9.49 -9.56
CA LYS A 109 11.78 -10.91 -9.79
C LYS A 109 11.87 -11.20 -11.28
N VAL A 110 12.00 -12.49 -11.60
CA VAL A 110 12.08 -12.91 -12.98
C VAL A 110 10.69 -12.90 -13.61
N SER A 111 10.14 -11.70 -13.72
CA SER A 111 8.81 -11.54 -14.31
C SER A 111 8.49 -10.06 -14.44
N SER A 112 7.38 -9.79 -15.14
CA SER A 112 6.95 -8.42 -15.35
C SER A 112 5.55 -8.41 -15.97
N LYS A 113 4.98 -7.21 -16.04
CA LYS A 113 3.65 -7.05 -16.61
C LYS A 113 3.60 -5.75 -17.41
N GLU A 114 2.69 -5.72 -18.37
CA GLU A 114 2.53 -4.55 -19.22
C GLU A 114 1.23 -3.82 -18.87
N SER A 115 0.14 -4.56 -18.97
CA SER A 115 -1.18 -4.00 -18.68
C SER A 115 -2.27 -5.02 -19.00
N GLY A 116 -3.48 -4.69 -18.58
CA GLY A 116 -4.62 -5.57 -18.83
C GLY A 116 -5.60 -4.93 -19.82
N PRO A 117 -6.77 -5.60 -19.98
CA PRO A 117 -7.79 -5.11 -20.88
C PRO A 117 -8.53 -3.90 -20.28
N SER A 118 -9.50 -3.41 -21.04
CA SER A 118 -10.27 -2.27 -20.60
C SER A 118 -11.66 -2.72 -20.15
N SER A 119 -12.40 -1.78 -19.58
CA SER A 119 -13.75 -2.07 -19.10
C SER A 119 -14.72 -1.01 -19.62
N GLY A 120 -14.44 0.23 -19.28
CA GLY A 120 -15.28 1.34 -19.70
C GLY A 120 -14.48 2.34 -20.55
N GLY A 1 2.01 -19.38 -9.60
CA GLY A 1 2.81 -18.59 -8.68
C GLY A 1 4.29 -18.96 -8.79
N SER A 2 5.11 -18.22 -8.05
CA SER A 2 6.54 -18.46 -8.07
C SER A 2 7.23 -17.53 -7.06
N SER A 3 8.28 -18.06 -6.45
CA SER A 3 9.03 -17.29 -5.47
C SER A 3 8.14 -16.92 -4.29
N GLY A 4 8.77 -16.61 -3.17
CA GLY A 4 8.04 -16.24 -1.97
C GLY A 4 7.19 -14.99 -2.20
N SER A 5 6.06 -14.93 -1.52
CA SER A 5 5.16 -13.81 -1.65
C SER A 5 4.96 -13.46 -3.12
N SER A 6 4.14 -14.27 -3.78
CA SER A 6 3.85 -14.05 -5.19
C SER A 6 2.43 -13.51 -5.37
N GLY A 7 1.51 -14.12 -4.65
CA GLY A 7 0.12 -13.70 -4.71
C GLY A 7 0.00 -12.17 -4.62
N LEU A 8 0.64 -11.62 -3.60
CA LEU A 8 0.61 -10.19 -3.40
C LEU A 8 0.84 -9.48 -4.72
N HIS A 9 1.62 -10.13 -5.58
CA HIS A 9 1.91 -9.57 -6.89
C HIS A 9 0.60 -9.31 -7.65
N ARG A 10 -0.28 -10.29 -7.59
CA ARG A 10 -1.56 -10.18 -8.26
C ARG A 10 -2.39 -9.04 -7.66
N ILE A 11 -2.03 -8.69 -6.43
CA ILE A 11 -2.72 -7.62 -5.73
C ILE A 11 -2.17 -6.27 -6.19
N VAL A 12 -0.85 -6.23 -6.34
CA VAL A 12 -0.19 -5.00 -6.76
C VAL A 12 -0.70 -4.62 -8.15
N ASP A 13 -0.81 -5.62 -9.01
CA ASP A 13 -1.28 -5.40 -10.36
C ASP A 13 -2.61 -4.64 -10.33
N LYS A 14 -3.54 -5.18 -9.55
CA LYS A 14 -4.85 -4.56 -9.41
C LYS A 14 -4.68 -3.12 -8.95
N MET A 15 -3.90 -2.96 -7.88
CA MET A 15 -3.66 -1.64 -7.33
C MET A 15 -3.11 -0.69 -8.40
N HIS A 16 -2.22 -1.21 -9.22
CA HIS A 16 -1.61 -0.43 -10.28
C HIS A 16 -2.72 0.19 -11.15
N ASP A 17 -3.81 -0.56 -11.28
CA ASP A 17 -4.94 -0.10 -12.07
C ASP A 17 -5.63 1.06 -11.35
N THR A 18 -6.47 1.77 -12.09
CA THR A 18 -7.20 2.89 -11.53
C THR A 18 -8.70 2.60 -11.53
N SER A 19 -9.13 1.83 -12.51
CA SER A 19 -10.53 1.48 -12.63
C SER A 19 -10.90 0.44 -11.57
N THR A 20 -10.20 -0.68 -11.61
CA THR A 20 -10.45 -1.75 -10.65
C THR A 20 -9.43 -1.69 -9.50
N GLY A 21 -8.38 -0.90 -9.73
CA GLY A 21 -7.35 -0.74 -8.72
C GLY A 21 -7.78 0.24 -7.64
N ILE A 22 -6.82 0.58 -6.78
CA ILE A 22 -7.09 1.51 -5.69
C ILE A 22 -7.28 2.91 -6.27
N ARG A 23 -7.50 3.86 -5.36
CA ARG A 23 -7.70 5.25 -5.76
C ARG A 23 -7.26 6.18 -4.64
N PRO A 24 -5.97 6.61 -4.70
CA PRO A 24 -5.43 7.51 -3.71
C PRO A 24 -5.95 8.94 -3.91
N SER A 25 -6.41 9.53 -2.81
CA SER A 25 -6.94 10.88 -2.85
C SER A 25 -6.16 11.78 -1.88
N PRO A 26 -6.24 13.10 -2.14
CA PRO A 26 -5.56 14.06 -1.29
C PRO A 26 -6.29 14.24 0.05
N ASN A 27 -5.55 14.71 1.04
CA ASN A 27 -6.11 14.93 2.36
C ASN A 27 -5.04 15.52 3.27
N MET A 28 -5.09 16.83 3.43
CA MET A 28 -4.12 17.53 4.26
C MET A 28 -4.11 16.94 5.68
N GLU A 29 -2.91 16.86 6.25
CA GLU A 29 -2.75 16.34 7.59
C GLU A 29 -1.71 17.14 8.36
N GLN A 30 -0.53 17.23 7.76
CA GLN A 30 0.57 17.96 8.39
C GLN A 30 1.03 19.09 7.47
N GLY A 31 1.47 18.71 6.28
CA GLY A 31 1.94 19.67 5.30
C GLY A 31 1.77 19.15 3.88
N SER A 32 2.83 18.52 3.39
CA SER A 32 2.80 17.96 2.05
C SER A 32 1.44 17.32 1.76
N THR A 33 0.73 17.92 0.83
CA THR A 33 -0.60 17.42 0.45
C THR A 33 -0.47 16.12 -0.34
N TYR A 34 -0.54 15.01 0.38
CA TYR A 34 -0.44 13.70 -0.23
C TYR A 34 -1.65 13.41 -1.13
N LYS A 35 -1.52 13.77 -2.39
CA LYS A 35 -2.60 13.57 -3.35
C LYS A 35 -2.42 12.20 -4.01
N LYS A 36 -1.26 11.62 -3.78
CA LYS A 36 -0.95 10.30 -4.35
C LYS A 36 -0.84 9.28 -3.22
N THR A 37 -1.86 9.26 -2.38
CA THR A 37 -1.89 8.33 -1.25
C THR A 37 -3.33 7.91 -0.95
N PHE A 38 -3.44 6.73 -0.35
CA PHE A 38 -4.75 6.20 0.00
C PHE A 38 -4.84 5.90 1.50
N LEU A 39 -6.01 6.19 2.05
CA LEU A 39 -6.23 5.96 3.47
C LEU A 39 -6.11 4.46 3.76
N GLY A 40 -5.65 4.17 4.96
CA GLY A 40 -5.49 2.78 5.38
C GLY A 40 -6.80 2.01 5.25
N SER A 41 -7.89 2.70 5.55
CA SER A 41 -9.21 2.10 5.47
C SER A 41 -9.56 1.80 4.00
N SER A 42 -9.13 2.70 3.13
CA SER A 42 -9.39 2.54 1.71
C SER A 42 -8.78 1.22 1.21
N LEU A 43 -7.53 1.02 1.57
CA LEU A 43 -6.82 -0.18 1.16
C LEU A 43 -7.54 -1.41 1.72
N VAL A 44 -7.75 -1.38 3.03
CA VAL A 44 -8.43 -2.48 3.70
C VAL A 44 -9.69 -2.84 2.92
N ASP A 45 -10.66 -1.94 2.97
CA ASP A 45 -11.92 -2.16 2.28
C ASP A 45 -11.64 -2.65 0.86
N TRP A 46 -10.71 -1.97 0.21
CA TRP A 46 -10.33 -2.33 -1.16
C TRP A 46 -9.96 -3.82 -1.17
N LEU A 47 -8.92 -4.14 -0.40
CA LEU A 47 -8.45 -5.51 -0.31
C LEU A 47 -9.66 -6.45 -0.19
N ILE A 48 -10.50 -6.16 0.78
CA ILE A 48 -11.69 -6.97 1.02
C ILE A 48 -12.53 -7.02 -0.27
N SER A 49 -12.92 -5.83 -0.72
CA SER A 49 -13.72 -5.72 -1.92
C SER A 49 -13.03 -6.44 -3.08
N SER A 50 -11.71 -6.50 -2.98
CA SER A 50 -10.91 -7.14 -4.01
C SER A 50 -10.88 -8.66 -3.77
N ASN A 51 -11.68 -9.09 -2.82
CA ASN A 51 -11.76 -10.50 -2.49
C ASN A 51 -10.37 -10.98 -2.01
N PHE A 52 -9.55 -10.02 -1.63
CA PHE A 52 -8.21 -10.32 -1.16
C PHE A 52 -8.20 -10.52 0.35
N ALA A 53 -9.25 -10.04 0.99
CA ALA A 53 -9.38 -10.16 2.44
C ALA A 53 -10.79 -10.62 2.79
N ALA A 54 -10.89 -11.29 3.93
CA ALA A 54 -12.18 -11.79 4.38
C ALA A 54 -12.80 -10.76 5.34
N SER A 55 -11.95 -10.14 6.14
CA SER A 55 -12.41 -9.15 7.10
C SER A 55 -11.39 -8.02 7.19
N ARG A 56 -11.85 -6.89 7.71
CA ARG A 56 -10.99 -5.72 7.86
C ARG A 56 -9.59 -6.15 8.31
N LEU A 57 -9.57 -7.14 9.20
CA LEU A 57 -8.31 -7.65 9.73
C LEU A 57 -7.45 -8.14 8.56
N GLU A 58 -7.92 -9.20 7.91
CA GLU A 58 -7.20 -9.77 6.79
C GLU A 58 -6.62 -8.66 5.91
N ALA A 59 -7.46 -7.66 5.64
CA ALA A 59 -7.06 -6.54 4.81
C ALA A 59 -5.88 -5.83 5.47
N VAL A 60 -6.01 -5.62 6.77
CA VAL A 60 -4.97 -4.95 7.53
C VAL A 60 -3.66 -5.73 7.39
N THR A 61 -3.78 -7.05 7.43
CA THR A 61 -2.62 -7.91 7.30
C THR A 61 -2.10 -7.91 5.85
N LEU A 62 -3.04 -7.94 4.93
CA LEU A 62 -2.70 -7.93 3.51
C LEU A 62 -2.01 -6.62 3.16
N ALA A 63 -2.44 -5.56 3.83
CA ALA A 63 -1.88 -4.24 3.60
C ALA A 63 -0.41 -4.25 4.02
N SER A 64 -0.19 -4.51 5.29
CA SER A 64 1.15 -4.54 5.83
C SER A 64 2.05 -5.41 4.95
N MET A 65 1.54 -6.57 4.59
CA MET A 65 2.27 -7.50 3.75
C MET A 65 2.80 -6.79 2.50
N LEU A 66 1.91 -6.10 1.82
CA LEU A 66 2.27 -5.37 0.61
C LEU A 66 3.44 -4.43 0.93
N MET A 67 3.28 -3.68 2.01
CA MET A 67 4.30 -2.73 2.42
C MET A 67 5.65 -3.43 2.56
N GLU A 68 5.61 -4.65 3.06
CA GLU A 68 6.83 -5.43 3.26
C GLU A 68 7.48 -5.74 1.90
N GLU A 69 6.62 -6.11 0.95
CA GLU A 69 7.09 -6.44 -0.38
C GLU A 69 7.63 -5.18 -1.09
N ASN A 70 7.45 -4.06 -0.42
CA ASN A 70 7.91 -2.79 -0.97
C ASN A 70 6.88 -2.27 -1.97
N PHE A 71 5.66 -2.77 -1.84
CA PHE A 71 4.58 -2.37 -2.72
C PHE A 71 3.88 -1.12 -2.20
N LEU A 72 4.12 -0.83 -0.93
CA LEU A 72 3.52 0.34 -0.30
C LEU A 72 4.34 0.72 0.94
N ARG A 73 3.99 1.86 1.51
CA ARG A 73 4.67 2.34 2.70
C ARG A 73 3.74 3.22 3.53
N PRO A 74 4.07 3.32 4.85
CA PRO A 74 3.27 4.11 5.77
C PRO A 74 3.52 5.61 5.56
N VAL A 75 2.44 6.35 5.42
CA VAL A 75 2.53 7.79 5.22
C VAL A 75 1.84 8.51 6.38
N GLY A 76 2.26 9.75 6.59
CA GLY A 76 1.70 10.55 7.67
C GLY A 76 1.81 9.83 9.01
N VAL A 77 1.28 10.48 10.04
CA VAL A 77 1.33 9.91 11.37
C VAL A 77 0.33 8.75 11.46
N ARG A 78 0.07 8.33 12.69
CA ARG A 78 -0.86 7.23 12.92
C ARG A 78 -0.19 5.90 12.54
N SER A 79 0.21 5.81 11.28
CA SER A 79 0.86 4.61 10.79
C SER A 79 2.29 4.51 11.34
N MET A 80 2.98 5.64 11.27
CA MET A 80 4.35 5.69 11.75
C MET A 80 4.42 5.38 13.25
N GLY A 81 3.26 5.44 13.89
CA GLY A 81 3.18 5.16 15.32
C GLY A 81 3.82 3.81 15.64
N ALA A 82 5.10 3.87 16.00
CA ALA A 82 5.83 2.66 16.34
C ALA A 82 5.85 1.73 15.14
N ILE A 83 6.87 1.88 14.32
CA ILE A 83 7.03 1.06 13.13
C ILE A 83 7.90 -0.15 13.46
N ARG A 84 7.58 -1.27 12.82
CA ARG A 84 8.33 -2.49 13.03
C ARG A 84 9.82 -2.20 13.09
N SER A 85 10.54 -3.05 13.82
CA SER A 85 11.97 -2.90 13.96
C SER A 85 12.61 -4.25 14.32
N GLY A 86 12.25 -5.25 13.55
CA GLY A 86 12.78 -6.59 13.77
C GLY A 86 11.66 -7.64 13.72
N ASP A 87 11.01 -7.71 12.58
CA ASP A 87 9.91 -8.65 12.39
C ASP A 87 9.14 -8.28 11.12
N LEU A 88 8.66 -9.31 10.44
CA LEU A 88 7.91 -9.11 9.22
C LEU A 88 6.82 -8.06 9.46
N ALA A 89 6.25 -8.10 10.66
CA ALA A 89 5.21 -7.17 11.03
C ALA A 89 5.52 -5.79 10.42
N GLU A 90 4.46 -5.12 9.98
CA GLU A 90 4.60 -3.81 9.37
C GLU A 90 3.66 -2.81 10.05
N GLN A 91 3.11 -3.24 11.18
CA GLN A 91 2.21 -2.39 11.93
C GLN A 91 1.36 -1.54 10.98
N PHE A 92 0.20 -2.08 10.63
CA PHE A 92 -0.70 -1.39 9.73
C PHE A 92 -2.08 -1.23 10.35
N LEU A 93 -2.54 0.01 10.39
CA LEU A 93 -3.84 0.31 10.96
C LEU A 93 -4.89 0.31 9.85
N ASP A 94 -6.14 0.51 10.26
CA ASP A 94 -7.24 0.54 9.32
C ASP A 94 -8.16 1.72 9.64
N ASP A 95 -7.65 2.90 9.35
CA ASP A 95 -8.42 4.12 9.60
C ASP A 95 -8.16 5.12 8.47
N SER A 96 -8.97 6.17 8.46
CA SER A 96 -8.84 7.21 7.45
C SER A 96 -7.47 7.89 7.56
N THR A 97 -7.21 8.41 8.75
CA THR A 97 -5.95 9.09 9.00
C THR A 97 -4.78 8.29 8.41
N ALA A 98 -4.53 7.14 9.01
CA ALA A 98 -3.46 6.28 8.56
C ALA A 98 -3.42 6.28 7.03
N LEU A 99 -2.38 6.91 6.50
CA LEU A 99 -2.21 6.99 5.06
C LEU A 99 -1.17 5.97 4.61
N TYR A 100 -1.13 5.73 3.31
CA TYR A 100 -0.20 4.78 2.74
C TYR A 100 -0.02 5.02 1.24
N THR A 101 1.23 4.94 0.80
CA THR A 101 1.56 5.14 -0.60
C THR A 101 2.28 3.92 -1.16
N PHE A 102 2.55 3.97 -2.46
CA PHE A 102 3.23 2.88 -3.13
C PHE A 102 4.75 2.99 -2.94
N ALA A 103 5.34 1.86 -2.60
CA ALA A 103 6.78 1.81 -2.39
C ALA A 103 7.49 1.59 -3.73
N GLU A 104 8.62 2.25 -3.89
CA GLU A 104 9.39 2.14 -5.11
C GLU A 104 8.46 2.03 -6.32
N SER A 105 8.33 0.81 -6.83
CA SER A 105 7.49 0.56 -7.97
C SER A 105 7.78 -0.81 -8.56
N TYR A 106 6.74 -1.63 -8.64
CA TYR A 106 6.88 -2.97 -9.17
C TYR A 106 7.55 -2.95 -10.55
N LYS A 107 7.58 -4.12 -11.17
CA LYS A 107 8.19 -4.24 -12.49
C LYS A 107 7.39 -3.40 -13.49
N LYS A 108 8.13 -2.60 -14.24
CA LYS A 108 7.51 -1.73 -15.24
C LYS A 108 8.60 -1.08 -16.09
N LYS A 109 8.28 -0.86 -17.35
CA LYS A 109 9.22 -0.25 -18.28
C LYS A 109 9.15 1.28 -18.12
N VAL A 110 10.32 1.89 -18.08
CA VAL A 110 10.41 3.34 -17.95
C VAL A 110 9.82 3.75 -16.59
N SER A 111 10.71 4.12 -15.68
CA SER A 111 10.30 4.54 -14.36
C SER A 111 11.46 5.22 -13.64
N SER A 112 11.28 6.50 -13.36
CA SER A 112 12.29 7.27 -12.67
C SER A 112 11.78 8.68 -12.38
N LYS A 113 11.39 9.37 -13.44
CA LYS A 113 10.87 10.72 -13.31
C LYS A 113 12.00 11.65 -12.83
N GLU A 114 12.13 12.76 -13.53
CA GLU A 114 13.15 13.75 -13.18
C GLU A 114 12.67 15.16 -13.51
N SER A 115 13.37 16.13 -12.95
CA SER A 115 13.02 17.53 -13.16
C SER A 115 13.34 17.93 -14.60
N GLY A 116 12.34 18.51 -15.26
CA GLY A 116 12.51 18.94 -16.64
C GLY A 116 11.30 18.52 -17.49
N PRO A 117 11.51 17.42 -18.26
CA PRO A 117 10.45 16.91 -19.12
C PRO A 117 9.38 16.18 -18.31
N SER A 118 8.83 16.89 -17.34
CA SER A 118 7.79 16.32 -16.48
C SER A 118 6.77 17.40 -16.11
N SER A 119 5.51 17.00 -16.13
CA SER A 119 4.43 17.92 -15.80
C SER A 119 3.42 17.22 -14.88
N GLY A 120 2.93 17.98 -13.92
CA GLY A 120 1.96 17.45 -12.97
C GLY A 120 2.59 16.39 -12.07
N GLY A 1 8.68 -13.50 -13.39
CA GLY A 1 9.75 -13.89 -12.50
C GLY A 1 9.58 -13.27 -11.12
N SER A 2 9.35 -14.13 -10.14
CA SER A 2 9.16 -13.68 -8.77
C SER A 2 8.95 -14.88 -7.84
N SER A 3 9.60 -14.82 -6.69
CA SER A 3 9.50 -15.90 -5.72
C SER A 3 8.68 -15.43 -4.51
N GLY A 4 8.17 -16.40 -3.77
CA GLY A 4 7.37 -16.11 -2.60
C GLY A 4 6.25 -15.12 -2.93
N SER A 5 5.43 -14.85 -1.92
CA SER A 5 4.33 -13.93 -2.10
C SER A 5 3.67 -14.13 -3.46
N SER A 6 2.96 -15.25 -3.58
CA SER A 6 2.28 -15.58 -4.82
C SER A 6 0.87 -15.00 -4.82
N GLY A 7 0.80 -13.69 -4.67
CA GLY A 7 -0.48 -13.00 -4.65
C GLY A 7 -0.29 -11.48 -4.63
N LEU A 8 0.42 -11.03 -3.60
CA LEU A 8 0.68 -9.60 -3.45
C LEU A 8 0.93 -8.99 -4.83
N HIS A 9 1.58 -9.76 -5.68
CA HIS A 9 1.90 -9.31 -7.02
C HIS A 9 0.60 -9.01 -7.77
N ARG A 10 -0.26 -10.01 -7.84
CA ARG A 10 -1.53 -9.86 -8.51
C ARG A 10 -2.37 -8.76 -7.86
N ILE A 11 -2.05 -8.50 -6.60
CA ILE A 11 -2.75 -7.47 -5.85
C ILE A 11 -2.22 -6.09 -6.25
N VAL A 12 -0.91 -6.01 -6.39
CA VAL A 12 -0.26 -4.77 -6.76
C VAL A 12 -0.75 -4.35 -8.15
N ASP A 13 -0.83 -5.33 -9.03
CA ASP A 13 -1.28 -5.08 -10.39
C ASP A 13 -2.65 -4.40 -10.36
N LYS A 14 -3.56 -5.03 -9.65
CA LYS A 14 -4.91 -4.50 -9.52
C LYS A 14 -4.85 -3.04 -9.05
N MET A 15 -4.17 -2.86 -7.92
CA MET A 15 -4.02 -1.53 -7.35
C MET A 15 -3.55 -0.53 -8.41
N HIS A 16 -2.51 -0.93 -9.13
CA HIS A 16 -1.95 -0.08 -10.16
C HIS A 16 -3.08 0.50 -11.01
N ASP A 17 -4.12 -0.30 -11.21
CA ASP A 17 -5.25 0.12 -11.99
C ASP A 17 -6.03 1.19 -11.23
N THR A 18 -6.89 1.89 -11.95
CA THR A 18 -7.68 2.94 -11.36
C THR A 18 -9.17 2.56 -11.39
N SER A 19 -9.52 1.75 -12.37
CA SER A 19 -10.90 1.31 -12.51
C SER A 19 -11.26 0.37 -11.37
N THR A 20 -10.59 -0.76 -11.33
CA THR A 20 -10.84 -1.75 -10.29
C THR A 20 -9.76 -1.66 -9.21
N GLY A 21 -8.67 -1.00 -9.55
CA GLY A 21 -7.56 -0.85 -8.62
C GLY A 21 -7.94 0.12 -7.50
N ILE A 22 -6.90 0.66 -6.86
CA ILE A 22 -7.10 1.60 -5.77
C ILE A 22 -7.37 3.00 -6.34
N ARG A 23 -8.06 3.80 -5.55
CA ARG A 23 -8.39 5.16 -5.96
C ARG A 23 -7.91 6.16 -4.92
N PRO A 24 -6.64 6.61 -5.08
CA PRO A 24 -6.05 7.57 -4.16
C PRO A 24 -6.61 8.97 -4.40
N SER A 25 -6.85 9.68 -3.30
CA SER A 25 -7.39 11.02 -3.38
C SER A 25 -6.35 12.03 -2.87
N PRO A 26 -6.58 13.32 -3.22
CA PRO A 26 -5.68 14.39 -2.80
C PRO A 26 -5.87 14.72 -1.32
N ASN A 27 -7.11 14.64 -0.88
CA ASN A 27 -7.44 14.92 0.50
C ASN A 27 -6.34 14.34 1.41
N MET A 28 -5.43 15.22 1.81
CA MET A 28 -4.34 14.80 2.68
C MET A 28 -4.70 14.99 4.15
N GLU A 29 -3.71 14.75 5.00
CA GLU A 29 -3.92 14.89 6.44
C GLU A 29 -3.38 16.24 6.93
N GLN A 30 -2.12 16.48 6.60
CA GLN A 30 -1.47 17.72 7.00
C GLN A 30 -0.10 17.85 6.32
N GLY A 31 0.12 19.01 5.72
CA GLY A 31 1.37 19.29 5.04
C GLY A 31 1.22 19.08 3.53
N SER A 32 2.08 18.22 2.99
CA SER A 32 2.05 17.93 1.57
C SER A 32 0.74 17.23 1.20
N THR A 33 0.17 17.66 0.08
CA THR A 33 -1.07 17.08 -0.39
C THR A 33 -0.82 15.75 -1.11
N TYR A 34 -0.90 14.69 -0.33
CA TYR A 34 -0.68 13.35 -0.87
C TYR A 34 -1.78 12.98 -1.87
N LYS A 35 -1.42 13.03 -3.15
CA LYS A 35 -2.36 12.70 -4.20
C LYS A 35 -2.38 11.19 -4.40
N LYS A 36 -1.22 10.66 -4.76
CA LYS A 36 -1.09 9.23 -5.00
C LYS A 36 -1.01 8.50 -3.65
N THR A 37 -2.05 8.67 -2.85
CA THR A 37 -2.12 8.04 -1.55
C THR A 37 -3.55 7.64 -1.21
N PHE A 38 -3.67 6.52 -0.53
CA PHE A 38 -4.99 6.02 -0.14
C PHE A 38 -5.01 5.64 1.34
N LEU A 39 -5.95 6.24 2.05
CA LEU A 39 -6.09 5.99 3.48
C LEU A 39 -5.95 4.48 3.74
N GLY A 40 -5.59 4.16 4.97
CA GLY A 40 -5.43 2.76 5.35
C GLY A 40 -6.75 2.00 5.23
N SER A 41 -7.84 2.74 5.38
CA SER A 41 -9.16 2.15 5.30
C SER A 41 -9.50 1.82 3.84
N SER A 42 -9.12 2.73 2.96
CA SER A 42 -9.36 2.56 1.54
C SER A 42 -8.78 1.22 1.07
N LEU A 43 -7.54 0.98 1.49
CA LEU A 43 -6.86 -0.26 1.12
C LEU A 43 -7.62 -1.45 1.68
N VAL A 44 -7.77 -1.45 3.00
CA VAL A 44 -8.48 -2.53 3.67
C VAL A 44 -9.77 -2.85 2.90
N ASP A 45 -10.72 -1.94 3.00
CA ASP A 45 -11.99 -2.11 2.31
C ASP A 45 -11.75 -2.65 0.91
N TRP A 46 -10.90 -1.94 0.17
CA TRP A 46 -10.57 -2.34 -1.18
C TRP A 46 -10.25 -3.83 -1.17
N LEU A 47 -9.13 -4.16 -0.55
CA LEU A 47 -8.71 -5.55 -0.46
C LEU A 47 -9.93 -6.45 -0.31
N ILE A 48 -10.72 -6.17 0.72
CA ILE A 48 -11.92 -6.94 0.99
C ILE A 48 -12.81 -6.93 -0.25
N SER A 49 -13.10 -5.73 -0.72
CA SER A 49 -13.93 -5.57 -1.90
C SER A 49 -13.34 -6.35 -3.08
N SER A 50 -12.02 -6.40 -3.11
CA SER A 50 -11.32 -7.10 -4.16
C SER A 50 -11.34 -8.60 -3.90
N ASN A 51 -11.84 -8.96 -2.72
CA ASN A 51 -11.92 -10.35 -2.33
C ASN A 51 -10.54 -10.86 -1.91
N PHE A 52 -9.69 -9.89 -1.57
CA PHE A 52 -8.33 -10.22 -1.15
C PHE A 52 -8.27 -10.46 0.37
N ALA A 53 -9.29 -9.95 1.05
CA ALA A 53 -9.37 -10.11 2.49
C ALA A 53 -10.78 -10.50 2.89
N ALA A 54 -10.89 -11.20 4.01
CA ALA A 54 -12.17 -11.64 4.51
C ALA A 54 -12.77 -10.55 5.41
N SER A 55 -11.90 -9.98 6.24
CA SER A 55 -12.32 -8.94 7.15
C SER A 55 -11.28 -7.82 7.20
N ARG A 56 -11.68 -6.69 7.76
CA ARG A 56 -10.78 -5.56 7.88
C ARG A 56 -9.40 -6.01 8.35
N LEU A 57 -9.40 -7.03 9.20
CA LEU A 57 -8.17 -7.56 9.73
C LEU A 57 -7.32 -8.10 8.58
N GLU A 58 -7.83 -9.14 7.94
CA GLU A 58 -7.13 -9.75 6.82
C GLU A 58 -6.56 -8.68 5.90
N ALA A 59 -7.37 -7.66 5.65
CA ALA A 59 -6.95 -6.56 4.79
C ALA A 59 -5.76 -5.85 5.43
N VAL A 60 -5.86 -5.64 6.74
CA VAL A 60 -4.80 -4.97 7.47
C VAL A 60 -3.50 -5.76 7.31
N THR A 61 -3.64 -7.07 7.33
CA THR A 61 -2.48 -7.95 7.19
C THR A 61 -1.98 -7.95 5.74
N LEU A 62 -2.94 -7.97 4.82
CA LEU A 62 -2.62 -7.98 3.41
C LEU A 62 -1.87 -6.69 3.05
N ALA A 63 -2.19 -5.64 3.81
CA ALA A 63 -1.56 -4.35 3.59
C ALA A 63 -0.10 -4.41 4.03
N SER A 64 0.09 -4.73 5.30
CA SER A 64 1.43 -4.82 5.86
C SER A 64 2.29 -5.73 4.99
N MET A 65 1.65 -6.71 4.36
CA MET A 65 2.34 -7.65 3.50
C MET A 65 2.89 -6.94 2.26
N LEU A 66 2.07 -6.06 1.70
CA LEU A 66 2.47 -5.33 0.52
C LEU A 66 3.61 -4.37 0.88
N MET A 67 3.41 -3.65 1.97
CA MET A 67 4.42 -2.70 2.42
C MET A 67 5.78 -3.38 2.60
N GLU A 68 5.73 -4.60 3.14
CA GLU A 68 6.94 -5.36 3.36
C GLU A 68 7.62 -5.69 2.03
N GLU A 69 6.81 -6.15 1.08
CA GLU A 69 7.31 -6.51 -0.23
C GLU A 69 7.89 -5.27 -0.93
N ASN A 70 7.64 -4.12 -0.32
CA ASN A 70 8.13 -2.87 -0.87
C ASN A 70 7.16 -2.37 -1.95
N PHE A 71 5.88 -2.60 -1.69
CA PHE A 71 4.85 -2.19 -2.63
C PHE A 71 4.13 -0.93 -2.13
N LEU A 72 4.19 -0.73 -0.83
CA LEU A 72 3.55 0.43 -0.22
C LEU A 72 4.32 0.82 1.06
N ARG A 73 3.91 1.94 1.63
CA ARG A 73 4.55 2.42 2.84
C ARG A 73 3.55 3.22 3.68
N PRO A 74 3.83 3.29 5.01
CA PRO A 74 2.97 4.02 5.92
C PRO A 74 3.17 5.53 5.78
N VAL A 75 2.06 6.25 5.84
CA VAL A 75 2.11 7.71 5.72
C VAL A 75 1.51 8.33 6.99
N GLY A 76 1.69 9.64 7.10
CA GLY A 76 1.18 10.37 8.24
C GLY A 76 2.02 10.08 9.49
N VAL A 77 1.44 10.41 10.64
CA VAL A 77 2.12 10.20 11.91
C VAL A 77 1.43 9.06 12.65
N ARG A 78 0.13 8.95 12.45
CA ARG A 78 -0.66 7.91 13.10
C ARG A 78 -0.03 6.54 12.82
N SER A 79 0.22 6.28 11.55
CA SER A 79 0.82 5.01 11.16
C SER A 79 2.33 5.17 10.98
N MET A 80 3.03 5.14 12.11
CA MET A 80 4.47 5.29 12.09
C MET A 80 5.09 4.75 13.38
N GLY A 81 4.62 5.31 14.49
CA GLY A 81 5.11 4.90 15.80
C GLY A 81 6.59 4.51 15.73
N ALA A 82 6.83 3.22 15.63
CA ALA A 82 8.18 2.70 15.54
C ALA A 82 8.22 1.52 14.59
N ILE A 83 7.70 1.74 13.39
CA ILE A 83 7.66 0.71 12.37
C ILE A 83 9.10 0.39 11.93
N ARG A 84 9.36 -0.91 11.78
CA ARG A 84 10.67 -1.36 11.36
C ARG A 84 10.54 -2.63 10.51
N SER A 85 11.43 -2.72 9.52
CA SER A 85 11.43 -3.87 8.64
C SER A 85 12.11 -5.05 9.32
N GLY A 86 11.55 -5.44 10.46
CA GLY A 86 12.08 -6.56 11.22
C GLY A 86 11.51 -7.88 10.71
N ASP A 87 10.19 -7.98 10.73
CA ASP A 87 9.51 -9.18 10.28
C ASP A 87 8.20 -8.79 9.59
N LEU A 88 7.57 -9.79 8.98
CA LEU A 88 6.31 -9.57 8.29
C LEU A 88 5.45 -8.59 9.09
N ALA A 89 5.17 -8.98 10.33
CA ALA A 89 4.36 -8.15 11.21
C ALA A 89 3.09 -7.73 10.46
N GLU A 90 2.29 -6.92 11.15
CA GLU A 90 1.05 -6.44 10.58
C GLU A 90 0.90 -4.94 10.82
N GLN A 91 2.02 -4.30 11.10
CA GLN A 91 2.03 -2.87 11.36
C GLN A 91 1.17 -2.14 10.32
N PHE A 92 -0.08 -1.90 10.69
CA PHE A 92 -0.99 -1.22 9.80
C PHE A 92 -2.35 -1.01 10.48
N LEU A 93 -2.82 0.23 10.42
CA LEU A 93 -4.11 0.57 11.02
C LEU A 93 -5.16 0.70 9.92
N ASP A 94 -6.42 0.58 10.33
CA ASP A 94 -7.52 0.68 9.39
C ASP A 94 -8.39 1.89 9.76
N ASP A 95 -7.87 3.07 9.43
CA ASP A 95 -8.58 4.29 9.71
C ASP A 95 -8.36 5.29 8.56
N SER A 96 -9.00 6.44 8.68
CA SER A 96 -8.88 7.47 7.67
C SER A 96 -7.52 8.16 7.78
N THR A 97 -7.22 8.60 8.99
CA THR A 97 -5.96 9.27 9.25
C THR A 97 -4.80 8.48 8.66
N ALA A 98 -4.66 7.26 9.12
CA ALA A 98 -3.59 6.38 8.64
C ALA A 98 -3.63 6.32 7.12
N LEU A 99 -2.59 6.86 6.51
CA LEU A 99 -2.49 6.88 5.07
C LEU A 99 -1.31 6.01 4.62
N TYR A 100 -1.40 5.52 3.39
CA TYR A 100 -0.34 4.69 2.85
C TYR A 100 -0.14 4.96 1.36
N THR A 101 1.11 4.93 0.95
CA THR A 101 1.46 5.19 -0.44
C THR A 101 2.23 4.00 -1.02
N PHE A 102 2.52 4.09 -2.31
CA PHE A 102 3.24 3.04 -2.99
C PHE A 102 4.76 3.23 -2.85
N ALA A 103 5.42 2.14 -2.49
CA ALA A 103 6.87 2.17 -2.30
C ALA A 103 7.54 2.17 -3.67
N GLU A 104 8.86 2.29 -3.64
CA GLU A 104 9.64 2.31 -4.87
C GLU A 104 10.67 1.17 -4.86
N SER A 105 10.42 0.20 -5.74
CA SER A 105 11.30 -0.95 -5.85
C SER A 105 11.05 -1.68 -7.17
N TYR A 106 11.05 -0.91 -8.25
CA TYR A 106 10.83 -1.47 -9.57
C TYR A 106 11.20 -0.46 -10.66
N LYS A 107 10.99 -0.88 -11.90
CA LYS A 107 11.29 -0.03 -13.04
C LYS A 107 10.69 1.36 -12.81
N LYS A 108 11.57 2.34 -12.64
CA LYS A 108 11.13 3.71 -12.43
C LYS A 108 12.32 4.65 -12.63
N LYS A 109 12.00 5.93 -12.76
CA LYS A 109 13.02 6.94 -12.97
C LYS A 109 13.07 7.86 -11.74
N VAL A 110 14.20 7.80 -11.06
CA VAL A 110 14.39 8.62 -9.87
C VAL A 110 15.81 8.42 -9.34
N SER A 111 16.27 7.18 -9.41
CA SER A 111 17.61 6.84 -8.95
C SER A 111 17.79 7.32 -7.50
N SER A 112 18.92 6.92 -6.93
CA SER A 112 19.23 7.31 -5.56
C SER A 112 20.41 8.27 -5.54
N LYS A 113 20.31 9.27 -4.69
CA LYS A 113 21.36 10.26 -4.56
C LYS A 113 22.70 9.55 -4.37
N GLU A 114 23.58 9.74 -5.35
CA GLU A 114 24.89 9.12 -5.29
C GLU A 114 25.72 9.55 -6.50
N SER A 115 26.30 10.73 -6.40
CA SER A 115 27.13 11.27 -7.48
C SER A 115 28.56 11.47 -6.99
N GLY A 116 29.48 11.50 -7.94
CA GLY A 116 30.88 11.69 -7.63
C GLY A 116 31.15 13.13 -7.18
N PRO A 117 32.37 13.35 -6.63
CA PRO A 117 32.77 14.67 -6.17
C PRO A 117 33.11 15.58 -7.35
N SER A 118 32.08 15.95 -8.09
CA SER A 118 32.26 16.81 -9.24
C SER A 118 33.50 16.40 -10.03
N SER A 119 33.28 15.52 -11.01
CA SER A 119 34.36 15.03 -11.83
C SER A 119 33.80 14.37 -13.09
N GLY A 120 34.69 14.14 -14.04
CA GLY A 120 34.30 13.51 -15.30
C GLY A 120 35.49 13.44 -16.26
N GLY A 1 9.42 -19.71 -11.71
CA GLY A 1 10.08 -18.41 -11.78
C GLY A 1 10.13 -17.75 -10.40
N SER A 2 11.10 -18.19 -9.61
CA SER A 2 11.27 -17.65 -8.27
C SER A 2 10.05 -17.98 -7.41
N SER A 3 10.31 -18.12 -6.11
CA SER A 3 9.24 -18.43 -5.18
C SER A 3 9.18 -17.37 -4.08
N GLY A 4 8.04 -17.34 -3.40
CA GLY A 4 7.84 -16.38 -2.33
C GLY A 4 6.80 -15.32 -2.73
N SER A 5 5.89 -15.07 -1.80
CA SER A 5 4.84 -14.08 -2.05
C SER A 5 4.33 -14.21 -3.49
N SER A 6 3.90 -15.41 -3.82
CA SER A 6 3.38 -15.68 -5.15
C SER A 6 1.89 -15.37 -5.20
N GLY A 7 1.56 -14.13 -4.87
CA GLY A 7 0.17 -13.69 -4.88
C GLY A 7 0.08 -12.18 -4.75
N LEU A 8 0.73 -11.65 -3.72
CA LEU A 8 0.71 -10.22 -3.47
C LEU A 8 0.91 -9.48 -4.80
N HIS A 9 1.63 -10.13 -5.70
CA HIS A 9 1.88 -9.55 -7.01
C HIS A 9 0.56 -9.26 -7.72
N ARG A 10 -0.30 -10.27 -7.75
CA ARG A 10 -1.60 -10.15 -8.38
C ARG A 10 -2.40 -9.02 -7.72
N ILE A 11 -2.03 -8.71 -6.50
CA ILE A 11 -2.71 -7.66 -5.75
C ILE A 11 -2.17 -6.30 -6.21
N VAL A 12 -0.85 -6.22 -6.33
CA VAL A 12 -0.21 -4.99 -6.75
C VAL A 12 -0.73 -4.60 -8.14
N ASP A 13 -0.73 -5.56 -9.04
CA ASP A 13 -1.19 -5.34 -10.39
C ASP A 13 -2.57 -4.66 -10.34
N LYS A 14 -3.42 -5.18 -9.48
CA LYS A 14 -4.76 -4.64 -9.32
C LYS A 14 -4.66 -3.19 -8.85
N MET A 15 -3.88 -3.00 -7.80
CA MET A 15 -3.70 -1.66 -7.24
C MET A 15 -3.12 -0.71 -8.28
N HIS A 16 -2.39 -1.27 -9.23
CA HIS A 16 -1.79 -0.49 -10.29
C HIS A 16 -2.87 0.05 -11.23
N ASP A 17 -4.09 -0.44 -11.00
CA ASP A 17 -5.22 -0.03 -11.82
C ASP A 17 -6.03 1.03 -11.06
N THR A 18 -6.82 1.77 -11.82
CA THR A 18 -7.65 2.82 -11.24
C THR A 18 -9.12 2.44 -11.33
N SER A 19 -9.43 1.63 -12.33
CA SER A 19 -10.80 1.19 -12.54
C SER A 19 -11.24 0.28 -11.39
N THR A 20 -10.57 -0.85 -11.29
CA THR A 20 -10.89 -1.81 -10.24
C THR A 20 -9.84 -1.75 -9.13
N GLY A 21 -8.74 -1.07 -9.43
CA GLY A 21 -7.67 -0.93 -8.47
C GLY A 21 -7.96 0.20 -7.47
N ILE A 22 -7.03 0.40 -6.56
CA ILE A 22 -7.18 1.44 -5.55
C ILE A 22 -7.33 2.79 -6.24
N ARG A 23 -7.48 3.82 -5.42
CA ARG A 23 -7.63 5.18 -5.93
C ARG A 23 -7.11 6.19 -4.91
N PRO A 24 -5.80 6.54 -5.05
CA PRO A 24 -5.18 7.49 -4.16
C PRO A 24 -5.63 8.92 -4.47
N SER A 25 -5.32 9.82 -3.55
CA SER A 25 -5.68 11.22 -3.71
C SER A 25 -5.17 12.04 -2.53
N PRO A 26 -4.76 13.31 -2.84
CA PRO A 26 -4.25 14.20 -1.82
C PRO A 26 -5.38 14.73 -0.93
N ASN A 27 -5.05 14.93 0.33
CA ASN A 27 -6.02 15.44 1.29
C ASN A 27 -5.30 15.90 2.55
N MET A 28 -5.13 17.21 2.64
CA MET A 28 -4.45 17.80 3.79
C MET A 28 -4.84 17.08 5.08
N GLU A 29 -3.99 16.13 5.47
CA GLU A 29 -4.23 15.36 6.68
C GLU A 29 -3.83 16.18 7.92
N GLN A 30 -2.57 16.56 7.95
CA GLN A 30 -2.04 17.33 9.06
C GLN A 30 -0.80 18.11 8.64
N GLY A 31 -0.99 18.97 7.65
CA GLY A 31 0.11 19.77 7.13
C GLY A 31 0.39 19.45 5.66
N SER A 32 0.91 18.24 5.45
CA SER A 32 1.23 17.81 4.10
C SER A 32 -0.03 17.29 3.40
N THR A 33 0.04 17.23 2.08
CA THR A 33 -1.08 16.78 1.29
C THR A 33 -0.83 15.35 0.78
N TYR A 34 0.45 15.00 0.72
CA TYR A 34 0.84 13.68 0.26
C TYR A 34 0.04 13.27 -0.99
N LYS A 35 0.62 13.60 -2.14
CA LYS A 35 -0.03 13.28 -3.40
C LYS A 35 0.18 11.80 -3.73
N LYS A 36 -0.84 11.20 -4.32
CA LYS A 36 -0.77 9.80 -4.68
C LYS A 36 -0.76 8.95 -3.41
N THR A 37 -1.84 9.04 -2.66
CA THR A 37 -1.96 8.29 -1.41
C THR A 37 -3.41 7.87 -1.18
N PHE A 38 -3.57 6.74 -0.52
CA PHE A 38 -4.89 6.22 -0.22
C PHE A 38 -5.05 5.93 1.28
N LEU A 39 -6.16 6.43 1.83
CA LEU A 39 -6.44 6.24 3.23
C LEU A 39 -6.13 4.80 3.62
N GLY A 40 -5.89 4.60 4.92
CA GLY A 40 -5.58 3.28 5.43
C GLY A 40 -6.79 2.34 5.30
N SER A 41 -7.97 2.92 5.52
CA SER A 41 -9.20 2.15 5.44
C SER A 41 -9.50 1.80 3.99
N SER A 42 -9.20 2.75 3.11
CA SER A 42 -9.44 2.56 1.69
C SER A 42 -8.82 1.24 1.23
N LEU A 43 -7.58 1.04 1.64
CA LEU A 43 -6.86 -0.17 1.28
C LEU A 43 -7.61 -1.39 1.85
N VAL A 44 -7.72 -1.40 3.16
CA VAL A 44 -8.41 -2.50 3.84
C VAL A 44 -9.68 -2.85 3.07
N ASP A 45 -10.62 -1.92 3.06
CA ASP A 45 -11.88 -2.12 2.38
C ASP A 45 -11.60 -2.66 0.97
N TRP A 46 -10.65 -2.02 0.30
CA TRP A 46 -10.28 -2.43 -1.04
C TRP A 46 -9.90 -3.90 -1.01
N LEU A 47 -8.79 -4.18 -0.34
CA LEU A 47 -8.30 -5.54 -0.22
C LEU A 47 -9.50 -6.49 -0.04
N ILE A 48 -10.47 -6.03 0.73
CA ILE A 48 -11.66 -6.81 0.98
C ILE A 48 -12.50 -6.90 -0.29
N SER A 49 -12.81 -5.73 -0.84
CA SER A 49 -13.60 -5.66 -2.05
C SER A 49 -12.89 -6.42 -3.18
N SER A 50 -11.58 -6.43 -3.10
CA SER A 50 -10.78 -7.12 -4.11
C SER A 50 -10.95 -8.63 -3.97
N ASN A 51 -11.50 -9.04 -2.84
CA ASN A 51 -11.73 -10.44 -2.58
C ASN A 51 -10.44 -11.07 -2.05
N PHE A 52 -9.54 -10.21 -1.60
CA PHE A 52 -8.26 -10.67 -1.07
C PHE A 52 -8.34 -10.91 0.43
N ALA A 53 -9.30 -10.25 1.05
CA ALA A 53 -9.50 -10.39 2.49
C ALA A 53 -10.98 -10.65 2.78
N ALA A 54 -11.23 -11.18 3.96
CA ALA A 54 -12.59 -11.48 4.38
C ALA A 54 -13.06 -10.43 5.37
N SER A 55 -12.14 -9.95 6.18
CA SER A 55 -12.44 -8.94 7.17
C SER A 55 -11.30 -7.91 7.25
N ARG A 56 -11.64 -6.74 7.77
CA ARG A 56 -10.67 -5.68 7.90
C ARG A 56 -9.31 -6.24 8.31
N LEU A 57 -9.37 -7.29 9.12
CA LEU A 57 -8.15 -7.93 9.60
C LEU A 57 -7.37 -8.48 8.39
N GLU A 58 -7.93 -9.49 7.78
CA GLU A 58 -7.31 -10.11 6.62
C GLU A 58 -6.74 -9.03 5.69
N ALA A 59 -7.40 -7.89 5.68
CA ALA A 59 -6.98 -6.78 4.85
C ALA A 59 -5.84 -6.04 5.53
N VAL A 60 -6.00 -5.82 6.83
CA VAL A 60 -4.99 -5.13 7.61
C VAL A 60 -3.64 -5.83 7.43
N THR A 61 -3.69 -7.16 7.48
CA THR A 61 -2.48 -7.94 7.33
C THR A 61 -2.00 -7.90 5.87
N LEU A 62 -2.97 -7.97 4.96
CA LEU A 62 -2.65 -7.94 3.55
C LEU A 62 -1.94 -6.62 3.21
N ALA A 63 -2.35 -5.58 3.90
CA ALA A 63 -1.76 -4.26 3.68
C ALA A 63 -0.30 -4.28 4.14
N SER A 64 -0.12 -4.60 5.41
CA SER A 64 1.21 -4.67 5.98
C SER A 64 2.12 -5.55 5.12
N MET A 65 1.49 -6.53 4.48
CA MET A 65 2.22 -7.45 3.61
C MET A 65 2.75 -6.72 2.37
N LEU A 66 1.86 -6.01 1.71
CA LEU A 66 2.22 -5.27 0.52
C LEU A 66 3.35 -4.29 0.84
N MET A 67 3.17 -3.59 1.95
CA MET A 67 4.17 -2.62 2.39
C MET A 67 5.54 -3.28 2.54
N GLU A 68 5.53 -4.47 3.10
CA GLU A 68 6.78 -5.20 3.31
C GLU A 68 7.41 -5.57 1.97
N GLU A 69 6.55 -5.99 1.04
CA GLU A 69 7.00 -6.36 -0.29
C GLU A 69 7.59 -5.15 -1.01
N ASN A 70 7.41 -3.99 -0.39
CA ASN A 70 7.91 -2.75 -0.98
C ASN A 70 6.89 -2.23 -1.99
N PHE A 71 5.66 -2.70 -1.85
CA PHE A 71 4.60 -2.29 -2.74
C PHE A 71 3.89 -1.04 -2.21
N LEU A 72 4.15 -0.74 -0.94
CA LEU A 72 3.54 0.41 -0.30
C LEU A 72 4.34 0.77 0.95
N ARG A 73 3.98 1.90 1.55
CA ARG A 73 4.65 2.36 2.75
C ARG A 73 3.70 3.20 3.60
N PRO A 74 3.92 3.14 4.94
CA PRO A 74 3.10 3.89 5.87
C PRO A 74 3.43 5.39 5.83
N VAL A 75 2.52 6.16 5.27
CA VAL A 75 2.70 7.59 5.17
C VAL A 75 2.71 8.20 6.57
N GLY A 76 3.72 9.03 6.82
CA GLY A 76 3.86 9.67 8.11
C GLY A 76 2.66 10.57 8.39
N VAL A 77 2.85 11.49 9.34
CA VAL A 77 1.80 12.41 9.72
C VAL A 77 0.83 11.72 10.67
N ARG A 78 0.35 10.56 10.25
CA ARG A 78 -0.58 9.79 11.06
C ARG A 78 0.11 8.53 11.59
N SER A 79 0.37 7.61 10.67
CA SER A 79 1.02 6.36 11.04
C SER A 79 2.50 6.61 11.35
N MET A 80 3.30 5.59 11.07
CA MET A 80 4.73 5.69 11.31
C MET A 80 5.03 5.92 12.80
N GLY A 81 6.31 5.87 13.14
CA GLY A 81 6.74 6.08 14.50
C GLY A 81 7.31 4.79 15.11
N ALA A 82 8.33 4.27 14.46
CA ALA A 82 8.98 3.05 14.91
C ALA A 82 8.19 1.85 14.38
N ILE A 83 8.15 1.75 13.06
CA ILE A 83 7.45 0.65 12.42
C ILE A 83 8.24 -0.65 12.62
N ARG A 84 7.51 -1.69 13.00
CA ARG A 84 8.13 -2.98 13.23
C ARG A 84 9.05 -3.35 12.07
N SER A 85 10.34 -3.39 12.37
CA SER A 85 11.34 -3.72 11.36
C SER A 85 12.18 -4.90 11.84
N GLY A 86 11.51 -6.01 12.12
CA GLY A 86 12.19 -7.21 12.58
C GLY A 86 11.45 -8.46 12.15
N ASP A 87 10.20 -8.56 12.60
CA ASP A 87 9.38 -9.71 12.27
C ASP A 87 8.27 -9.27 11.31
N LEU A 88 7.54 -10.26 10.81
CA LEU A 88 6.46 -9.99 9.88
C LEU A 88 5.70 -8.73 10.34
N ALA A 89 5.29 -8.74 11.60
CA ALA A 89 4.56 -7.62 12.16
C ALA A 89 3.37 -7.29 11.27
N GLU A 90 2.59 -6.33 11.72
CA GLU A 90 1.41 -5.91 10.97
C GLU A 90 1.17 -4.41 11.15
N GLN A 91 2.26 -3.65 11.04
CA GLN A 91 2.19 -2.21 11.18
C GLN A 91 1.27 -1.62 10.11
N PHE A 92 0.01 -1.46 10.48
CA PHE A 92 -0.97 -0.91 9.57
C PHE A 92 -2.34 -0.78 10.25
N LEU A 93 -2.86 0.45 10.24
CA LEU A 93 -4.14 0.72 10.85
C LEU A 93 -5.22 0.68 9.77
N ASP A 94 -6.46 0.85 10.21
CA ASP A 94 -7.60 0.84 9.31
C ASP A 94 -8.50 2.03 9.62
N ASP A 95 -8.02 3.21 9.25
CA ASP A 95 -8.78 4.43 9.49
C ASP A 95 -8.59 5.38 8.31
N SER A 96 -9.44 6.39 8.25
CA SER A 96 -9.37 7.37 7.18
C SER A 96 -8.07 8.17 7.29
N THR A 97 -7.81 8.67 8.49
CA THR A 97 -6.61 9.45 8.74
C THR A 97 -5.39 8.76 8.14
N ALA A 98 -4.98 7.68 8.79
CA ALA A 98 -3.83 6.92 8.33
C ALA A 98 -3.87 6.82 6.80
N LEU A 99 -2.71 7.06 6.21
CA LEU A 99 -2.59 7.00 4.76
C LEU A 99 -1.43 6.07 4.39
N TYR A 100 -1.41 5.68 3.12
CA TYR A 100 -0.37 4.81 2.62
C TYR A 100 -0.10 5.04 1.13
N THR A 101 1.17 5.03 0.78
CA THR A 101 1.56 5.26 -0.60
C THR A 101 2.28 4.02 -1.16
N PHE A 102 2.61 4.09 -2.44
CA PHE A 102 3.29 2.99 -3.09
C PHE A 102 4.80 3.10 -2.90
N ALA A 103 5.42 1.96 -2.57
CA ALA A 103 6.86 1.93 -2.36
C ALA A 103 7.56 1.82 -3.72
N GLU A 104 8.62 2.59 -3.87
CA GLU A 104 9.38 2.59 -5.10
C GLU A 104 8.45 2.69 -6.31
N SER A 105 7.27 3.24 -6.05
CA SER A 105 6.28 3.41 -7.11
C SER A 105 6.34 2.23 -8.08
N TYR A 106 6.84 2.52 -9.27
CA TYR A 106 6.97 1.49 -10.29
C TYR A 106 8.42 1.38 -10.78
N LYS A 107 8.63 0.44 -11.69
CA LYS A 107 9.96 0.21 -12.23
C LYS A 107 9.86 -0.01 -13.75
N LYS A 108 10.96 -0.44 -14.32
CA LYS A 108 11.01 -0.70 -15.76
C LYS A 108 11.88 -1.93 -16.03
N LYS A 109 11.36 -3.08 -15.62
CA LYS A 109 12.06 -4.33 -15.81
C LYS A 109 11.71 -4.91 -17.17
N VAL A 110 12.32 -6.05 -17.47
CA VAL A 110 12.08 -6.72 -18.74
C VAL A 110 12.03 -8.23 -18.50
N SER A 111 10.94 -8.83 -18.95
CA SER A 111 10.76 -10.27 -18.81
C SER A 111 9.63 -10.76 -19.72
N SER A 112 9.96 -11.75 -20.53
CA SER A 112 8.99 -12.31 -21.46
C SER A 112 7.73 -12.74 -20.70
N LYS A 113 6.63 -12.09 -21.04
CA LYS A 113 5.36 -12.40 -20.40
C LYS A 113 4.57 -13.38 -21.28
N GLU A 114 4.36 -14.56 -20.74
CA GLU A 114 3.63 -15.59 -21.47
C GLU A 114 3.07 -16.63 -20.48
N SER A 115 1.99 -16.24 -19.82
CA SER A 115 1.36 -17.13 -18.85
C SER A 115 -0.07 -17.42 -19.28
N GLY A 116 -0.19 -18.30 -20.27
CA GLY A 116 -1.50 -18.68 -20.78
C GLY A 116 -2.33 -17.45 -21.15
N PRO A 117 -3.67 -17.63 -21.10
CA PRO A 117 -4.57 -16.54 -21.43
C PRO A 117 -4.64 -15.52 -20.29
N SER A 118 -3.87 -14.45 -20.45
CA SER A 118 -3.83 -13.41 -19.44
C SER A 118 -4.80 -12.29 -19.82
N SER A 119 -5.66 -11.95 -18.87
CA SER A 119 -6.64 -10.90 -19.08
C SER A 119 -6.04 -9.54 -18.73
N GLY A 120 -5.66 -8.81 -19.76
CA GLY A 120 -5.07 -7.49 -19.57
C GLY A 120 -4.82 -6.81 -20.92
N GLY A 1 7.27 -15.81 -10.09
CA GLY A 1 7.29 -16.09 -8.67
C GLY A 1 7.73 -17.54 -8.40
N SER A 2 7.66 -17.92 -7.14
CA SER A 2 8.04 -19.27 -6.74
C SER A 2 7.43 -19.59 -5.37
N SER A 3 7.74 -18.75 -4.40
CA SER A 3 7.24 -18.95 -3.06
C SER A 3 7.34 -17.64 -2.26
N GLY A 4 6.42 -17.48 -1.32
CA GLY A 4 6.40 -16.29 -0.50
C GLY A 4 5.18 -15.42 -0.83
N SER A 5 5.41 -14.43 -1.69
CA SER A 5 4.36 -13.53 -2.10
C SER A 5 3.78 -13.97 -3.44
N SER A 6 3.40 -15.24 -3.49
CA SER A 6 2.83 -15.80 -4.70
C SER A 6 1.34 -15.42 -4.81
N GLY A 7 1.08 -14.13 -4.69
CA GLY A 7 -0.28 -13.64 -4.76
C GLY A 7 -0.31 -12.10 -4.73
N LEU A 8 0.30 -11.56 -3.69
CA LEU A 8 0.35 -10.11 -3.52
C LEU A 8 0.59 -9.46 -4.88
N HIS A 9 1.39 -10.14 -5.70
CA HIS A 9 1.70 -9.64 -7.02
C HIS A 9 0.41 -9.30 -7.77
N ARG A 10 -0.50 -10.26 -7.78
CA ARG A 10 -1.77 -10.07 -8.45
C ARG A 10 -2.57 -8.95 -7.77
N ILE A 11 -2.22 -8.70 -6.52
CA ILE A 11 -2.89 -7.65 -5.76
C ILE A 11 -2.33 -6.29 -6.16
N VAL A 12 -1.00 -6.24 -6.27
CA VAL A 12 -0.33 -5.01 -6.65
C VAL A 12 -0.79 -4.58 -8.05
N ASP A 13 -0.82 -5.55 -8.96
CA ASP A 13 -1.24 -5.29 -10.32
C ASP A 13 -2.60 -4.60 -10.31
N LYS A 14 -3.51 -5.17 -9.54
CA LYS A 14 -4.86 -4.62 -9.43
C LYS A 14 -4.77 -3.18 -8.94
N MET A 15 -4.00 -2.98 -7.87
CA MET A 15 -3.82 -1.67 -7.30
C MET A 15 -3.16 -0.72 -8.30
N HIS A 16 -2.32 -1.30 -9.15
CA HIS A 16 -1.63 -0.52 -10.16
C HIS A 16 -2.64 0.15 -11.09
N ASP A 17 -3.84 -0.39 -11.08
CA ASP A 17 -4.90 0.13 -11.92
C ASP A 17 -5.69 1.19 -11.14
N THR A 18 -6.32 2.08 -11.89
CA THR A 18 -7.10 3.14 -11.28
C THR A 18 -8.60 2.90 -11.50
N SER A 19 -8.89 2.02 -12.45
CA SER A 19 -10.26 1.68 -12.77
C SER A 19 -10.83 0.73 -11.71
N THR A 20 -10.36 -0.51 -11.78
CA THR A 20 -10.81 -1.53 -10.85
C THR A 20 -9.87 -1.60 -9.64
N GLY A 21 -8.73 -0.93 -9.77
CA GLY A 21 -7.75 -0.90 -8.71
C GLY A 21 -8.15 0.09 -7.61
N ILE A 22 -7.14 0.59 -6.91
CA ILE A 22 -7.36 1.55 -5.84
C ILE A 22 -7.35 2.97 -6.43
N ARG A 23 -7.53 3.94 -5.53
CA ARG A 23 -7.54 5.32 -5.94
C ARG A 23 -7.03 6.21 -4.81
N PRO A 24 -5.70 6.47 -4.82
CA PRO A 24 -5.08 7.31 -3.80
C PRO A 24 -5.41 8.78 -4.02
N SER A 25 -6.70 9.08 -4.02
CA SER A 25 -7.15 10.44 -4.23
C SER A 25 -6.63 11.34 -3.10
N PRO A 26 -6.67 12.67 -3.37
CA PRO A 26 -6.20 13.64 -2.39
C PRO A 26 -7.22 13.81 -1.26
N ASN A 27 -8.45 14.13 -1.64
CA ASN A 27 -9.51 14.31 -0.67
C ASN A 27 -8.97 15.07 0.54
N MET A 28 -8.90 16.38 0.40
CA MET A 28 -8.40 17.23 1.47
C MET A 28 -8.88 16.72 2.84
N GLU A 29 -7.92 16.22 3.61
CA GLU A 29 -8.23 15.69 4.93
C GLU A 29 -8.04 16.78 5.98
N GLN A 30 -9.08 17.57 6.18
CA GLN A 30 -9.04 18.65 7.14
C GLN A 30 -7.68 19.36 7.10
N GLY A 31 -7.32 19.81 5.90
CA GLY A 31 -6.06 20.49 5.71
C GLY A 31 -4.93 19.50 5.43
N SER A 32 -4.84 19.10 4.17
CA SER A 32 -3.81 18.16 3.76
C SER A 32 -4.05 17.72 2.31
N THR A 33 -3.09 16.98 1.78
CA THR A 33 -3.18 16.50 0.41
C THR A 33 -2.42 15.18 0.27
N TYR A 34 -1.23 15.13 0.85
CA TYR A 34 -0.40 13.94 0.78
C TYR A 34 -0.25 13.46 -0.66
N LYS A 35 -0.10 14.41 -1.56
CA LYS A 35 0.06 14.10 -2.96
C LYS A 35 -0.90 12.96 -3.34
N LYS A 36 -0.32 11.78 -3.53
CA LYS A 36 -1.11 10.61 -3.89
C LYS A 36 -1.01 9.58 -2.77
N THR A 37 -2.04 9.58 -1.93
CA THR A 37 -2.08 8.65 -0.81
C THR A 37 -3.52 8.16 -0.59
N PHE A 38 -3.63 6.86 -0.35
CA PHE A 38 -4.94 6.26 -0.12
C PHE A 38 -5.12 5.91 1.36
N LEU A 39 -6.25 6.35 1.90
CA LEU A 39 -6.56 6.08 3.29
C LEU A 39 -6.35 4.59 3.58
N GLY A 40 -5.88 4.32 4.80
CA GLY A 40 -5.64 2.95 5.21
C GLY A 40 -6.92 2.11 5.10
N SER A 41 -8.04 2.73 5.45
CA SER A 41 -9.31 2.05 5.39
C SER A 41 -9.67 1.74 3.94
N SER A 42 -9.33 2.67 3.05
CA SER A 42 -9.61 2.50 1.64
C SER A 42 -9.00 1.20 1.14
N LEU A 43 -7.77 0.95 1.57
CA LEU A 43 -7.06 -0.26 1.16
C LEU A 43 -7.79 -1.48 1.73
N VAL A 44 -7.94 -1.48 3.05
CA VAL A 44 -8.61 -2.58 3.73
C VAL A 44 -9.92 -2.90 3.00
N ASP A 45 -10.79 -1.90 2.96
CA ASP A 45 -12.08 -2.06 2.31
C ASP A 45 -11.85 -2.59 0.88
N TRP A 46 -10.87 -2.00 0.22
CA TRP A 46 -10.54 -2.38 -1.14
C TRP A 46 -10.18 -3.87 -1.13
N LEU A 47 -9.05 -4.17 -0.51
CA LEU A 47 -8.58 -5.54 -0.42
C LEU A 47 -9.78 -6.48 -0.24
N ILE A 48 -10.64 -6.11 0.70
CA ILE A 48 -11.82 -6.90 0.99
C ILE A 48 -12.71 -6.95 -0.26
N SER A 49 -13.11 -5.77 -0.70
CA SER A 49 -13.96 -5.66 -1.89
C SER A 49 -13.32 -6.41 -3.06
N SER A 50 -12.00 -6.44 -3.05
CA SER A 50 -11.26 -7.11 -4.11
C SER A 50 -11.36 -8.63 -3.93
N ASN A 51 -11.85 -9.02 -2.75
CA ASN A 51 -12.00 -10.44 -2.45
C ASN A 51 -10.65 -11.01 -2.00
N PHE A 52 -9.77 -10.11 -1.58
CA PHE A 52 -8.45 -10.51 -1.14
C PHE A 52 -8.44 -10.79 0.37
N ALA A 53 -9.40 -10.17 1.05
CA ALA A 53 -9.51 -10.34 2.49
C ALA A 53 -10.96 -10.66 2.85
N ALA A 54 -11.13 -11.26 4.02
CA ALA A 54 -12.45 -11.63 4.49
C ALA A 54 -12.95 -10.57 5.48
N SER A 55 -12.00 -10.04 6.25
CA SER A 55 -12.33 -9.03 7.24
C SER A 55 -11.22 -7.97 7.28
N ARG A 56 -11.58 -6.81 7.80
CA ARG A 56 -10.63 -5.71 7.92
C ARG A 56 -9.26 -6.24 8.29
N LEU A 57 -9.26 -7.31 9.08
CA LEU A 57 -8.02 -7.92 9.53
C LEU A 57 -7.25 -8.43 8.32
N GLU A 58 -7.80 -9.47 7.71
CA GLU A 58 -7.16 -10.07 6.54
C GLU A 58 -6.63 -8.98 5.61
N ALA A 59 -7.34 -7.86 5.59
CA ALA A 59 -6.96 -6.74 4.75
C ALA A 59 -5.81 -5.97 5.43
N VAL A 60 -5.99 -5.74 6.72
CA VAL A 60 -4.99 -5.02 7.49
C VAL A 60 -3.63 -5.68 7.30
N THR A 61 -3.62 -7.00 7.39
CA THR A 61 -2.40 -7.76 7.21
C THR A 61 -1.94 -7.70 5.75
N LEU A 62 -2.89 -7.89 4.86
CA LEU A 62 -2.59 -7.86 3.43
C LEU A 62 -1.87 -6.55 3.09
N ALA A 63 -2.36 -5.48 3.69
CA ALA A 63 -1.77 -4.16 3.47
C ALA A 63 -0.33 -4.15 3.97
N SER A 64 -0.18 -4.45 5.25
CA SER A 64 1.13 -4.49 5.87
C SER A 64 2.07 -5.39 5.07
N MET A 65 1.50 -6.46 4.54
CA MET A 65 2.26 -7.40 3.75
C MET A 65 2.88 -6.73 2.52
N LEU A 66 2.01 -6.06 1.77
CA LEU A 66 2.45 -5.36 0.56
C LEU A 66 3.65 -4.49 0.90
N MET A 67 3.52 -3.76 2.01
CA MET A 67 4.59 -2.88 2.44
C MET A 67 5.90 -3.64 2.62
N GLU A 68 5.78 -4.84 3.17
CA GLU A 68 6.94 -5.68 3.41
C GLU A 68 7.69 -5.92 2.09
N GLU A 69 6.95 -6.43 1.11
CA GLU A 69 7.53 -6.71 -0.20
C GLU A 69 8.11 -5.43 -0.80
N ASN A 70 7.72 -4.31 -0.22
CA ASN A 70 8.19 -3.01 -0.69
C ASN A 70 7.25 -2.51 -1.79
N PHE A 71 5.97 -2.74 -1.57
CA PHE A 71 4.95 -2.32 -2.53
C PHE A 71 4.28 -1.02 -2.08
N LEU A 72 4.38 -0.77 -0.78
CA LEU A 72 3.77 0.42 -0.21
C LEU A 72 4.57 0.85 1.02
N ARG A 73 4.20 2.00 1.57
CA ARG A 73 4.87 2.52 2.75
C ARG A 73 3.92 3.41 3.56
N PRO A 74 4.23 3.54 4.87
CA PRO A 74 3.41 4.35 5.76
C PRO A 74 3.65 5.85 5.51
N VAL A 75 2.58 6.53 5.15
CA VAL A 75 2.65 7.96 4.88
C VAL A 75 2.36 8.73 6.17
N GLY A 76 3.18 9.75 6.41
CA GLY A 76 3.02 10.58 7.59
C GLY A 76 2.72 9.71 8.82
N VAL A 77 2.07 10.33 9.80
CA VAL A 77 1.72 9.64 11.02
C VAL A 77 0.55 8.69 10.75
N ARG A 78 0.19 7.93 11.78
CA ARG A 78 -0.90 6.98 11.66
C ARG A 78 -0.56 5.89 10.65
N SER A 79 0.73 5.58 10.58
CA SER A 79 1.21 4.55 9.66
C SER A 79 2.71 4.35 9.84
N MET A 80 3.42 5.47 9.99
CA MET A 80 4.86 5.43 10.18
C MET A 80 5.22 5.17 11.64
N GLY A 81 4.52 4.22 12.23
CA GLY A 81 4.76 3.88 13.62
C GLY A 81 6.12 3.20 13.80
N ALA A 82 6.08 1.87 13.86
CA ALA A 82 7.30 1.11 14.02
C ALA A 82 7.77 0.61 12.65
N ILE A 83 6.81 0.31 11.80
CA ILE A 83 7.11 -0.17 10.46
C ILE A 83 7.92 -1.45 10.56
N ARG A 84 7.65 -2.37 9.64
CA ARG A 84 8.34 -3.64 9.61
C ARG A 84 9.84 -3.44 9.83
N SER A 85 10.30 -2.25 9.48
CA SER A 85 11.71 -1.90 9.63
C SER A 85 12.57 -3.13 9.34
N GLY A 86 12.10 -3.96 8.43
CA GLY A 86 12.82 -5.16 8.05
C GLY A 86 12.40 -6.34 8.92
N ASP A 87 11.11 -6.62 8.90
CA ASP A 87 10.57 -7.73 9.69
C ASP A 87 9.21 -8.14 9.12
N LEU A 88 8.58 -9.08 9.80
CA LEU A 88 7.29 -9.58 9.38
C LEU A 88 6.19 -8.92 10.22
N ALA A 89 6.57 -7.82 10.86
CA ALA A 89 5.63 -7.09 11.71
C ALA A 89 4.39 -6.73 10.88
N GLU A 90 3.24 -6.77 11.56
CA GLU A 90 1.98 -6.45 10.91
C GLU A 90 1.45 -5.12 11.41
N GLN A 91 2.23 -4.06 11.17
CA GLN A 91 1.84 -2.74 11.59
C GLN A 91 1.01 -2.05 10.51
N PHE A 92 -0.23 -1.71 10.87
CA PHE A 92 -1.13 -1.05 9.94
C PHE A 92 -2.45 -0.72 10.62
N LEU A 93 -3.04 0.39 10.19
CA LEU A 93 -4.31 0.83 10.74
C LEU A 93 -5.36 0.83 9.63
N ASP A 94 -6.61 0.95 10.04
CA ASP A 94 -7.72 0.96 9.11
C ASP A 94 -8.63 2.15 9.42
N ASP A 95 -8.13 3.34 9.14
CA ASP A 95 -8.89 4.55 9.38
C ASP A 95 -8.76 5.49 8.18
N SER A 96 -9.29 6.69 8.34
CA SER A 96 -9.23 7.68 7.28
C SER A 96 -8.06 8.64 7.51
N THR A 97 -7.14 8.20 8.36
CA THR A 97 -5.98 9.00 8.69
C THR A 97 -4.69 8.26 8.30
N ALA A 98 -4.71 6.96 8.55
CA ALA A 98 -3.56 6.12 8.24
C ALA A 98 -3.40 6.03 6.73
N LEU A 99 -2.73 7.04 6.17
CA LEU A 99 -2.49 7.09 4.74
C LEU A 99 -1.42 6.06 4.36
N TYR A 100 -1.25 5.88 3.06
CA TYR A 100 -0.25 4.93 2.56
C TYR A 100 0.01 5.16 1.07
N THR A 101 1.28 5.04 0.71
CA THR A 101 1.67 5.23 -0.67
C THR A 101 2.47 4.01 -1.16
N PHE A 102 2.63 3.94 -2.48
CA PHE A 102 3.36 2.85 -3.09
C PHE A 102 4.87 3.07 -2.97
N ALA A 103 5.56 2.01 -2.60
CA ALA A 103 7.01 2.07 -2.45
C ALA A 103 7.67 2.00 -3.83
N GLU A 104 8.95 2.34 -3.85
CA GLU A 104 9.70 2.33 -5.10
C GLU A 104 10.69 1.16 -5.10
N SER A 105 10.49 0.26 -6.05
CA SER A 105 11.35 -0.91 -6.17
C SER A 105 10.79 -1.87 -7.22
N TYR A 106 10.78 -1.41 -8.46
CA TYR A 106 10.27 -2.21 -9.55
C TYR A 106 10.40 -1.47 -10.89
N LYS A 107 10.60 -2.24 -11.95
CA LYS A 107 10.73 -1.67 -13.27
C LYS A 107 9.43 -0.96 -13.66
N LYS A 108 9.28 0.25 -13.15
CA LYS A 108 8.09 1.04 -13.43
C LYS A 108 8.12 2.31 -12.59
N LYS A 109 9.21 3.05 -12.73
CA LYS A 109 9.37 4.30 -12.00
C LYS A 109 8.83 5.45 -12.84
N VAL A 110 8.36 6.47 -12.14
CA VAL A 110 7.81 7.64 -12.80
C VAL A 110 8.76 8.83 -12.60
N SER A 111 9.44 8.80 -11.48
CA SER A 111 10.38 9.87 -11.15
C SER A 111 9.82 11.21 -11.61
N SER A 112 9.04 11.83 -10.72
CA SER A 112 8.44 13.12 -11.03
C SER A 112 8.80 14.13 -9.94
N LYS A 113 9.93 14.79 -10.14
CA LYS A 113 10.40 15.79 -9.18
C LYS A 113 9.73 17.13 -9.50
N GLU A 114 9.73 18.00 -8.50
CA GLU A 114 9.14 19.31 -8.65
C GLU A 114 9.88 20.33 -7.78
N SER A 115 10.73 21.11 -8.44
CA SER A 115 11.51 22.12 -7.74
C SER A 115 10.63 22.86 -6.73
N GLY A 116 11.18 23.06 -5.54
CA GLY A 116 10.46 23.75 -4.49
C GLY A 116 11.40 24.19 -3.37
N PRO A 117 11.75 25.50 -3.39
CA PRO A 117 12.65 26.05 -2.39
C PRO A 117 11.93 26.24 -1.06
N SER A 118 12.69 26.69 -0.07
CA SER A 118 12.14 26.92 1.26
C SER A 118 11.74 28.38 1.41
N SER A 119 10.97 28.65 2.46
CA SER A 119 10.53 30.01 2.73
C SER A 119 10.71 30.33 4.21
N GLY A 120 11.14 31.56 4.47
CA GLY A 120 11.36 32.01 5.83
C GLY A 120 10.30 33.01 6.27
N GLY A 1 14.48 -13.62 -11.44
CA GLY A 1 15.51 -14.55 -10.98
C GLY A 1 15.23 -15.01 -9.56
N SER A 2 14.02 -14.71 -9.10
CA SER A 2 13.61 -15.08 -7.75
C SER A 2 12.16 -15.57 -7.76
N SER A 3 11.61 -15.72 -6.56
CA SER A 3 10.24 -16.17 -6.43
C SER A 3 9.69 -15.75 -5.06
N GLY A 4 8.47 -16.20 -4.78
CA GLY A 4 7.83 -15.89 -3.52
C GLY A 4 6.72 -14.85 -3.72
N SER A 5 5.92 -14.68 -2.67
CA SER A 5 4.83 -13.73 -2.72
C SER A 5 4.11 -13.82 -4.08
N SER A 6 3.12 -14.69 -4.14
CA SER A 6 2.36 -14.88 -5.36
C SER A 6 1.07 -14.07 -5.29
N GLY A 7 0.40 -14.18 -4.15
CA GLY A 7 -0.86 -13.47 -3.95
C GLY A 7 -0.65 -11.97 -4.02
N LEU A 8 0.39 -11.51 -3.34
CA LEU A 8 0.71 -10.09 -3.32
C LEU A 8 0.94 -9.61 -4.76
N HIS A 9 1.90 -10.23 -5.41
CA HIS A 9 2.23 -9.88 -6.79
C HIS A 9 0.95 -9.67 -7.59
N ARG A 10 -0.04 -10.50 -7.28
CA ARG A 10 -1.32 -10.42 -7.97
C ARG A 10 -2.08 -9.17 -7.52
N ILE A 11 -2.11 -8.96 -6.21
CA ILE A 11 -2.78 -7.81 -5.64
C ILE A 11 -2.17 -6.53 -6.20
N VAL A 12 -0.85 -6.46 -6.14
CA VAL A 12 -0.13 -5.30 -6.64
C VAL A 12 -0.60 -4.99 -8.06
N ASP A 13 -0.57 -6.02 -8.89
CA ASP A 13 -0.99 -5.87 -10.27
C ASP A 13 -2.34 -5.16 -10.33
N LYS A 14 -3.18 -5.48 -9.35
CA LYS A 14 -4.50 -4.87 -9.27
C LYS A 14 -4.36 -3.41 -8.83
N MET A 15 -3.62 -3.22 -7.75
CA MET A 15 -3.41 -1.88 -7.22
C MET A 15 -2.71 -0.99 -8.24
N HIS A 16 -1.92 -1.63 -9.10
CA HIS A 16 -1.20 -0.91 -10.13
C HIS A 16 -2.19 -0.30 -11.12
N ASP A 17 -3.40 -0.83 -11.10
CA ASP A 17 -4.44 -0.36 -11.99
C ASP A 17 -5.25 0.74 -11.29
N THR A 18 -5.95 1.52 -12.10
CA THR A 18 -6.76 2.60 -11.56
C THR A 18 -8.25 2.30 -11.75
N SER A 19 -8.52 1.37 -12.65
CA SER A 19 -9.89 0.97 -12.93
C SER A 19 -10.41 0.06 -11.81
N THR A 20 -9.85 -1.13 -11.77
CA THR A 20 -10.24 -2.11 -10.76
C THR A 20 -9.27 -2.08 -9.58
N GLY A 21 -8.24 -1.26 -9.73
CA GLY A 21 -7.23 -1.14 -8.69
C GLY A 21 -7.66 -0.11 -7.64
N ILE A 22 -6.69 0.26 -6.80
CA ILE A 22 -6.96 1.22 -5.74
C ILE A 22 -7.10 2.61 -6.36
N ARG A 23 -7.36 3.58 -5.49
CA ARG A 23 -7.53 4.96 -5.93
C ARG A 23 -7.07 5.93 -4.85
N PRO A 24 -5.76 6.29 -4.94
CA PRO A 24 -5.17 7.22 -3.97
C PRO A 24 -5.63 8.65 -4.24
N SER A 25 -6.07 9.30 -3.16
CA SER A 25 -6.54 10.68 -3.27
C SER A 25 -5.59 11.61 -2.51
N PRO A 26 -5.67 12.92 -2.86
CA PRO A 26 -4.83 13.92 -2.22
C PRO A 26 -5.32 14.23 -0.81
N ASN A 27 -6.61 14.55 -0.73
CA ASN A 27 -7.22 14.87 0.55
C ASN A 27 -6.27 15.78 1.35
N MET A 28 -6.41 17.07 1.11
CA MET A 28 -5.57 18.05 1.80
C MET A 28 -5.46 17.72 3.28
N GLU A 29 -4.22 17.60 3.73
CA GLU A 29 -3.94 17.29 5.12
C GLU A 29 -2.95 18.28 5.72
N GLN A 30 -3.38 18.97 6.75
CA GLN A 30 -2.54 19.95 7.41
C GLN A 30 -1.73 20.73 6.38
N GLY A 31 -2.44 21.32 5.43
CA GLY A 31 -1.80 22.10 4.38
C GLY A 31 -1.11 21.18 3.37
N SER A 32 -0.02 20.56 3.82
CA SER A 32 0.73 19.65 2.97
C SER A 32 -0.20 18.58 2.40
N THR A 33 -0.56 18.78 1.14
CA THR A 33 -1.44 17.83 0.45
C THR A 33 -0.65 16.60 0.00
N TYR A 34 -1.01 15.47 0.58
CA TYR A 34 -0.35 14.21 0.25
C TYR A 34 -0.95 13.59 -1.02
N LYS A 35 -0.31 13.89 -2.14
CA LYS A 35 -0.77 13.37 -3.42
C LYS A 35 -0.24 11.95 -3.61
N LYS A 36 -1.01 11.15 -4.31
CA LYS A 36 -0.64 9.77 -4.58
C LYS A 36 -0.63 8.99 -3.26
N THR A 37 -1.77 9.04 -2.57
CA THR A 37 -1.91 8.35 -1.30
C THR A 37 -3.35 7.88 -1.11
N PHE A 38 -3.50 6.79 -0.36
CA PHE A 38 -4.81 6.24 -0.09
C PHE A 38 -4.99 5.93 1.41
N LEU A 39 -6.12 6.36 1.94
CA LEU A 39 -6.42 6.13 3.35
C LEU A 39 -6.18 4.65 3.68
N GLY A 40 -5.82 4.41 4.93
CA GLY A 40 -5.57 3.06 5.40
C GLY A 40 -6.81 2.18 5.21
N SER A 41 -7.96 2.76 5.53
CA SER A 41 -9.22 2.04 5.41
C SER A 41 -9.51 1.73 3.94
N SER A 42 -9.18 2.69 3.09
CA SER A 42 -9.40 2.54 1.67
C SER A 42 -8.78 1.22 1.18
N LEU A 43 -7.55 0.99 1.60
CA LEU A 43 -6.83 -0.22 1.22
C LEU A 43 -7.59 -1.43 1.76
N VAL A 44 -7.76 -1.45 3.08
CA VAL A 44 -8.45 -2.55 3.73
C VAL A 44 -9.74 -2.85 2.96
N ASP A 45 -10.62 -1.86 2.91
CA ASP A 45 -11.87 -2.01 2.22
C ASP A 45 -11.62 -2.56 0.82
N TRP A 46 -10.69 -1.93 0.13
CA TRP A 46 -10.34 -2.34 -1.22
C TRP A 46 -9.98 -3.83 -1.17
N LEU A 47 -8.89 -4.12 -0.47
CA LEU A 47 -8.42 -5.49 -0.35
C LEU A 47 -9.62 -6.42 -0.21
N ILE A 48 -10.52 -6.04 0.69
CA ILE A 48 -11.72 -6.83 0.94
C ILE A 48 -12.56 -6.88 -0.34
N SER A 49 -12.93 -5.69 -0.82
CA SER A 49 -13.73 -5.57 -2.01
C SER A 49 -13.07 -6.35 -3.16
N SER A 50 -11.75 -6.44 -3.09
CA SER A 50 -10.99 -7.14 -4.11
C SER A 50 -11.12 -8.66 -3.90
N ASN A 51 -11.64 -9.02 -2.74
CA ASN A 51 -11.82 -10.42 -2.42
C ASN A 51 -10.50 -11.01 -1.91
N PHE A 52 -9.60 -10.11 -1.51
CA PHE A 52 -8.30 -10.52 -1.02
C PHE A 52 -8.34 -10.77 0.49
N ALA A 53 -9.33 -10.17 1.13
CA ALA A 53 -9.49 -10.33 2.57
C ALA A 53 -10.97 -10.61 2.89
N ALA A 54 -11.18 -11.17 4.07
CA ALA A 54 -12.53 -11.48 4.51
C ALA A 54 -13.01 -10.43 5.50
N SER A 55 -12.08 -9.94 6.29
CA SER A 55 -12.39 -8.92 7.29
C SER A 55 -11.27 -7.88 7.34
N ARG A 56 -11.64 -6.69 7.81
CA ARG A 56 -10.68 -5.60 7.91
C ARG A 56 -9.32 -6.14 8.36
N LEU A 57 -9.36 -7.21 9.14
CA LEU A 57 -8.14 -7.82 9.64
C LEU A 57 -7.34 -8.38 8.46
N GLU A 58 -7.91 -9.41 7.84
CA GLU A 58 -7.25 -10.05 6.70
C GLU A 58 -6.66 -8.98 5.77
N ALA A 59 -7.40 -7.91 5.60
CA ALA A 59 -6.96 -6.82 4.74
C ALA A 59 -5.77 -6.11 5.40
N VAL A 60 -5.94 -5.84 6.69
CA VAL A 60 -4.89 -5.16 7.45
C VAL A 60 -3.57 -5.91 7.27
N THR A 61 -3.66 -7.22 7.41
CA THR A 61 -2.48 -8.07 7.27
C THR A 61 -1.96 -8.02 5.83
N LEU A 62 -2.89 -8.08 4.90
CA LEU A 62 -2.54 -8.04 3.48
C LEU A 62 -1.85 -6.72 3.16
N ALA A 63 -2.34 -5.66 3.81
CA ALA A 63 -1.78 -4.34 3.60
C ALA A 63 -0.31 -4.35 4.02
N SER A 64 -0.09 -4.64 5.30
CA SER A 64 1.25 -4.68 5.83
C SER A 64 2.16 -5.53 4.93
N MET A 65 1.60 -6.64 4.46
CA MET A 65 2.34 -7.53 3.59
C MET A 65 2.86 -6.79 2.36
N LEU A 66 1.95 -6.06 1.73
CA LEU A 66 2.30 -5.30 0.54
C LEU A 66 3.41 -4.30 0.87
N MET A 67 3.22 -3.61 1.99
CA MET A 67 4.19 -2.64 2.44
C MET A 67 5.58 -3.27 2.60
N GLU A 68 5.58 -4.47 3.15
CA GLU A 68 6.81 -5.19 3.37
C GLU A 68 7.48 -5.54 2.04
N GLU A 69 6.66 -6.01 1.11
CA GLU A 69 7.15 -6.38 -0.21
C GLU A 69 7.73 -5.16 -0.92
N ASN A 70 7.47 -3.99 -0.33
CA ASN A 70 7.97 -2.75 -0.89
C ASN A 70 6.97 -2.23 -1.93
N PHE A 71 5.73 -2.66 -1.77
CA PHE A 71 4.68 -2.26 -2.68
C PHE A 71 3.97 -0.99 -2.17
N LEU A 72 4.11 -0.76 -0.87
CA LEU A 72 3.50 0.40 -0.25
C LEU A 72 4.29 0.78 1.01
N ARG A 73 3.89 1.90 1.60
CA ARG A 73 4.56 2.38 2.80
C ARG A 73 3.60 3.22 3.64
N PRO A 74 3.85 3.23 4.97
CA PRO A 74 3.01 3.98 5.89
C PRO A 74 3.31 5.48 5.79
N VAL A 75 2.35 6.20 5.21
CA VAL A 75 2.50 7.63 5.04
C VAL A 75 2.44 8.31 6.41
N GLY A 76 3.30 9.30 6.58
CA GLY A 76 3.36 10.03 7.84
C GLY A 76 2.02 10.73 8.12
N VAL A 77 2.09 11.74 8.98
CA VAL A 77 0.90 12.49 9.34
C VAL A 77 0.12 11.72 10.41
N ARG A 78 -0.17 10.46 10.08
CA ARG A 78 -0.91 9.61 11.01
C ARG A 78 -0.05 8.40 11.41
N SER A 79 0.06 7.45 10.50
CA SER A 79 0.85 6.26 10.74
C SER A 79 2.30 6.63 11.01
N MET A 80 3.20 5.75 10.57
CA MET A 80 4.61 5.98 10.76
C MET A 80 4.97 6.09 12.24
N GLY A 81 6.27 6.22 12.50
CA GLY A 81 6.74 6.33 13.87
C GLY A 81 7.99 5.49 14.08
N ALA A 82 7.77 4.23 14.41
CA ALA A 82 8.86 3.30 14.65
C ALA A 82 9.03 2.39 13.43
N ILE A 83 7.93 2.20 12.71
CA ILE A 83 7.93 1.36 11.53
C ILE A 83 8.39 -0.05 11.91
N ARG A 84 7.96 -1.01 11.11
CA ARG A 84 8.32 -2.40 11.36
C ARG A 84 8.25 -3.20 10.05
N SER A 85 8.73 -2.57 8.98
CA SER A 85 8.72 -3.21 7.67
C SER A 85 9.92 -4.15 7.56
N GLY A 86 9.78 -5.32 8.15
CA GLY A 86 10.84 -6.32 8.12
C GLY A 86 10.39 -7.63 8.76
N ASP A 87 9.91 -7.52 10.00
CA ASP A 87 9.44 -8.68 10.72
C ASP A 87 8.02 -9.02 10.27
N LEU A 88 7.46 -10.04 10.90
CA LEU A 88 6.11 -10.47 10.58
C LEU A 88 5.12 -9.38 10.97
N ALA A 89 5.63 -8.41 11.72
CA ALA A 89 4.80 -7.30 12.17
C ALA A 89 3.84 -6.90 11.05
N GLU A 90 2.67 -6.43 11.46
CA GLU A 90 1.66 -6.01 10.51
C GLU A 90 1.30 -4.54 10.73
N GLN A 91 2.34 -3.73 10.86
CA GLN A 91 2.14 -2.30 11.08
C GLN A 91 1.21 -1.73 10.01
N PHE A 92 -0.04 -1.50 10.41
CA PHE A 92 -1.03 -0.96 9.50
C PHE A 92 -2.36 -0.72 10.23
N LEU A 93 -2.92 0.45 9.98
CA LEU A 93 -4.19 0.82 10.60
C LEU A 93 -5.31 0.71 9.55
N ASP A 94 -6.53 0.76 10.05
CA ASP A 94 -7.70 0.69 9.17
C ASP A 94 -8.63 1.85 9.47
N ASP A 95 -8.16 3.05 9.15
CA ASP A 95 -8.94 4.26 9.38
C ASP A 95 -8.65 5.26 8.27
N SER A 96 -9.51 6.27 8.19
CA SER A 96 -9.36 7.30 7.18
C SER A 96 -8.03 8.03 7.36
N THR A 97 -7.87 8.59 8.55
CA THR A 97 -6.65 9.32 8.87
C THR A 97 -5.43 8.60 8.27
N ALA A 98 -5.11 7.47 8.87
CA ALA A 98 -3.97 6.68 8.43
C ALA A 98 -3.94 6.66 6.90
N LEU A 99 -2.79 6.97 6.34
CA LEU A 99 -2.61 6.99 4.91
C LEU A 99 -1.52 5.99 4.51
N TYR A 100 -1.38 5.80 3.21
CA TYR A 100 -0.39 4.89 2.69
C TYR A 100 -0.14 5.13 1.20
N THR A 101 1.13 5.05 0.82
CA THR A 101 1.51 5.25 -0.56
C THR A 101 2.25 4.03 -1.11
N PHE A 102 2.54 4.07 -2.39
CA PHE A 102 3.23 2.98 -3.05
C PHE A 102 4.75 3.11 -2.88
N ALA A 103 5.37 1.99 -2.53
CA ALA A 103 6.81 1.97 -2.33
C ALA A 103 7.51 1.90 -3.69
N GLU A 104 8.19 2.99 -4.02
CA GLU A 104 8.91 3.07 -5.28
C GLU A 104 10.03 2.03 -5.32
N SER A 105 9.82 1.01 -6.15
CA SER A 105 10.80 -0.05 -6.29
C SER A 105 10.27 -1.14 -7.22
N TYR A 106 10.40 -0.88 -8.51
CA TYR A 106 9.94 -1.83 -9.51
C TYR A 106 10.96 -1.98 -10.63
N LYS A 107 10.79 -3.05 -11.41
CA LYS A 107 11.70 -3.32 -12.51
C LYS A 107 10.90 -3.90 -13.69
N LYS A 108 9.64 -3.48 -13.77
CA LYS A 108 8.76 -3.94 -14.83
C LYS A 108 8.31 -5.37 -14.53
N LYS A 109 7.71 -5.53 -13.36
CA LYS A 109 7.23 -6.85 -12.94
C LYS A 109 8.23 -7.91 -13.37
N VAL A 110 9.24 -8.10 -12.54
CA VAL A 110 10.27 -9.09 -12.83
C VAL A 110 9.71 -10.50 -12.61
N SER A 111 8.83 -10.89 -13.52
CA SER A 111 8.20 -12.19 -13.44
C SER A 111 8.07 -12.80 -14.84
N SER A 112 8.58 -14.02 -14.97
CA SER A 112 8.53 -14.71 -16.24
C SER A 112 7.12 -14.60 -16.84
N LYS A 113 7.06 -13.97 -18.01
CA LYS A 113 5.79 -13.78 -18.70
C LYS A 113 4.90 -12.86 -17.86
N GLU A 114 3.64 -12.80 -18.27
CA GLU A 114 2.67 -11.96 -17.57
C GLU A 114 3.22 -10.54 -17.42
N SER A 115 2.83 -9.70 -18.36
CA SER A 115 3.27 -8.31 -18.34
C SER A 115 2.43 -7.48 -19.31
N GLY A 116 1.35 -6.92 -18.77
CA GLY A 116 0.46 -6.09 -19.57
C GLY A 116 -0.87 -5.89 -18.86
N PRO A 117 -1.21 -4.58 -18.63
CA PRO A 117 -2.45 -4.22 -17.95
C PRO A 117 -3.64 -4.40 -18.89
N SER A 118 -3.47 -3.95 -20.12
CA SER A 118 -4.53 -4.06 -21.11
C SER A 118 -5.74 -3.25 -20.67
N SER A 119 -6.26 -2.45 -21.61
CA SER A 119 -7.41 -1.62 -21.32
C SER A 119 -8.68 -2.27 -21.90
N GLY A 120 -9.73 -2.25 -21.09
CA GLY A 120 -10.99 -2.83 -21.51
C GLY A 120 -12.17 -1.93 -21.11
N GLY A 1 4.38 -21.54 -9.28
CA GLY A 1 4.01 -21.08 -7.95
C GLY A 1 3.77 -22.28 -7.01
N SER A 2 4.07 -22.07 -5.74
CA SER A 2 3.89 -23.10 -4.75
C SER A 2 3.55 -22.48 -3.39
N SER A 3 4.42 -21.59 -2.94
CA SER A 3 4.21 -20.91 -1.67
C SER A 3 5.01 -19.61 -1.64
N GLY A 4 4.73 -18.82 -0.62
CA GLY A 4 5.40 -17.53 -0.46
C GLY A 4 4.51 -16.38 -0.93
N SER A 5 5.16 -15.30 -1.35
CA SER A 5 4.44 -14.14 -1.82
C SER A 5 3.87 -14.39 -3.22
N SER A 6 2.83 -15.22 -3.25
CA SER A 6 2.18 -15.56 -4.50
C SER A 6 0.78 -14.94 -4.55
N GLY A 7 0.74 -13.64 -4.28
CA GLY A 7 -0.53 -12.93 -4.31
C GLY A 7 -0.29 -11.42 -4.32
N LEU A 8 0.45 -10.95 -3.33
CA LEU A 8 0.76 -9.54 -3.21
C LEU A 8 1.07 -8.97 -4.61
N HIS A 9 1.59 -9.84 -5.45
CA HIS A 9 1.94 -9.45 -6.81
C HIS A 9 0.66 -9.15 -7.60
N ARG A 10 -0.22 -10.13 -7.63
CA ARG A 10 -1.47 -9.98 -8.35
C ARG A 10 -2.33 -8.89 -7.70
N ILE A 11 -2.02 -8.60 -6.44
CA ILE A 11 -2.74 -7.59 -5.70
C ILE A 11 -2.23 -6.21 -6.10
N VAL A 12 -0.92 -6.12 -6.25
CA VAL A 12 -0.28 -4.87 -6.63
C VAL A 12 -0.74 -4.48 -8.04
N ASP A 13 -0.90 -5.50 -8.88
CA ASP A 13 -1.33 -5.27 -10.25
C ASP A 13 -2.70 -4.58 -10.24
N LYS A 14 -3.60 -5.14 -9.46
CA LYS A 14 -4.95 -4.59 -9.36
C LYS A 14 -4.86 -3.13 -8.90
N MET A 15 -4.06 -2.92 -7.86
CA MET A 15 -3.88 -1.59 -7.32
C MET A 15 -3.27 -0.65 -8.36
N HIS A 16 -2.42 -1.22 -9.21
CA HIS A 16 -1.76 -0.45 -10.24
C HIS A 16 -2.81 0.17 -11.17
N ASP A 17 -4.00 -0.44 -11.15
CA ASP A 17 -5.09 0.04 -11.98
C ASP A 17 -5.87 1.12 -11.23
N THR A 18 -6.73 1.80 -11.96
CA THR A 18 -7.54 2.85 -11.37
C THR A 18 -9.03 2.52 -11.51
N SER A 19 -9.37 1.94 -12.65
CA SER A 19 -10.75 1.57 -12.92
C SER A 19 -11.25 0.59 -11.86
N THR A 20 -10.49 -0.48 -11.67
CA THR A 20 -10.83 -1.49 -10.69
C THR A 20 -9.85 -1.47 -9.53
N GLY A 21 -8.69 -0.87 -9.78
CA GLY A 21 -7.67 -0.78 -8.76
C GLY A 21 -8.08 0.20 -7.65
N ILE A 22 -7.07 0.74 -6.98
CA ILE A 22 -7.32 1.68 -5.90
C ILE A 22 -7.44 3.09 -6.47
N ARG A 23 -7.73 4.03 -5.58
CA ARG A 23 -7.87 5.42 -5.99
C ARG A 23 -7.45 6.35 -4.85
N PRO A 24 -6.15 6.73 -4.88
CA PRO A 24 -5.60 7.61 -3.85
C PRO A 24 -6.06 9.05 -4.08
N SER A 25 -6.61 9.64 -3.03
CA SER A 25 -7.08 11.01 -3.09
C SER A 25 -6.29 11.89 -2.13
N PRO A 26 -6.17 13.19 -2.50
CA PRO A 26 -5.44 14.15 -1.68
C PRO A 26 -6.26 14.53 -0.44
N ASN A 27 -6.48 13.55 0.42
CA ASN A 27 -7.23 13.78 1.63
C ASN A 27 -6.63 14.97 2.39
N MET A 28 -5.30 15.00 2.41
CA MET A 28 -4.59 16.07 3.08
C MET A 28 -4.82 16.01 4.59
N GLU A 29 -3.75 16.24 5.34
CA GLU A 29 -3.81 16.22 6.79
C GLU A 29 -3.45 17.58 7.37
N GLN A 30 -2.38 18.15 6.83
CA GLN A 30 -1.91 19.46 7.28
C GLN A 30 -1.02 20.10 6.22
N GLY A 31 -0.04 19.34 5.77
CA GLY A 31 0.88 19.82 4.76
C GLY A 31 1.21 18.72 3.74
N SER A 32 1.95 19.11 2.71
CA SER A 32 2.34 18.17 1.67
C SER A 32 1.09 17.46 1.12
N THR A 33 0.53 18.06 0.09
CA THR A 33 -0.67 17.51 -0.55
C THR A 33 -0.37 16.10 -1.06
N TYR A 34 -0.91 15.12 -0.35
CA TYR A 34 -0.72 13.73 -0.74
C TYR A 34 -1.83 13.27 -1.68
N LYS A 35 -1.73 13.70 -2.93
CA LYS A 35 -2.72 13.34 -3.93
C LYS A 35 -2.45 11.91 -4.40
N LYS A 36 -1.26 11.42 -4.07
CA LYS A 36 -0.87 10.07 -4.45
C LYS A 36 -0.81 9.19 -3.21
N THR A 37 -1.91 9.18 -2.47
CA THR A 37 -1.99 8.39 -1.25
C THR A 37 -3.43 7.95 -0.99
N PHE A 38 -3.56 6.84 -0.28
CA PHE A 38 -4.86 6.31 0.04
C PHE A 38 -4.95 5.92 1.52
N LEU A 39 -6.05 6.34 2.15
CA LEU A 39 -6.26 6.04 3.55
C LEU A 39 -6.10 4.54 3.78
N GLY A 40 -5.69 4.20 4.99
CA GLY A 40 -5.50 2.80 5.35
C GLY A 40 -6.79 2.01 5.22
N SER A 41 -7.89 2.69 5.51
CA SER A 41 -9.20 2.06 5.42
C SER A 41 -9.57 1.82 3.95
N SER A 42 -9.17 2.77 3.11
CA SER A 42 -9.45 2.68 1.69
C SER A 42 -8.84 1.39 1.12
N LEU A 43 -7.66 1.06 1.63
CA LEU A 43 -6.96 -0.13 1.18
C LEU A 43 -7.67 -1.37 1.72
N VAL A 44 -7.83 -1.38 3.05
CA VAL A 44 -8.48 -2.50 3.71
C VAL A 44 -9.79 -2.82 2.98
N ASP A 45 -10.70 -1.87 3.01
CA ASP A 45 -11.99 -2.04 2.36
C ASP A 45 -11.78 -2.57 0.94
N TRP A 46 -10.80 -1.96 0.26
CA TRP A 46 -10.48 -2.36 -1.10
C TRP A 46 -10.13 -3.85 -1.09
N LEU A 47 -9.01 -4.15 -0.45
CA LEU A 47 -8.55 -5.53 -0.36
C LEU A 47 -9.76 -6.46 -0.18
N ILE A 48 -10.63 -6.07 0.75
CA ILE A 48 -11.81 -6.85 1.03
C ILE A 48 -12.67 -6.95 -0.24
N SER A 49 -12.96 -5.79 -0.81
CA SER A 49 -13.76 -5.73 -2.01
C SER A 49 -13.06 -6.49 -3.15
N SER A 50 -11.74 -6.48 -3.09
CA SER A 50 -10.94 -7.17 -4.09
C SER A 50 -11.09 -8.68 -3.94
N ASN A 51 -11.63 -9.07 -2.80
CA ASN A 51 -11.83 -10.48 -2.52
C ASN A 51 -10.52 -11.10 -2.03
N PHE A 52 -9.62 -10.23 -1.59
CA PHE A 52 -8.33 -10.67 -1.09
C PHE A 52 -8.38 -10.91 0.42
N ALA A 53 -9.33 -10.25 1.06
CA ALA A 53 -9.50 -10.38 2.49
C ALA A 53 -10.97 -10.66 2.82
N ALA A 54 -11.19 -11.20 4.00
CA ALA A 54 -12.53 -11.54 4.44
C ALA A 54 -13.02 -10.48 5.43
N SER A 55 -12.08 -9.96 6.21
CA SER A 55 -12.40 -8.93 7.19
C SER A 55 -11.27 -7.90 7.25
N ARG A 56 -11.63 -6.72 7.75
CA ARG A 56 -10.67 -5.64 7.87
C ARG A 56 -9.30 -6.19 8.29
N LEU A 57 -9.34 -7.23 9.11
CA LEU A 57 -8.12 -7.86 9.58
C LEU A 57 -7.32 -8.39 8.39
N GLU A 58 -7.88 -9.41 7.76
CA GLU A 58 -7.24 -10.02 6.61
C GLU A 58 -6.68 -8.95 5.68
N ALA A 59 -7.40 -7.83 5.63
CA ALA A 59 -6.98 -6.72 4.78
C ALA A 59 -5.84 -5.96 5.46
N VAL A 60 -6.02 -5.72 6.75
CA VAL A 60 -5.02 -5.00 7.53
C VAL A 60 -3.67 -5.68 7.34
N THR A 61 -3.69 -7.00 7.41
CA THR A 61 -2.47 -7.78 7.26
C THR A 61 -1.98 -7.73 5.81
N LEU A 62 -2.94 -7.83 4.89
CA LEU A 62 -2.63 -7.80 3.48
C LEU A 62 -1.88 -6.50 3.16
N ALA A 63 -2.30 -5.43 3.81
CA ALA A 63 -1.68 -4.13 3.60
C ALA A 63 -0.22 -4.19 4.05
N SER A 64 -0.04 -4.52 5.32
CA SER A 64 1.31 -4.61 5.88
C SER A 64 2.16 -5.56 5.03
N MET A 65 1.50 -6.58 4.49
CA MET A 65 2.17 -7.55 3.66
C MET A 65 2.75 -6.92 2.40
N LEU A 66 1.93 -6.06 1.78
CA LEU A 66 2.34 -5.38 0.57
C LEU A 66 3.54 -4.48 0.88
N MET A 67 3.45 -3.79 2.01
CA MET A 67 4.51 -2.90 2.42
C MET A 67 5.83 -3.65 2.56
N GLU A 68 5.73 -4.86 3.08
CA GLU A 68 6.91 -5.69 3.27
C GLU A 68 7.62 -5.93 1.93
N GLU A 69 6.83 -6.34 0.94
CA GLU A 69 7.37 -6.60 -0.38
C GLU A 69 7.92 -5.31 -0.99
N ASN A 70 7.61 -4.20 -0.34
CA ASN A 70 8.06 -2.90 -0.80
C ASN A 70 7.10 -2.38 -1.87
N PHE A 71 5.83 -2.67 -1.67
CA PHE A 71 4.80 -2.25 -2.61
C PHE A 71 4.13 -0.95 -2.13
N LEU A 72 4.15 -0.77 -0.82
CA LEU A 72 3.54 0.41 -0.23
C LEU A 72 4.35 0.83 1.01
N ARG A 73 3.97 1.96 1.57
CA ARG A 73 4.63 2.48 2.75
C ARG A 73 3.68 3.36 3.56
N PRO A 74 4.01 3.50 4.87
CA PRO A 74 3.20 4.30 5.77
C PRO A 74 3.43 5.80 5.52
N VAL A 75 2.32 6.52 5.39
CA VAL A 75 2.38 7.94 5.14
C VAL A 75 1.57 8.67 6.22
N GLY A 76 1.81 9.97 6.32
CA GLY A 76 1.11 10.79 7.29
C GLY A 76 1.84 10.78 8.64
N VAL A 77 1.39 9.88 9.51
CA VAL A 77 1.98 9.76 10.83
C VAL A 77 1.29 8.62 11.59
N ARG A 78 -0.03 8.65 11.57
CA ARG A 78 -0.81 7.63 12.25
C ARG A 78 -0.19 6.25 12.03
N SER A 79 0.13 5.96 10.77
CA SER A 79 0.74 4.70 10.43
C SER A 79 2.12 4.58 11.07
N MET A 80 2.83 5.70 11.08
CA MET A 80 4.16 5.73 11.66
C MET A 80 4.12 5.46 13.16
N GLY A 81 3.85 4.21 13.50
CA GLY A 81 3.78 3.81 14.90
C GLY A 81 4.95 2.92 15.27
N ALA A 82 4.86 1.66 14.87
CA ALA A 82 5.91 0.69 15.16
C ALA A 82 6.64 0.35 13.87
N ILE A 83 6.86 1.37 13.06
CA ILE A 83 7.55 1.19 11.80
C ILE A 83 8.97 0.68 12.06
N ARG A 84 9.58 0.17 11.01
CA ARG A 84 10.94 -0.35 11.12
C ARG A 84 11.77 0.04 9.89
N SER A 85 13.07 0.11 10.09
CA SER A 85 13.98 0.48 9.01
C SER A 85 14.75 -0.75 8.53
N GLY A 86 14.01 -1.84 8.36
CA GLY A 86 14.63 -3.09 7.91
C GLY A 86 13.57 -4.18 7.76
N ASP A 87 12.89 -4.16 6.62
CA ASP A 87 11.87 -5.16 6.36
C ASP A 87 11.06 -5.41 7.63
N LEU A 88 10.39 -6.56 7.65
CA LEU A 88 9.59 -6.93 8.79
C LEU A 88 8.29 -6.12 8.80
N ALA A 89 8.14 -5.30 7.76
CA ALA A 89 6.97 -4.46 7.64
C ALA A 89 5.72 -5.27 8.02
N GLU A 90 5.30 -5.09 9.25
CA GLU A 90 4.13 -5.80 9.76
C GLU A 90 3.24 -4.84 10.56
N GLN A 91 3.32 -3.58 10.22
CA GLN A 91 2.53 -2.56 10.89
C GLN A 91 1.59 -1.87 9.91
N PHE A 92 0.37 -1.63 10.37
CA PHE A 92 -0.63 -0.97 9.55
C PHE A 92 -1.90 -0.68 10.35
N LEU A 93 -2.70 0.22 9.80
CA LEU A 93 -3.95 0.60 10.47
C LEU A 93 -5.09 0.51 9.45
N ASP A 94 -6.30 0.76 9.96
CA ASP A 94 -7.48 0.72 9.12
C ASP A 94 -8.41 1.87 9.48
N ASP A 95 -7.96 3.08 9.18
CA ASP A 95 -8.73 4.27 9.47
C ASP A 95 -8.63 5.24 8.30
N SER A 96 -9.04 6.47 8.55
CA SER A 96 -9.00 7.50 7.53
C SER A 96 -7.78 8.39 7.72
N THR A 97 -7.26 8.36 8.93
CA THR A 97 -6.08 9.16 9.27
C THR A 97 -4.81 8.47 8.75
N ALA A 98 -4.81 7.15 8.84
CA ALA A 98 -3.68 6.37 8.40
C ALA A 98 -3.56 6.46 6.87
N LEU A 99 -2.42 6.96 6.43
CA LEU A 99 -2.17 7.11 5.00
C LEU A 99 -1.13 6.09 4.56
N TYR A 100 -1.14 5.80 3.26
CA TYR A 100 -0.19 4.85 2.70
C TYR A 100 0.01 5.09 1.20
N THR A 101 1.27 5.01 0.79
CA THR A 101 1.61 5.22 -0.61
C THR A 101 2.37 4.01 -1.16
N PHE A 102 2.62 4.06 -2.46
CA PHE A 102 3.34 2.98 -3.11
C PHE A 102 4.85 3.14 -2.96
N ALA A 103 5.50 2.04 -2.61
CA ALA A 103 6.94 2.05 -2.43
C ALA A 103 7.63 2.00 -3.79
N GLU A 104 8.16 3.15 -4.19
CA GLU A 104 8.85 3.24 -5.47
C GLU A 104 10.08 2.33 -5.49
N SER A 105 9.95 1.23 -6.22
CA SER A 105 11.03 0.27 -6.33
C SER A 105 10.83 -0.61 -7.56
N TYR A 106 10.46 0.04 -8.66
CA TYR A 106 10.23 -0.68 -9.91
C TYR A 106 10.34 0.27 -11.10
N LYS A 107 10.03 -0.27 -12.28
CA LYS A 107 10.09 0.51 -13.50
C LYS A 107 9.02 1.61 -13.44
N LYS A 108 9.49 2.84 -13.54
CA LYS A 108 8.59 3.99 -13.51
C LYS A 108 9.39 5.27 -13.72
N LYS A 109 9.71 5.53 -14.98
CA LYS A 109 10.47 6.71 -15.34
C LYS A 109 11.57 6.94 -14.30
N VAL A 110 12.07 5.83 -13.77
CA VAL A 110 13.12 5.89 -12.76
C VAL A 110 14.18 6.89 -13.21
N SER A 111 14.10 8.10 -12.68
CA SER A 111 15.05 9.14 -13.01
C SER A 111 14.93 9.50 -14.49
N SER A 112 15.24 10.75 -14.80
CA SER A 112 15.17 11.23 -16.16
C SER A 112 16.48 10.92 -16.90
N LYS A 113 17.54 11.55 -16.43
CA LYS A 113 18.85 11.34 -17.03
C LYS A 113 18.90 12.05 -18.39
N GLU A 114 20.11 12.37 -18.81
CA GLU A 114 20.30 13.05 -20.08
C GLU A 114 19.94 14.52 -19.96
N SER A 115 20.37 15.29 -20.95
CA SER A 115 20.09 16.71 -20.98
C SER A 115 20.77 17.40 -19.79
N GLY A 116 21.70 18.29 -20.11
CA GLY A 116 22.42 19.01 -19.08
C GLY A 116 22.62 20.48 -19.48
N PRO A 117 23.71 20.73 -20.25
CA PRO A 117 24.01 22.08 -20.70
C PRO A 117 23.07 22.50 -21.83
N SER A 118 23.16 23.78 -22.17
CA SER A 118 22.33 24.32 -23.23
C SER A 118 22.26 23.34 -24.41
N SER A 119 21.22 23.49 -25.20
CA SER A 119 21.03 22.63 -26.36
C SER A 119 21.32 21.18 -25.98
N GLY A 120 20.26 20.49 -25.56
CA GLY A 120 20.38 19.10 -25.16
C GLY A 120 19.86 18.89 -23.74
N GLY A 1 10.01 -20.18 -12.96
CA GLY A 1 10.56 -19.35 -11.89
C GLY A 1 9.71 -19.46 -10.62
N SER A 2 10.35 -19.24 -9.49
CA SER A 2 9.67 -19.32 -8.20
C SER A 2 8.91 -18.02 -7.94
N SER A 3 8.06 -18.07 -6.93
CA SER A 3 7.26 -16.91 -6.57
C SER A 3 6.63 -17.11 -5.19
N GLY A 4 7.23 -16.49 -4.20
CA GLY A 4 6.75 -16.59 -2.83
C GLY A 4 5.48 -15.76 -2.64
N SER A 5 5.55 -14.52 -3.11
CA SER A 5 4.42 -13.61 -2.99
C SER A 5 3.64 -13.58 -4.30
N SER A 6 2.75 -14.54 -4.45
CA SER A 6 1.93 -14.63 -5.65
C SER A 6 0.69 -13.74 -5.51
N GLY A 7 0.01 -13.89 -4.39
CA GLY A 7 -1.18 -13.11 -4.12
C GLY A 7 -0.88 -11.61 -4.17
N LEU A 8 0.16 -11.22 -3.44
CA LEU A 8 0.56 -9.83 -3.40
C LEU A 8 0.80 -9.33 -4.82
N HIS A 9 1.76 -9.96 -5.48
CA HIS A 9 2.10 -9.59 -6.85
C HIS A 9 0.83 -9.44 -7.67
N ARG A 10 -0.19 -10.20 -7.28
CA ARG A 10 -1.46 -10.16 -7.97
C ARG A 10 -2.30 -8.97 -7.49
N ILE A 11 -2.31 -8.81 -6.17
CA ILE A 11 -3.06 -7.72 -5.56
C ILE A 11 -2.48 -6.39 -6.01
N VAL A 12 -1.19 -6.22 -5.74
CA VAL A 12 -0.50 -5.00 -6.11
C VAL A 12 -0.91 -4.59 -7.53
N ASP A 13 -0.69 -5.52 -8.46
CA ASP A 13 -1.03 -5.27 -9.85
C ASP A 13 -2.37 -4.54 -9.92
N LYS A 14 -3.34 -5.06 -9.16
CA LYS A 14 -4.66 -4.46 -9.13
C LYS A 14 -4.56 -3.05 -8.57
N MET A 15 -3.99 -2.96 -7.38
CA MET A 15 -3.83 -1.67 -6.73
C MET A 15 -3.12 -0.67 -7.64
N HIS A 16 -2.33 -1.21 -8.56
CA HIS A 16 -1.59 -0.38 -9.50
C HIS A 16 -2.57 0.26 -10.49
N ASP A 17 -3.76 -0.29 -10.55
CA ASP A 17 -4.78 0.22 -11.44
C ASP A 17 -5.59 1.31 -10.71
N THR A 18 -6.27 2.12 -11.52
CA THR A 18 -7.07 3.19 -10.96
C THR A 18 -8.56 2.92 -11.20
N SER A 19 -8.83 1.90 -12.00
CA SER A 19 -10.19 1.52 -12.31
C SER A 19 -10.75 0.61 -11.21
N THR A 20 -10.40 -0.66 -11.31
CA THR A 20 -10.86 -1.63 -10.32
C THR A 20 -9.89 -1.70 -9.14
N GLY A 21 -8.73 -1.08 -9.33
CA GLY A 21 -7.72 -1.06 -8.29
C GLY A 21 -8.03 0.01 -7.24
N ILE A 22 -6.97 0.53 -6.64
CA ILE A 22 -7.12 1.56 -5.62
C ILE A 22 -7.17 2.93 -6.28
N ARG A 23 -7.76 3.88 -5.57
CA ARG A 23 -7.87 5.24 -6.08
C ARG A 23 -7.36 6.24 -5.04
N PRO A 24 -6.03 6.51 -5.13
CA PRO A 24 -5.40 7.45 -4.21
C PRO A 24 -5.75 8.89 -4.56
N SER A 25 -6.63 9.46 -3.75
CA SER A 25 -7.06 10.83 -3.97
C SER A 25 -6.16 11.79 -3.20
N PRO A 26 -5.71 12.86 -3.91
CA PRO A 26 -4.85 13.86 -3.31
C PRO A 26 -5.64 14.77 -2.36
N ASN A 27 -6.16 14.16 -1.31
CA ASN A 27 -6.93 14.90 -0.33
C ASN A 27 -6.00 15.85 0.44
N MET A 28 -5.95 17.09 -0.02
CA MET A 28 -5.11 18.10 0.61
C MET A 28 -5.21 18.01 2.13
N GLU A 29 -4.10 17.60 2.74
CA GLU A 29 -4.05 17.48 4.18
C GLU A 29 -3.52 18.77 4.81
N GLN A 30 -4.40 19.47 5.51
CA GLN A 30 -4.02 20.71 6.16
C GLN A 30 -3.85 21.83 5.12
N GLY A 31 -2.91 21.59 4.21
CA GLY A 31 -2.64 22.56 3.16
C GLY A 31 -1.44 22.12 2.32
N SER A 32 -1.56 20.94 1.73
CA SER A 32 -0.50 20.40 0.91
C SER A 32 -0.86 18.99 0.44
N THR A 33 -0.46 18.69 -0.79
CA THR A 33 -0.73 17.39 -1.37
C THR A 33 0.34 16.38 -0.95
N TYR A 34 -0.11 15.16 -0.68
CA TYR A 34 0.80 14.09 -0.27
C TYR A 34 1.02 13.09 -1.39
N LYS A 35 0.76 13.55 -2.61
CA LYS A 35 0.93 12.71 -3.79
C LYS A 35 -0.16 11.63 -3.79
N LYS A 36 0.03 10.66 -4.67
CA LYS A 36 -0.92 9.56 -4.79
C LYS A 36 -0.86 8.71 -3.52
N THR A 37 -1.89 8.84 -2.71
CA THR A 37 -1.96 8.08 -1.46
C THR A 37 -3.42 7.71 -1.16
N PHE A 38 -3.58 6.62 -0.42
CA PHE A 38 -4.90 6.14 -0.05
C PHE A 38 -4.95 5.77 1.43
N LEU A 39 -6.02 6.20 2.08
CA LEU A 39 -6.21 5.92 3.49
C LEU A 39 -6.09 4.42 3.73
N GLY A 40 -5.78 4.07 4.98
CA GLY A 40 -5.63 2.67 5.35
C GLY A 40 -6.98 1.96 5.33
N SER A 41 -8.02 2.71 5.66
CA SER A 41 -9.37 2.16 5.68
C SER A 41 -9.86 1.92 4.25
N SER A 42 -9.45 2.81 3.36
CA SER A 42 -9.84 2.71 1.97
C SER A 42 -9.26 1.44 1.34
N LEU A 43 -7.96 1.28 1.52
CA LEU A 43 -7.26 0.13 0.98
C LEU A 43 -7.81 -1.14 1.65
N VAL A 44 -7.62 -1.21 2.97
CA VAL A 44 -8.08 -2.35 3.73
C VAL A 44 -9.43 -2.83 3.17
N ASP A 45 -10.40 -1.93 3.22
CA ASP A 45 -11.73 -2.24 2.71
C ASP A 45 -11.63 -2.76 1.29
N TRP A 46 -10.89 -2.00 0.47
CA TRP A 46 -10.70 -2.37 -0.92
C TRP A 46 -10.24 -3.83 -0.97
N LEU A 47 -9.10 -4.07 -0.34
CA LEU A 47 -8.54 -5.41 -0.30
C LEU A 47 -9.67 -6.42 -0.12
N ILE A 48 -10.59 -6.08 0.76
CA ILE A 48 -11.72 -6.95 1.05
C ILE A 48 -12.61 -7.03 -0.19
N SER A 49 -13.14 -5.87 -0.58
CA SER A 49 -14.01 -5.80 -1.74
C SER A 49 -13.32 -6.44 -2.95
N SER A 50 -12.00 -6.43 -2.91
CA SER A 50 -11.21 -7.01 -4.00
C SER A 50 -11.25 -8.53 -3.92
N ASN A 51 -11.71 -9.02 -2.78
CA ASN A 51 -11.80 -10.46 -2.56
C ASN A 51 -10.43 -11.00 -2.14
N PHE A 52 -9.60 -10.09 -1.68
CA PHE A 52 -8.26 -10.45 -1.25
C PHE A 52 -8.21 -10.63 0.28
N ALA A 53 -9.26 -10.15 0.93
CA ALA A 53 -9.35 -10.25 2.37
C ALA A 53 -10.75 -10.72 2.76
N ALA A 54 -10.82 -11.35 3.93
CA ALA A 54 -12.09 -11.86 4.43
C ALA A 54 -12.75 -10.80 5.31
N SER A 55 -11.91 -9.99 5.94
CA SER A 55 -12.39 -8.94 6.81
C SER A 55 -11.34 -7.84 6.94
N ARG A 56 -11.78 -6.72 7.50
CA ARG A 56 -10.89 -5.58 7.68
C ARG A 56 -9.53 -6.05 8.20
N LEU A 57 -9.56 -7.13 8.97
CA LEU A 57 -8.35 -7.68 9.54
C LEU A 57 -7.45 -8.20 8.41
N GLU A 58 -7.92 -9.26 7.77
CA GLU A 58 -7.18 -9.87 6.67
C GLU A 58 -6.55 -8.78 5.81
N ALA A 59 -7.35 -7.77 5.51
CA ALA A 59 -6.89 -6.66 4.69
C ALA A 59 -5.71 -5.97 5.38
N VAL A 60 -5.90 -5.71 6.66
CA VAL A 60 -4.86 -5.06 7.45
C VAL A 60 -3.56 -5.84 7.31
N THR A 61 -3.70 -7.16 7.27
CA THR A 61 -2.54 -8.03 7.14
C THR A 61 -2.03 -8.03 5.70
N LEU A 62 -2.97 -8.07 4.77
CA LEU A 62 -2.63 -8.07 3.36
C LEU A 62 -1.94 -6.76 3.00
N ALA A 63 -2.40 -5.69 3.63
CA ALA A 63 -1.84 -4.37 3.39
C ALA A 63 -0.39 -4.33 3.91
N SER A 64 -0.26 -4.62 5.19
CA SER A 64 1.06 -4.62 5.81
C SER A 64 2.01 -5.53 5.03
N MET A 65 1.44 -6.59 4.46
CA MET A 65 2.20 -7.54 3.69
C MET A 65 2.79 -6.89 2.44
N LEU A 66 1.98 -6.03 1.82
CA LEU A 66 2.40 -5.33 0.63
C LEU A 66 3.54 -4.36 0.97
N MET A 67 3.35 -3.65 2.07
CA MET A 67 4.33 -2.68 2.53
C MET A 67 5.69 -3.35 2.74
N GLU A 68 5.64 -4.58 3.26
CA GLU A 68 6.85 -5.34 3.53
C GLU A 68 7.54 -5.70 2.21
N GLU A 69 6.75 -6.19 1.27
CA GLU A 69 7.26 -6.57 -0.03
C GLU A 69 7.89 -5.36 -0.74
N ASN A 70 7.61 -4.19 -0.17
CA ASN A 70 8.13 -2.95 -0.74
C ASN A 70 7.18 -2.45 -1.82
N PHE A 71 5.91 -2.79 -1.65
CA PHE A 71 4.89 -2.38 -2.60
C PHE A 71 4.20 -1.10 -2.13
N LEU A 72 4.30 -0.85 -0.84
CA LEU A 72 3.68 0.34 -0.26
C LEU A 72 4.49 0.76 0.98
N ARG A 73 4.14 1.93 1.49
CA ARG A 73 4.81 2.47 2.66
C ARG A 73 3.87 3.41 3.42
N PRO A 74 4.14 3.51 4.76
CA PRO A 74 3.33 4.37 5.61
C PRO A 74 3.68 5.85 5.39
N VAL A 75 2.64 6.66 5.32
CA VAL A 75 2.83 8.09 5.12
C VAL A 75 2.11 8.85 6.24
N GLY A 76 2.32 10.16 6.22
CA GLY A 76 1.70 11.02 7.24
C GLY A 76 2.30 10.75 8.61
N VAL A 77 1.64 11.30 9.63
CA VAL A 77 2.10 11.13 11.00
C VAL A 77 1.33 9.99 11.65
N ARG A 78 0.07 9.87 11.26
CA ARG A 78 -0.79 8.83 11.80
C ARG A 78 -0.02 7.50 11.89
N SER A 79 0.28 6.94 10.73
CA SER A 79 1.01 5.69 10.67
C SER A 79 2.48 5.92 11.03
N MET A 80 3.34 5.10 10.44
CA MET A 80 4.76 5.20 10.70
C MET A 80 5.09 4.89 12.16
N GLY A 81 4.61 3.73 12.61
CA GLY A 81 4.85 3.31 13.97
C GLY A 81 5.73 2.07 14.02
N ALA A 82 6.99 2.30 14.38
CA ALA A 82 7.95 1.21 14.47
C ALA A 82 7.74 0.25 13.30
N ILE A 83 8.07 0.74 12.11
CA ILE A 83 7.91 -0.06 10.90
C ILE A 83 9.11 -1.00 10.77
N ARG A 84 8.81 -2.28 10.72
CA ARG A 84 9.85 -3.29 10.59
C ARG A 84 9.92 -3.80 9.14
N SER A 85 11.15 -3.94 8.65
CA SER A 85 11.37 -4.42 7.30
C SER A 85 12.29 -5.64 7.32
N GLY A 86 11.90 -6.64 8.11
CA GLY A 86 12.69 -7.85 8.21
C GLY A 86 11.77 -9.08 8.22
N ASP A 87 10.87 -9.11 9.18
CA ASP A 87 9.94 -10.23 9.29
C ASP A 87 8.57 -9.80 8.77
N LEU A 88 7.74 -10.80 8.50
CA LEU A 88 6.40 -10.53 7.99
C LEU A 88 5.80 -9.36 8.76
N ALA A 89 5.68 -9.54 10.07
CA ALA A 89 5.12 -8.51 10.92
C ALA A 89 3.72 -8.14 10.41
N GLU A 90 2.99 -7.45 11.26
CA GLU A 90 1.63 -7.03 10.92
C GLU A 90 1.39 -5.58 11.38
N GLN A 91 2.32 -4.71 10.98
CA GLN A 91 2.22 -3.31 11.33
C GLN A 91 1.38 -2.55 10.30
N PHE A 92 0.24 -2.06 10.75
CA PHE A 92 -0.65 -1.32 9.87
C PHE A 92 -1.88 -0.80 10.64
N LEU A 93 -2.64 0.04 9.97
CA LEU A 93 -3.84 0.60 10.56
C LEU A 93 -4.99 0.57 9.54
N ASP A 94 -6.18 0.83 10.04
CA ASP A 94 -7.36 0.83 9.19
C ASP A 94 -8.24 2.02 9.55
N ASP A 95 -7.82 3.20 9.12
CA ASP A 95 -8.57 4.41 9.40
C ASP A 95 -8.41 5.38 8.23
N SER A 96 -8.89 6.60 8.45
CA SER A 96 -8.81 7.62 7.42
C SER A 96 -7.53 8.45 7.60
N THR A 97 -7.18 8.67 8.86
CA THR A 97 -5.98 9.43 9.18
C THR A 97 -4.74 8.69 8.71
N ALA A 98 -4.85 7.37 8.67
CA ALA A 98 -3.74 6.53 8.24
C ALA A 98 -3.69 6.50 6.72
N LEU A 99 -2.60 7.00 6.17
CA LEU A 99 -2.41 7.03 4.73
C LEU A 99 -1.38 5.98 4.33
N TYR A 100 -1.22 5.81 3.02
CA TYR A 100 -0.28 4.85 2.50
C TYR A 100 0.00 5.10 1.01
N THR A 101 1.25 4.91 0.63
CA THR A 101 1.65 5.11 -0.75
C THR A 101 2.43 3.89 -1.26
N PHE A 102 2.55 3.81 -2.58
CA PHE A 102 3.26 2.71 -3.20
C PHE A 102 4.77 2.94 -3.15
N ALA A 103 5.47 1.91 -2.71
CA ALA A 103 6.92 1.98 -2.60
C ALA A 103 7.53 1.96 -4.01
N GLU A 104 8.82 2.27 -4.05
CA GLU A 104 9.53 2.29 -5.32
C GLU A 104 9.74 0.86 -5.84
N SER A 105 8.91 0.49 -6.79
CA SER A 105 8.98 -0.84 -7.38
C SER A 105 9.46 -0.75 -8.84
N TYR A 106 9.12 -1.77 -9.61
CA TYR A 106 9.50 -1.80 -11.01
C TYR A 106 9.07 -0.53 -11.72
N LYS A 107 9.59 -0.37 -12.93
CA LYS A 107 9.28 0.81 -13.74
C LYS A 107 7.78 1.09 -13.64
N LYS A 108 7.46 2.18 -12.96
CA LYS A 108 6.07 2.58 -12.79
C LYS A 108 6.01 3.95 -12.11
N LYS A 109 5.26 4.84 -12.72
CA LYS A 109 5.11 6.19 -12.20
C LYS A 109 4.96 6.12 -10.67
N VAL A 110 5.98 6.61 -9.98
CA VAL A 110 5.97 6.61 -8.53
C VAL A 110 7.16 7.42 -8.02
N SER A 111 6.95 8.06 -6.88
CA SER A 111 8.00 8.87 -6.27
C SER A 111 9.33 8.10 -6.29
N SER A 112 10.35 8.78 -6.80
CA SER A 112 11.67 8.18 -6.88
C SER A 112 12.51 8.58 -5.66
N LYS A 113 13.29 7.63 -5.19
CA LYS A 113 14.15 7.88 -4.03
C LYS A 113 15.04 6.65 -3.79
N GLU A 114 15.96 6.81 -2.85
CA GLU A 114 16.87 5.74 -2.51
C GLU A 114 16.13 4.39 -2.48
N SER A 115 16.79 3.38 -3.02
CA SER A 115 16.21 2.04 -3.06
C SER A 115 17.29 1.01 -3.32
N GLY A 116 16.94 -0.24 -3.07
CA GLY A 116 17.88 -1.34 -3.28
C GLY A 116 17.14 -2.61 -3.73
N PRO A 117 17.95 -3.63 -4.12
CA PRO A 117 17.39 -4.89 -4.57
C PRO A 117 16.88 -5.71 -3.39
N SER A 118 16.11 -6.74 -3.71
CA SER A 118 15.56 -7.61 -2.69
C SER A 118 14.69 -8.71 -3.34
N SER A 119 14.84 -9.91 -2.82
CA SER A 119 14.08 -11.04 -3.34
C SER A 119 14.38 -11.23 -4.82
N GLY A 120 14.03 -12.41 -5.32
CA GLY A 120 14.26 -12.73 -6.72
C GLY A 120 15.27 -13.88 -6.86
N GLY A 1 6.69 -14.64 -14.79
CA GLY A 1 7.11 -15.63 -13.82
C GLY A 1 6.73 -15.20 -12.41
N SER A 2 7.02 -16.07 -11.46
CA SER A 2 6.72 -15.80 -10.06
C SER A 2 7.23 -16.94 -9.18
N SER A 3 7.41 -16.64 -7.91
CA SER A 3 7.89 -17.62 -6.96
C SER A 3 7.30 -17.35 -5.58
N GLY A 4 7.70 -16.22 -5.02
CA GLY A 4 7.22 -15.83 -3.69
C GLY A 4 6.07 -14.83 -3.81
N SER A 5 5.53 -14.47 -2.66
CA SER A 5 4.42 -13.53 -2.61
C SER A 5 3.43 -13.83 -3.74
N SER A 6 3.16 -15.12 -3.91
CA SER A 6 2.24 -15.56 -4.94
C SER A 6 0.81 -15.15 -4.57
N GLY A 7 0.60 -13.84 -4.49
CA GLY A 7 -0.71 -13.31 -4.15
C GLY A 7 -0.65 -11.81 -3.94
N LEU A 8 0.50 -11.35 -3.45
CA LEU A 8 0.70 -9.94 -3.19
C LEU A 8 0.99 -9.22 -4.52
N HIS A 9 1.45 -10.00 -5.48
CA HIS A 9 1.78 -9.45 -6.79
C HIS A 9 0.49 -9.15 -7.55
N ARG A 10 -0.43 -10.12 -7.50
CA ARG A 10 -1.70 -9.97 -8.18
C ARG A 10 -2.54 -8.88 -7.51
N ILE A 11 -2.25 -8.65 -6.24
CA ILE A 11 -2.96 -7.63 -5.48
C ILE A 11 -2.41 -6.26 -5.82
N VAL A 12 -1.08 -6.17 -5.83
CA VAL A 12 -0.41 -4.92 -6.14
C VAL A 12 -0.80 -4.48 -7.56
N ASP A 13 -0.67 -5.41 -8.48
CA ASP A 13 -1.00 -5.14 -9.87
C ASP A 13 -2.37 -4.46 -9.94
N LYS A 14 -3.30 -5.00 -9.18
CA LYS A 14 -4.65 -4.47 -9.15
C LYS A 14 -4.62 -3.05 -8.57
N MET A 15 -3.96 -2.92 -7.43
CA MET A 15 -3.84 -1.63 -6.78
C MET A 15 -3.10 -0.62 -7.67
N HIS A 16 -2.37 -1.16 -8.64
CA HIS A 16 -1.63 -0.33 -9.56
C HIS A 16 -2.59 0.37 -10.52
N ASP A 17 -3.83 -0.09 -10.49
CA ASP A 17 -4.86 0.48 -11.36
C ASP A 17 -5.72 1.45 -10.55
N THR A 18 -6.47 2.26 -11.28
CA THR A 18 -7.35 3.24 -10.64
C THR A 18 -8.81 2.89 -10.91
N SER A 19 -9.05 2.28 -12.06
CA SER A 19 -10.39 1.89 -12.44
C SER A 19 -10.97 0.94 -11.40
N THR A 20 -10.39 -0.26 -11.37
CA THR A 20 -10.84 -1.28 -10.42
C THR A 20 -9.89 -1.35 -9.22
N GLY A 21 -8.68 -0.85 -9.44
CA GLY A 21 -7.68 -0.85 -8.39
C GLY A 21 -8.02 0.18 -7.30
N ILE A 22 -6.98 0.66 -6.64
CA ILE A 22 -7.15 1.65 -5.59
C ILE A 22 -7.22 3.04 -6.21
N ARG A 23 -7.74 3.98 -5.43
CA ARG A 23 -7.87 5.34 -5.89
C ARG A 23 -7.33 6.32 -4.83
N PRO A 24 -6.00 6.59 -4.91
CA PRO A 24 -5.36 7.50 -3.97
C PRO A 24 -5.72 8.95 -4.28
N SER A 25 -6.69 9.46 -3.53
CA SER A 25 -7.13 10.83 -3.72
C SER A 25 -6.36 11.76 -2.76
N PRO A 26 -6.32 13.06 -3.15
CA PRO A 26 -5.61 14.05 -2.35
C PRO A 26 -6.42 14.41 -1.10
N ASN A 27 -6.64 13.41 -0.27
CA ASN A 27 -7.40 13.61 0.95
C ASN A 27 -6.57 14.45 1.93
N MET A 28 -7.01 15.69 2.12
CA MET A 28 -6.32 16.60 3.02
C MET A 28 -5.97 15.90 4.34
N GLU A 29 -4.76 16.19 4.82
CA GLU A 29 -4.30 15.60 6.06
C GLU A 29 -3.38 16.58 6.79
N GLN A 30 -3.94 17.19 7.83
CA GLN A 30 -3.18 18.15 8.63
C GLN A 30 -2.48 19.16 7.72
N GLY A 31 -3.26 19.71 6.79
CA GLY A 31 -2.73 20.69 5.86
C GLY A 31 -1.45 20.16 5.19
N SER A 32 -1.63 19.65 3.98
CA SER A 32 -0.52 19.11 3.22
C SER A 32 -1.02 18.39 1.97
N THR A 33 -2.20 17.81 2.11
CA THR A 33 -2.81 17.08 1.00
C THR A 33 -1.78 16.14 0.36
N TYR A 34 -1.85 14.88 0.76
CA TYR A 34 -0.93 13.88 0.23
C TYR A 34 -1.45 13.33 -1.10
N LYS A 35 -0.64 13.51 -2.13
CA LYS A 35 -0.99 13.04 -3.46
C LYS A 35 -0.50 11.60 -3.63
N LYS A 36 -1.34 10.79 -4.26
CA LYS A 36 -1.01 9.40 -4.51
C LYS A 36 -0.96 8.66 -3.17
N THR A 37 -1.98 8.89 -2.36
CA THR A 37 -2.06 8.25 -1.06
C THR A 37 -3.51 7.87 -0.74
N PHE A 38 -3.69 6.63 -0.33
CA PHE A 38 -5.01 6.14 0.01
C PHE A 38 -5.11 5.77 1.49
N LEU A 39 -6.19 6.19 2.11
CA LEU A 39 -6.41 5.92 3.52
C LEU A 39 -6.32 4.41 3.76
N GLY A 40 -5.79 4.06 4.93
CA GLY A 40 -5.64 2.67 5.30
C GLY A 40 -6.98 1.95 5.27
N SER A 41 -8.01 2.68 5.64
CA SER A 41 -9.36 2.12 5.67
C SER A 41 -9.87 1.93 4.24
N SER A 42 -9.37 2.76 3.34
CA SER A 42 -9.77 2.70 1.95
C SER A 42 -9.22 1.42 1.31
N LEU A 43 -7.91 1.25 1.46
CA LEU A 43 -7.24 0.09 0.89
C LEU A 43 -7.77 -1.17 1.59
N VAL A 44 -7.58 -1.20 2.90
CA VAL A 44 -8.03 -2.34 3.68
C VAL A 44 -9.37 -2.83 3.15
N ASP A 45 -10.32 -1.91 3.10
CA ASP A 45 -11.66 -2.24 2.61
C ASP A 45 -11.56 -2.75 1.18
N TRP A 46 -10.78 -2.02 0.38
CA TRP A 46 -10.60 -2.38 -1.02
C TRP A 46 -10.17 -3.85 -1.07
N LEU A 47 -9.05 -4.13 -0.42
CA LEU A 47 -8.52 -5.49 -0.39
C LEU A 47 -9.68 -6.47 -0.22
N ILE A 48 -10.58 -6.13 0.69
CA ILE A 48 -11.73 -6.98 0.96
C ILE A 48 -12.60 -7.06 -0.30
N SER A 49 -13.08 -5.91 -0.74
CA SER A 49 -13.92 -5.86 -1.93
C SER A 49 -13.20 -6.53 -3.10
N SER A 50 -11.88 -6.52 -3.04
CA SER A 50 -11.07 -7.12 -4.08
C SER A 50 -11.12 -8.65 -3.96
N ASN A 51 -11.59 -9.11 -2.81
CA ASN A 51 -11.70 -10.54 -2.56
C ASN A 51 -10.33 -11.07 -2.12
N PHE A 52 -9.50 -10.15 -1.67
CA PHE A 52 -8.16 -10.52 -1.21
C PHE A 52 -8.12 -10.68 0.31
N ALA A 53 -9.18 -10.20 0.95
CA ALA A 53 -9.28 -10.29 2.40
C ALA A 53 -10.70 -10.70 2.78
N ALA A 54 -10.81 -11.29 3.97
CA ALA A 54 -12.10 -11.74 4.46
C ALA A 54 -12.75 -10.61 5.28
N SER A 55 -11.93 -9.97 6.10
CA SER A 55 -12.41 -8.89 6.94
C SER A 55 -11.35 -7.79 7.03
N ARG A 56 -11.78 -6.61 7.45
CA ARG A 56 -10.88 -5.48 7.60
C ARG A 56 -9.53 -5.95 8.13
N LEU A 57 -9.58 -6.94 9.00
CA LEU A 57 -8.37 -7.48 9.60
C LEU A 57 -7.47 -8.06 8.48
N GLU A 58 -7.97 -9.12 7.87
CA GLU A 58 -7.24 -9.77 6.79
C GLU A 58 -6.61 -8.72 5.87
N ALA A 59 -7.42 -7.72 5.52
CA ALA A 59 -6.96 -6.66 4.64
C ALA A 59 -5.81 -5.92 5.31
N VAL A 60 -5.99 -5.63 6.59
CA VAL A 60 -4.96 -4.92 7.35
C VAL A 60 -3.65 -5.72 7.28
N THR A 61 -3.78 -7.04 7.32
CA THR A 61 -2.63 -7.91 7.26
C THR A 61 -2.06 -7.94 5.84
N LEU A 62 -2.96 -7.97 4.88
CA LEU A 62 -2.56 -8.00 3.48
C LEU A 62 -1.83 -6.71 3.13
N ALA A 63 -2.31 -5.63 3.73
CA ALA A 63 -1.71 -4.31 3.49
C ALA A 63 -0.27 -4.32 4.00
N SER A 64 -0.13 -4.59 5.29
CA SER A 64 1.18 -4.62 5.92
C SER A 64 2.11 -5.54 5.11
N MET A 65 1.53 -6.60 4.58
CA MET A 65 2.30 -7.56 3.80
C MET A 65 2.86 -6.90 2.53
N LEU A 66 2.05 -6.05 1.93
CA LEU A 66 2.44 -5.35 0.73
C LEU A 66 3.56 -4.37 1.05
N MET A 67 3.35 -3.62 2.12
CA MET A 67 4.32 -2.63 2.56
C MET A 67 5.71 -3.28 2.74
N GLU A 68 5.69 -4.50 3.22
CA GLU A 68 6.93 -5.23 3.44
C GLU A 68 7.59 -5.57 2.11
N GLU A 69 6.79 -6.09 1.19
CA GLU A 69 7.29 -6.46 -0.12
C GLU A 69 7.83 -5.23 -0.85
N ASN A 70 7.52 -4.07 -0.28
CA ASN A 70 7.97 -2.81 -0.87
C ASN A 70 6.99 -2.37 -1.95
N PHE A 71 5.71 -2.60 -1.67
CA PHE A 71 4.66 -2.24 -2.62
C PHE A 71 3.93 -0.98 -2.15
N LEU A 72 3.94 -0.77 -0.85
CA LEU A 72 3.28 0.39 -0.28
C LEU A 72 4.07 0.86 0.95
N ARG A 73 3.70 2.04 1.43
CA ARG A 73 4.36 2.61 2.59
C ARG A 73 3.33 3.24 3.54
N PRO A 74 3.73 3.32 4.83
CA PRO A 74 2.84 3.90 5.85
C PRO A 74 2.79 5.42 5.72
N VAL A 75 3.67 5.95 4.89
CA VAL A 75 3.73 7.39 4.67
C VAL A 75 4.01 8.08 6.00
N GLY A 76 4.40 9.35 5.90
CA GLY A 76 4.69 10.13 7.09
C GLY A 76 3.48 10.21 8.02
N VAL A 77 3.49 11.22 8.87
CA VAL A 77 2.40 11.41 9.82
C VAL A 77 1.96 10.05 10.35
N ARG A 78 0.68 9.98 10.69
CA ARG A 78 0.12 8.74 11.22
C ARG A 78 0.70 7.54 10.49
N SER A 79 0.75 6.42 11.21
CA SER A 79 1.29 5.19 10.64
C SER A 79 2.76 5.39 10.27
N MET A 80 3.63 4.93 11.16
CA MET A 80 5.06 5.05 10.93
C MET A 80 5.84 4.86 12.23
N GLY A 81 5.39 3.88 13.01
CA GLY A 81 6.03 3.58 14.27
C GLY A 81 7.36 2.84 14.06
N ALA A 82 7.41 1.62 14.56
CA ALA A 82 8.61 0.81 14.43
C ALA A 82 8.46 -0.11 13.21
N ILE A 83 8.14 0.51 12.08
CA ILE A 83 7.97 -0.23 10.85
C ILE A 83 9.35 -0.54 10.25
N ARG A 84 9.56 -1.81 9.95
CA ARG A 84 10.83 -2.23 9.36
C ARG A 84 10.61 -3.46 8.47
N SER A 85 11.15 -3.37 7.26
CA SER A 85 11.02 -4.46 6.31
C SER A 85 11.86 -5.65 6.77
N GLY A 86 11.50 -6.18 7.93
CA GLY A 86 12.21 -7.31 8.49
C GLY A 86 11.23 -8.37 9.00
N ASP A 87 10.31 -7.93 9.85
CA ASP A 87 9.32 -8.83 10.42
C ASP A 87 7.97 -8.56 9.75
N LEU A 88 7.33 -9.64 9.31
CA LEU A 88 6.04 -9.53 8.66
C LEU A 88 5.11 -8.67 9.51
N ALA A 89 4.78 -9.20 10.68
CA ALA A 89 3.91 -8.49 11.60
C ALA A 89 2.69 -7.96 10.84
N GLU A 90 1.91 -7.15 11.53
CA GLU A 90 0.71 -6.57 10.93
C GLU A 90 0.72 -5.05 11.10
N GLN A 91 1.91 -4.49 11.16
CA GLN A 91 2.06 -3.06 11.33
C GLN A 91 1.26 -2.31 10.27
N PHE A 92 0.01 -2.03 10.60
CA PHE A 92 -0.87 -1.32 9.69
C PHE A 92 -2.24 -1.08 10.32
N LEU A 93 -2.63 0.18 10.37
CA LEU A 93 -3.91 0.55 10.95
C LEU A 93 -4.95 0.64 9.83
N ASP A 94 -6.21 0.59 10.24
CA ASP A 94 -7.31 0.66 9.29
C ASP A 94 -8.23 1.83 9.67
N ASP A 95 -7.77 3.03 9.33
CA ASP A 95 -8.54 4.23 9.63
C ASP A 95 -8.43 5.20 8.45
N SER A 96 -9.00 6.38 8.65
CA SER A 96 -8.97 7.40 7.61
C SER A 96 -7.65 8.17 7.67
N THR A 97 -7.18 8.39 8.90
CA THR A 97 -5.93 9.10 9.10
C THR A 97 -4.76 8.34 8.47
N ALA A 98 -4.45 7.20 9.06
CA ALA A 98 -3.37 6.37 8.57
C ALA A 98 -3.37 6.40 7.04
N LEU A 99 -2.44 7.16 6.48
CA LEU A 99 -2.32 7.27 5.04
C LEU A 99 -1.21 6.34 4.55
N TYR A 100 -1.49 5.68 3.43
CA TYR A 100 -0.52 4.76 2.84
C TYR A 100 -0.30 5.08 1.36
N THR A 101 0.96 4.94 0.94
CA THR A 101 1.31 5.21 -0.44
C THR A 101 2.01 3.99 -1.05
N PHE A 102 2.26 4.08 -2.35
CA PHE A 102 2.92 3.00 -3.06
C PHE A 102 4.43 3.15 -3.02
N ALA A 103 5.10 2.08 -2.62
CA ALA A 103 6.55 2.09 -2.54
C ALA A 103 7.14 2.08 -3.94
N GLU A 104 8.47 2.11 -4.00
CA GLU A 104 9.17 2.10 -5.27
C GLU A 104 10.05 0.86 -5.39
N SER A 105 9.64 -0.04 -6.27
CA SER A 105 10.39 -1.27 -6.49
C SER A 105 9.82 -2.02 -7.68
N TYR A 106 9.79 -1.35 -8.82
CA TYR A 106 9.26 -1.94 -10.03
C TYR A 106 9.44 -0.98 -11.22
N LYS A 107 9.03 -1.46 -12.39
CA LYS A 107 9.14 -0.68 -13.61
C LYS A 107 8.70 0.76 -13.31
N LYS A 108 9.69 1.62 -13.10
CA LYS A 108 9.42 3.01 -12.81
C LYS A 108 10.74 3.80 -12.84
N LYS A 109 10.65 5.02 -13.34
CA LYS A 109 11.83 5.88 -13.43
C LYS A 109 12.27 6.26 -12.02
N VAL A 110 13.37 7.02 -11.96
CA VAL A 110 13.90 7.47 -10.70
C VAL A 110 13.84 6.32 -9.68
N SER A 111 14.17 5.13 -10.17
CA SER A 111 14.17 3.95 -9.32
C SER A 111 15.23 2.96 -9.80
N SER A 112 15.99 2.45 -8.84
CA SER A 112 17.05 1.50 -9.14
C SER A 112 17.70 1.01 -7.85
N LYS A 113 18.48 -0.05 -7.98
CA LYS A 113 19.16 -0.62 -6.84
C LYS A 113 18.14 -1.29 -5.91
N GLU A 114 18.24 -2.60 -5.82
CA GLU A 114 17.34 -3.37 -4.97
C GLU A 114 17.76 -4.84 -4.94
N SER A 115 17.55 -5.45 -3.79
CA SER A 115 17.90 -6.85 -3.60
C SER A 115 17.11 -7.72 -4.60
N GLY A 116 17.55 -8.96 -4.71
CA GLY A 116 16.90 -9.90 -5.61
C GLY A 116 17.38 -11.33 -5.36
N PRO A 117 16.42 -12.20 -4.96
CA PRO A 117 16.74 -13.59 -4.70
C PRO A 117 16.96 -14.37 -5.99
N SER A 118 17.25 -15.65 -5.84
CA SER A 118 17.49 -16.51 -6.98
C SER A 118 17.50 -17.97 -6.55
N SER A 119 17.56 -18.85 -7.54
CA SER A 119 17.58 -20.28 -7.28
C SER A 119 16.27 -20.72 -6.63
N GLY A 120 15.93 -21.99 -6.82
CA GLY A 120 14.70 -22.53 -6.27
C GLY A 120 13.48 -21.94 -6.96
N GLY A 1 6.09 -14.01 -12.00
CA GLY A 1 6.21 -14.43 -10.63
C GLY A 1 6.25 -15.96 -10.52
N SER A 2 6.92 -16.43 -9.46
CA SER A 2 7.04 -17.86 -9.24
C SER A 2 7.44 -18.12 -7.79
N SER A 3 6.49 -18.67 -7.04
CA SER A 3 6.72 -18.97 -5.63
C SER A 3 6.99 -17.69 -4.86
N GLY A 4 6.31 -17.55 -3.73
CA GLY A 4 6.46 -16.38 -2.89
C GLY A 4 5.23 -15.48 -2.96
N SER A 5 5.48 -14.20 -3.19
CA SER A 5 4.41 -13.23 -3.29
C SER A 5 3.59 -13.47 -4.55
N SER A 6 2.70 -14.44 -4.48
CA SER A 6 1.86 -14.79 -5.62
C SER A 6 0.59 -13.93 -5.60
N GLY A 7 0.00 -13.82 -4.42
CA GLY A 7 -1.21 -13.04 -4.26
C GLY A 7 -0.89 -11.54 -4.23
N LEU A 8 0.13 -11.20 -3.45
CA LEU A 8 0.54 -9.81 -3.33
C LEU A 8 0.84 -9.24 -4.72
N HIS A 9 1.62 -10.00 -5.47
CA HIS A 9 2.00 -9.58 -6.82
C HIS A 9 0.73 -9.37 -7.65
N ARG A 10 -0.29 -10.16 -7.33
CA ARG A 10 -1.56 -10.07 -8.05
C ARG A 10 -2.33 -8.83 -7.60
N ILE A 11 -2.29 -8.58 -6.30
CA ILE A 11 -2.99 -7.43 -5.74
C ILE A 11 -2.35 -6.14 -6.27
N VAL A 12 -1.05 -6.03 -6.06
CA VAL A 12 -0.32 -4.86 -6.51
C VAL A 12 -0.79 -4.47 -7.92
N ASP A 13 -0.72 -5.45 -8.82
CA ASP A 13 -1.15 -5.23 -10.19
C ASP A 13 -2.50 -4.49 -10.19
N LYS A 14 -3.44 -5.06 -9.47
CA LYS A 14 -4.77 -4.49 -9.38
C LYS A 14 -4.66 -3.05 -8.87
N MET A 15 -3.94 -2.89 -7.77
CA MET A 15 -3.74 -1.58 -7.17
C MET A 15 -3.10 -0.62 -8.17
N HIS A 16 -2.17 -1.16 -8.95
CA HIS A 16 -1.47 -0.36 -9.93
C HIS A 16 -2.49 0.31 -10.87
N ASP A 17 -3.69 -0.26 -10.89
CA ASP A 17 -4.75 0.27 -11.72
C ASP A 17 -5.52 1.35 -10.94
N THR A 18 -6.24 2.17 -11.68
CA THR A 18 -7.02 3.23 -11.08
C THR A 18 -8.52 2.95 -11.22
N SER A 19 -8.84 2.15 -12.24
CA SER A 19 -10.23 1.80 -12.49
C SER A 19 -10.66 0.68 -11.54
N THR A 20 -10.06 -0.48 -11.73
CA THR A 20 -10.38 -1.63 -10.90
C THR A 20 -9.44 -1.69 -9.68
N GLY A 21 -8.47 -0.79 -9.69
CA GLY A 21 -7.49 -0.73 -8.61
C GLY A 21 -7.94 0.25 -7.53
N ILE A 22 -6.99 0.61 -6.67
CA ILE A 22 -7.27 1.54 -5.60
C ILE A 22 -7.42 2.96 -6.17
N ARG A 23 -7.74 3.89 -5.28
CA ARG A 23 -7.90 5.28 -5.68
C ARG A 23 -7.18 6.20 -4.71
N PRO A 24 -5.82 6.17 -4.78
CA PRO A 24 -5.01 7.00 -3.91
C PRO A 24 -5.03 8.46 -4.37
N SER A 25 -6.21 9.04 -4.31
CA SER A 25 -6.38 10.43 -4.72
C SER A 25 -5.75 11.35 -3.68
N PRO A 26 -5.48 12.61 -4.12
CA PRO A 26 -4.88 13.61 -3.24
C PRO A 26 -5.90 14.13 -2.22
N ASN A 27 -6.87 14.87 -2.74
CA ASN A 27 -7.90 15.44 -1.90
C ASN A 27 -7.28 15.94 -0.59
N MET A 28 -6.85 17.20 -0.64
CA MET A 28 -6.23 17.81 0.54
C MET A 28 -7.02 17.48 1.81
N GLU A 29 -6.45 16.58 2.60
CA GLU A 29 -7.08 16.17 3.84
C GLU A 29 -7.31 17.38 4.75
N GLN A 30 -6.24 18.12 4.97
CA GLN A 30 -6.32 19.30 5.81
C GLN A 30 -5.26 20.32 5.39
N GLY A 31 -4.04 19.83 5.20
CA GLY A 31 -2.95 20.68 4.79
C GLY A 31 -1.74 19.85 4.33
N SER A 32 -1.98 19.04 3.32
CA SER A 32 -0.94 18.18 2.78
C SER A 32 -1.48 17.35 1.63
N THR A 33 -0.59 17.02 0.70
CA THR A 33 -0.97 16.23 -0.46
C THR A 33 -0.49 14.78 -0.30
N TYR A 34 0.57 14.63 0.49
CA TYR A 34 1.14 13.32 0.73
C TYR A 34 1.49 12.63 -0.60
N LYS A 35 1.83 13.44 -1.59
CA LYS A 35 2.18 12.92 -2.89
C LYS A 35 1.21 11.80 -3.27
N LYS A 36 -0.07 12.08 -3.09
CA LYS A 36 -1.10 11.10 -3.42
C LYS A 36 -0.94 9.89 -2.50
N THR A 37 -1.97 9.64 -1.70
CA THR A 37 -1.97 8.52 -0.79
C THR A 37 -3.39 8.03 -0.53
N PHE A 38 -3.50 6.77 -0.15
CA PHE A 38 -4.79 6.17 0.14
C PHE A 38 -4.90 5.81 1.63
N LEU A 39 -6.03 6.20 2.21
CA LEU A 39 -6.28 5.91 3.61
C LEU A 39 -6.11 4.41 3.87
N GLY A 40 -5.86 4.09 5.13
CA GLY A 40 -5.67 2.69 5.51
C GLY A 40 -6.97 1.91 5.38
N SER A 41 -8.08 2.60 5.61
CA SER A 41 -9.39 1.98 5.52
C SER A 41 -9.74 1.72 4.05
N SER A 42 -9.29 2.63 3.20
CA SER A 42 -9.55 2.52 1.77
C SER A 42 -8.97 1.20 1.24
N LEU A 43 -7.73 0.96 1.60
CA LEU A 43 -7.03 -0.25 1.18
C LEU A 43 -7.81 -1.47 1.68
N VAL A 44 -8.09 -1.45 2.97
CA VAL A 44 -8.82 -2.55 3.58
C VAL A 44 -10.08 -2.84 2.77
N ASP A 45 -11.05 -1.96 2.91
CA ASP A 45 -12.32 -2.10 2.20
C ASP A 45 -12.04 -2.59 0.78
N TRP A 46 -11.00 -2.01 0.17
CA TRP A 46 -10.63 -2.39 -1.18
C TRP A 46 -10.25 -3.87 -1.17
N LEU A 47 -9.14 -4.15 -0.50
CA LEU A 47 -8.64 -5.52 -0.41
C LEU A 47 -9.83 -6.47 -0.26
N ILE A 48 -10.73 -6.11 0.65
CA ILE A 48 -11.91 -6.93 0.89
C ILE A 48 -12.77 -6.96 -0.37
N SER A 49 -13.16 -5.77 -0.81
CA SER A 49 -13.98 -5.64 -2.00
C SER A 49 -13.32 -6.37 -3.17
N SER A 50 -12.00 -6.44 -3.12
CA SER A 50 -11.25 -7.09 -4.17
C SER A 50 -11.28 -8.61 -3.97
N ASN A 51 -11.73 -9.01 -2.79
CA ASN A 51 -11.82 -10.42 -2.46
C ASN A 51 -10.45 -10.93 -2.03
N PHE A 52 -9.60 -9.99 -1.61
CA PHE A 52 -8.26 -10.33 -1.18
C PHE A 52 -8.23 -10.59 0.33
N ALA A 53 -9.23 -10.06 1.01
CA ALA A 53 -9.32 -10.23 2.46
C ALA A 53 -10.74 -10.67 2.83
N ALA A 54 -10.85 -11.28 4.00
CA ALA A 54 -12.14 -11.75 4.48
C ALA A 54 -12.74 -10.71 5.43
N SER A 55 -11.86 -10.11 6.22
CA SER A 55 -12.29 -9.10 7.18
C SER A 55 -11.26 -7.98 7.25
N ARG A 56 -11.71 -6.83 7.72
CA ARG A 56 -10.84 -5.68 7.86
C ARG A 56 -9.45 -6.11 8.31
N LEU A 57 -9.42 -7.13 9.15
CA LEU A 57 -8.17 -7.65 9.67
C LEU A 57 -7.32 -8.16 8.51
N GLU A 58 -7.79 -9.23 7.89
CA GLU A 58 -7.08 -9.82 6.77
C GLU A 58 -6.54 -8.73 5.85
N ALA A 59 -7.39 -7.75 5.59
CA ALA A 59 -7.01 -6.65 4.72
C ALA A 59 -5.85 -5.89 5.35
N VAL A 60 -5.97 -5.66 6.65
CA VAL A 60 -4.93 -4.94 7.39
C VAL A 60 -3.61 -5.68 7.24
N THR A 61 -3.69 -7.00 7.30
CA THR A 61 -2.51 -7.84 7.18
C THR A 61 -2.01 -7.84 5.73
N LEU A 62 -2.96 -7.93 4.81
CA LEU A 62 -2.63 -7.95 3.40
C LEU A 62 -1.94 -6.64 3.02
N ALA A 63 -2.30 -5.59 3.74
CA ALA A 63 -1.73 -4.27 3.50
C ALA A 63 -0.26 -4.28 3.96
N SER A 64 -0.07 -4.56 5.24
CA SER A 64 1.27 -4.59 5.80
C SER A 64 2.15 -5.54 4.99
N MET A 65 1.55 -6.60 4.49
CA MET A 65 2.26 -7.57 3.70
C MET A 65 2.84 -6.94 2.43
N LEU A 66 2.07 -6.02 1.87
CA LEU A 66 2.49 -5.33 0.66
C LEU A 66 3.66 -4.41 0.99
N MET A 67 3.47 -3.62 2.03
CA MET A 67 4.50 -2.68 2.45
C MET A 67 5.84 -3.39 2.69
N GLU A 68 5.74 -4.58 3.28
CA GLU A 68 6.92 -5.37 3.56
C GLU A 68 7.59 -5.80 2.26
N GLU A 69 6.78 -6.33 1.35
CA GLU A 69 7.28 -6.78 0.07
C GLU A 69 7.91 -5.62 -0.70
N ASN A 70 7.66 -4.42 -0.20
CA ASN A 70 8.19 -3.22 -0.82
C ASN A 70 7.25 -2.77 -1.94
N PHE A 71 5.96 -2.85 -1.65
CA PHE A 71 4.95 -2.45 -2.61
C PHE A 71 4.28 -1.14 -2.19
N LEU A 72 4.33 -0.87 -0.89
CA LEU A 72 3.73 0.34 -0.35
C LEU A 72 4.52 0.79 0.87
N ARG A 73 4.17 1.97 1.36
CA ARG A 73 4.84 2.52 2.54
C ARG A 73 3.89 3.45 3.29
N PRO A 74 4.17 3.61 4.61
CA PRO A 74 3.36 4.46 5.45
C PRO A 74 3.66 5.94 5.19
N VAL A 75 2.59 6.72 5.05
CA VAL A 75 2.73 8.14 4.79
C VAL A 75 1.98 8.93 5.87
N GLY A 76 2.38 10.18 6.03
CA GLY A 76 1.76 11.04 7.03
C GLY A 76 2.09 10.56 8.45
N VAL A 77 1.84 11.45 9.40
CA VAL A 77 2.11 11.13 10.80
C VAL A 77 1.46 9.79 11.14
N ARG A 78 0.24 9.62 10.67
CA ARG A 78 -0.49 8.39 10.92
C ARG A 78 0.19 7.21 10.21
N SER A 79 -0.42 6.05 10.35
CA SER A 79 0.10 4.84 9.74
C SER A 79 1.40 4.43 10.43
N MET A 80 2.38 5.31 10.36
CA MET A 80 3.67 5.05 10.98
C MET A 80 3.50 4.54 12.41
N GLY A 81 3.87 3.29 12.61
CA GLY A 81 3.76 2.67 13.92
C GLY A 81 5.04 1.93 14.29
N ALA A 82 6.09 2.70 14.54
CA ALA A 82 7.37 2.13 14.90
C ALA A 82 8.17 1.83 13.63
N ILE A 83 7.46 1.31 12.64
CA ILE A 83 8.08 0.96 11.37
C ILE A 83 9.08 -0.18 11.60
N ARG A 84 10.21 -0.07 10.90
CA ARG A 84 11.25 -1.09 11.01
C ARG A 84 10.81 -2.38 10.33
N SER A 85 11.37 -2.63 9.16
CA SER A 85 11.04 -3.82 8.40
C SER A 85 11.57 -5.06 9.13
N GLY A 86 11.02 -5.31 10.31
CA GLY A 86 11.42 -6.45 11.11
C GLY A 86 10.72 -7.73 10.63
N ASP A 87 9.81 -8.21 11.46
CA ASP A 87 9.07 -9.42 11.15
C ASP A 87 7.83 -9.04 10.33
N LEU A 88 7.16 -10.08 9.84
CA LEU A 88 5.95 -9.87 9.04
C LEU A 88 5.12 -8.75 9.67
N ALA A 89 4.78 -8.94 10.93
CA ALA A 89 3.98 -7.96 11.65
C ALA A 89 2.78 -7.57 10.80
N GLU A 90 2.03 -6.60 11.31
CA GLU A 90 0.85 -6.12 10.60
C GLU A 90 0.78 -4.60 10.65
N GLN A 91 1.92 -4.00 10.92
CA GLN A 91 2.01 -2.54 11.00
C GLN A 91 1.10 -1.90 9.95
N PHE A 92 -0.10 -1.54 10.39
CA PHE A 92 -1.06 -0.92 9.51
C PHE A 92 -2.34 -0.55 10.26
N LEU A 93 -3.10 0.37 9.67
CA LEU A 93 -4.34 0.81 10.27
C LEU A 93 -5.47 0.67 9.25
N ASP A 94 -6.69 0.71 9.76
CA ASP A 94 -7.87 0.59 8.91
C ASP A 94 -8.82 1.75 9.20
N ASP A 95 -8.36 2.95 8.88
CA ASP A 95 -9.17 4.14 9.09
C ASP A 95 -8.76 5.22 8.10
N SER A 96 -9.36 6.39 8.25
CA SER A 96 -9.06 7.51 7.37
C SER A 96 -7.67 8.07 7.68
N THR A 97 -7.33 8.04 8.95
CA THR A 97 -6.03 8.54 9.38
C THR A 97 -4.96 7.45 9.25
N ALA A 98 -4.59 7.20 8.00
CA ALA A 98 -3.58 6.19 7.71
C ALA A 98 -3.27 6.19 6.21
N LEU A 99 -2.52 7.21 5.79
CA LEU A 99 -2.16 7.33 4.39
C LEU A 99 -1.18 6.21 4.02
N TYR A 100 -1.00 6.04 2.72
CA TYR A 100 -0.11 5.01 2.21
C TYR A 100 0.16 5.19 0.72
N THR A 101 1.42 4.99 0.35
CA THR A 101 1.82 5.13 -1.04
C THR A 101 2.59 3.91 -1.50
N PHE A 102 2.72 3.78 -2.82
CA PHE A 102 3.44 2.65 -3.39
C PHE A 102 4.95 2.86 -3.30
N ALA A 103 5.62 1.84 -2.79
CA ALA A 103 7.07 1.90 -2.65
C ALA A 103 7.72 1.85 -4.03
N GLU A 104 9.05 1.80 -4.03
CA GLU A 104 9.79 1.74 -5.27
C GLU A 104 9.33 0.55 -6.11
N SER A 105 8.73 -0.41 -5.43
CA SER A 105 8.24 -1.61 -6.11
C SER A 105 9.35 -2.21 -6.97
N TYR A 106 9.96 -3.26 -6.44
CA TYR A 106 11.03 -3.94 -7.15
C TYR A 106 11.95 -2.93 -7.85
N LYS A 107 12.73 -3.44 -8.79
CA LYS A 107 13.65 -2.60 -9.53
C LYS A 107 12.88 -1.43 -10.15
N LYS A 108 13.28 -0.23 -9.75
CA LYS A 108 12.64 0.97 -10.25
C LYS A 108 13.59 2.16 -10.09
N LYS A 109 13.73 2.92 -11.16
CA LYS A 109 14.61 4.08 -11.15
C LYS A 109 14.00 5.15 -10.23
N VAL A 110 14.75 5.48 -9.19
CA VAL A 110 14.30 6.47 -8.23
C VAL A 110 15.52 7.10 -7.55
N SER A 111 15.54 8.42 -7.56
CA SER A 111 16.65 9.16 -6.95
C SER A 111 16.68 8.89 -5.44
N SER A 112 17.51 7.93 -5.06
CA SER A 112 17.64 7.57 -3.66
C SER A 112 18.70 6.47 -3.49
N LYS A 113 19.33 6.46 -2.33
CA LYS A 113 20.35 5.47 -2.04
C LYS A 113 19.84 4.54 -0.94
N GLU A 114 19.57 3.30 -1.33
CA GLU A 114 19.08 2.31 -0.39
C GLU A 114 18.93 0.95 -1.08
N SER A 115 19.44 -0.08 -0.41
CA SER A 115 19.37 -1.42 -0.96
C SER A 115 19.38 -2.44 0.19
N GLY A 116 18.83 -3.61 -0.12
CA GLY A 116 18.77 -4.68 0.88
C GLY A 116 17.90 -5.83 0.38
N PRO A 117 18.58 -6.87 -0.18
CA PRO A 117 17.88 -8.04 -0.69
C PRO A 117 17.39 -8.93 0.45
N SER A 118 16.23 -8.57 0.98
CA SER A 118 15.64 -9.33 2.07
C SER A 118 14.14 -9.03 2.16
N SER A 119 13.37 -9.81 1.41
CA SER A 119 11.93 -9.64 1.39
C SER A 119 11.27 -10.88 0.79
N GLY A 120 10.19 -11.30 1.44
CA GLY A 120 9.46 -12.47 0.98
C GLY A 120 8.33 -12.83 1.96
N GLY A 1 6.22 -13.11 -11.07
CA GLY A 1 6.79 -13.75 -9.89
C GLY A 1 6.83 -15.26 -10.08
N SER A 2 7.42 -15.93 -9.10
CA SER A 2 7.55 -17.38 -9.14
C SER A 2 8.02 -17.90 -7.78
N SER A 3 7.14 -18.61 -7.10
CA SER A 3 7.45 -19.17 -5.80
C SER A 3 7.68 -18.04 -4.79
N GLY A 4 6.63 -17.69 -4.08
CA GLY A 4 6.70 -16.63 -3.09
C GLY A 4 5.35 -15.94 -2.91
N SER A 5 5.38 -14.62 -3.03
CA SER A 5 4.17 -13.83 -2.89
C SER A 5 3.00 -14.55 -3.56
N SER A 6 3.10 -14.68 -4.87
CA SER A 6 2.06 -15.34 -5.65
C SER A 6 0.68 -14.98 -5.08
N GLY A 7 0.57 -13.74 -4.62
CA GLY A 7 -0.68 -13.25 -4.06
C GLY A 7 -0.65 -11.74 -3.88
N LEU A 8 0.50 -11.25 -3.44
CA LEU A 8 0.67 -9.82 -3.23
C LEU A 8 0.97 -9.15 -4.56
N HIS A 9 1.41 -9.94 -5.51
CA HIS A 9 1.74 -9.43 -6.83
C HIS A 9 0.45 -9.08 -7.58
N ARG A 10 -0.46 -10.05 -7.62
CA ARG A 10 -1.73 -9.84 -8.30
C ARG A 10 -2.52 -8.73 -7.62
N ILE A 11 -2.29 -8.58 -6.32
CA ILE A 11 -2.97 -7.56 -5.55
C ILE A 11 -2.38 -6.19 -5.90
N VAL A 12 -1.06 -6.11 -5.84
CA VAL A 12 -0.37 -4.87 -6.15
C VAL A 12 -0.76 -4.41 -7.56
N ASP A 13 -0.73 -5.36 -8.48
CA ASP A 13 -1.07 -5.06 -9.86
C ASP A 13 -2.44 -4.38 -9.92
N LYS A 14 -3.39 -4.97 -9.19
CA LYS A 14 -4.73 -4.43 -9.15
C LYS A 14 -4.69 -3.01 -8.58
N MET A 15 -3.89 -2.85 -7.53
CA MET A 15 -3.75 -1.56 -6.88
C MET A 15 -3.05 -0.56 -7.81
N HIS A 16 -2.23 -1.11 -8.69
CA HIS A 16 -1.49 -0.28 -9.63
C HIS A 16 -2.47 0.43 -10.58
N ASP A 17 -3.71 -0.04 -10.55
CA ASP A 17 -4.74 0.53 -11.40
C ASP A 17 -5.52 1.58 -10.60
N THR A 18 -6.32 2.36 -11.32
CA THR A 18 -7.12 3.39 -10.71
C THR A 18 -8.61 3.07 -10.85
N SER A 19 -8.93 2.37 -11.94
CA SER A 19 -10.31 2.00 -12.20
C SER A 19 -10.79 1.00 -11.15
N THR A 20 -10.22 -0.20 -11.21
CA THR A 20 -10.58 -1.25 -10.27
C THR A 20 -9.53 -1.36 -9.17
N GLY A 21 -8.56 -0.45 -9.22
CA GLY A 21 -7.49 -0.44 -8.24
C GLY A 21 -7.72 0.66 -7.20
N ILE A 22 -6.90 0.63 -6.16
CA ILE A 22 -6.98 1.62 -5.10
C ILE A 22 -7.25 3.00 -5.72
N ARG A 23 -7.82 3.87 -4.90
CA ARG A 23 -8.14 5.22 -5.35
C ARG A 23 -7.61 6.24 -4.34
N PRO A 24 -6.33 6.65 -4.56
CA PRO A 24 -5.70 7.63 -3.68
C PRO A 24 -6.24 9.03 -3.95
N SER A 25 -6.15 9.43 -5.21
CA SER A 25 -6.61 10.75 -5.62
C SER A 25 -5.82 11.85 -4.88
N PRO A 26 -5.37 12.85 -5.66
CA PRO A 26 -4.60 13.95 -5.10
C PRO A 26 -5.51 14.91 -4.34
N ASN A 27 -6.15 14.38 -3.32
CA ASN A 27 -7.06 15.18 -2.51
C ASN A 27 -6.27 15.83 -1.37
N MET A 28 -6.19 17.15 -1.42
CA MET A 28 -5.48 17.91 -0.41
C MET A 28 -5.85 17.43 0.99
N GLU A 29 -4.89 16.78 1.64
CA GLU A 29 -5.11 16.28 2.99
C GLU A 29 -5.26 17.44 3.97
N GLN A 30 -4.15 18.13 4.20
CA GLN A 30 -4.16 19.26 5.12
C GLN A 30 -2.98 20.19 4.81
N GLY A 31 -2.74 20.37 3.53
CA GLY A 31 -1.65 21.24 3.08
C GLY A 31 -0.74 20.51 2.08
N SER A 32 -0.79 21.00 0.85
CA SER A 32 0.02 20.41 -0.21
C SER A 32 -0.44 18.99 -0.49
N THR A 33 -0.32 18.59 -1.74
CA THR A 33 -0.71 17.24 -2.15
C THR A 33 0.29 16.21 -1.62
N TYR A 34 -0.25 15.11 -1.12
CA TYR A 34 0.59 14.04 -0.59
C TYR A 34 0.77 12.93 -1.62
N LYS A 35 0.85 13.33 -2.88
CA LYS A 35 1.02 12.38 -3.96
C LYS A 35 -0.09 11.33 -3.89
N LYS A 36 0.09 10.26 -4.66
CA LYS A 36 -0.87 9.18 -4.69
C LYS A 36 -0.89 8.49 -3.33
N THR A 37 -1.90 8.84 -2.54
CA THR A 37 -2.05 8.26 -1.22
C THR A 37 -3.52 7.92 -0.94
N PHE A 38 -3.73 6.72 -0.42
CA PHE A 38 -5.07 6.27 -0.11
C PHE A 38 -5.21 5.91 1.37
N LEU A 39 -6.24 6.45 1.99
CA LEU A 39 -6.49 6.19 3.39
C LEU A 39 -6.29 4.70 3.68
N GLY A 40 -6.03 4.40 4.94
CA GLY A 40 -5.83 3.02 5.35
C GLY A 40 -7.15 2.24 5.34
N SER A 41 -8.21 2.94 5.71
CA SER A 41 -9.53 2.34 5.74
C SER A 41 -10.01 2.05 4.31
N SER A 42 -9.65 2.94 3.41
CA SER A 42 -10.04 2.80 2.01
C SER A 42 -9.37 1.55 1.42
N LEU A 43 -8.10 1.38 1.76
CA LEU A 43 -7.34 0.25 1.27
C LEU A 43 -7.97 -1.05 1.77
N VAL A 44 -7.84 -1.27 3.08
CA VAL A 44 -8.39 -2.46 3.69
C VAL A 44 -9.66 -2.87 2.95
N ASP A 45 -10.67 -2.02 3.06
CA ASP A 45 -11.94 -2.27 2.42
C ASP A 45 -11.70 -2.82 1.00
N TRP A 46 -10.96 -2.03 0.23
CA TRP A 46 -10.64 -2.41 -1.14
C TRP A 46 -10.17 -3.87 -1.12
N LEU A 47 -9.06 -4.09 -0.43
CA LEU A 47 -8.50 -5.42 -0.32
C LEU A 47 -9.63 -6.45 -0.17
N ILE A 48 -10.60 -6.08 0.67
CA ILE A 48 -11.73 -6.95 0.92
C ILE A 48 -12.59 -7.04 -0.35
N SER A 49 -13.05 -5.88 -0.79
CA SER A 49 -13.88 -5.81 -1.98
C SER A 49 -13.19 -6.52 -3.14
N SER A 50 -11.86 -6.48 -3.11
CA SER A 50 -11.07 -7.12 -4.15
C SER A 50 -11.12 -8.65 -3.99
N ASN A 51 -11.62 -9.07 -2.84
CA ASN A 51 -11.73 -10.49 -2.56
C ASN A 51 -10.36 -11.03 -2.11
N PHE A 52 -9.52 -10.11 -1.67
CA PHE A 52 -8.18 -10.47 -1.22
C PHE A 52 -8.15 -10.67 0.29
N ALA A 53 -9.19 -10.17 0.94
CA ALA A 53 -9.30 -10.29 2.39
C ALA A 53 -10.71 -10.75 2.76
N ALA A 54 -10.80 -11.38 3.92
CA ALA A 54 -12.08 -11.87 4.40
C ALA A 54 -12.74 -10.81 5.28
N SER A 55 -11.90 -10.04 5.97
CA SER A 55 -12.38 -8.99 6.84
C SER A 55 -11.32 -7.90 6.98
N ARG A 56 -11.75 -6.77 7.51
CA ARG A 56 -10.85 -5.63 7.69
C ARG A 56 -9.50 -6.12 8.22
N LEU A 57 -9.56 -7.17 9.02
CA LEU A 57 -8.35 -7.74 9.59
C LEU A 57 -7.45 -8.26 8.48
N GLU A 58 -7.90 -9.33 7.84
CA GLU A 58 -7.15 -9.93 6.75
C GLU A 58 -6.51 -8.84 5.88
N ALA A 59 -7.31 -7.83 5.58
CA ALA A 59 -6.84 -6.73 4.76
C ALA A 59 -5.68 -6.03 5.47
N VAL A 60 -5.90 -5.73 6.75
CA VAL A 60 -4.88 -5.07 7.55
C VAL A 60 -3.57 -5.84 7.42
N THR A 61 -3.69 -7.16 7.39
CA THR A 61 -2.51 -8.01 7.28
C THR A 61 -2.00 -8.02 5.83
N LEU A 62 -2.94 -8.07 4.91
CA LEU A 62 -2.60 -8.09 3.50
C LEU A 62 -1.93 -6.77 3.12
N ALA A 63 -2.35 -5.72 3.80
CA ALA A 63 -1.80 -4.39 3.55
C ALA A 63 -0.35 -4.35 4.04
N SER A 64 -0.17 -4.63 5.33
CA SER A 64 1.15 -4.62 5.92
C SER A 64 2.07 -5.57 5.14
N MET A 65 1.47 -6.62 4.59
CA MET A 65 2.23 -7.60 3.83
C MET A 65 2.80 -6.97 2.55
N LEU A 66 2.02 -6.07 1.97
CA LEU A 66 2.45 -5.40 0.75
C LEU A 66 3.60 -4.45 1.07
N MET A 67 3.39 -3.64 2.10
CA MET A 67 4.40 -2.68 2.52
C MET A 67 5.76 -3.36 2.68
N GLU A 68 5.71 -4.60 3.16
CA GLU A 68 6.93 -5.36 3.38
C GLU A 68 7.55 -5.77 2.04
N GLU A 69 6.69 -6.24 1.15
CA GLU A 69 7.13 -6.66 -0.16
C GLU A 69 7.76 -5.49 -0.92
N ASN A 70 7.55 -4.29 -0.37
CA ASN A 70 8.08 -3.09 -0.97
C ASN A 70 7.08 -2.56 -2.01
N PHE A 71 5.81 -2.80 -1.73
CA PHE A 71 4.76 -2.36 -2.63
C PHE A 71 4.14 -1.05 -2.14
N LEU A 72 4.12 -0.89 -0.83
CA LEU A 72 3.56 0.30 -0.22
C LEU A 72 4.44 0.74 0.95
N ARG A 73 4.14 1.92 1.46
CA ARG A 73 4.91 2.46 2.58
C ARG A 73 4.03 3.42 3.40
N PRO A 74 4.34 3.48 4.72
CA PRO A 74 3.60 4.34 5.63
C PRO A 74 3.99 5.81 5.43
N VAL A 75 2.96 6.64 5.26
CA VAL A 75 3.19 8.06 5.06
C VAL A 75 3.24 8.76 6.41
N GLY A 76 4.01 9.83 6.47
CA GLY A 76 4.15 10.60 7.70
C GLY A 76 2.89 11.42 7.98
N VAL A 77 1.98 10.80 8.74
CA VAL A 77 0.74 11.46 9.09
C VAL A 77 0.18 10.84 10.37
N ARG A 78 -0.07 9.54 10.29
CA ARG A 78 -0.60 8.81 11.43
C ARG A 78 0.13 7.48 11.61
N SER A 79 0.13 6.70 10.54
CA SER A 79 0.79 5.40 10.55
C SER A 79 2.30 5.59 10.44
N MET A 80 2.93 5.79 11.59
CA MET A 80 4.37 5.98 11.63
C MET A 80 4.90 5.88 13.06
N GLY A 81 6.18 6.18 13.21
CA GLY A 81 6.81 6.12 14.52
C GLY A 81 7.57 4.80 14.71
N ALA A 82 6.85 3.81 15.20
CA ALA A 82 7.44 2.49 15.43
C ALA A 82 7.20 1.62 14.19
N ILE A 83 7.86 1.98 13.11
CA ILE A 83 7.74 1.24 11.87
C ILE A 83 8.85 0.19 11.80
N ARG A 84 8.47 -1.00 11.35
CA ARG A 84 9.42 -2.09 11.23
C ARG A 84 9.33 -2.72 9.84
N SER A 85 10.43 -2.60 9.10
CA SER A 85 10.48 -3.15 7.76
C SER A 85 11.44 -4.35 7.72
N GLY A 86 11.09 -5.36 8.50
CA GLY A 86 11.90 -6.56 8.57
C GLY A 86 11.06 -7.77 9.01
N ASP A 87 10.61 -7.71 10.26
CA ASP A 87 9.80 -8.77 10.81
C ASP A 87 8.57 -8.98 9.93
N LEU A 88 7.78 -9.99 10.29
CA LEU A 88 6.57 -10.29 9.55
C LEU A 88 5.37 -9.68 10.26
N ALA A 89 5.66 -8.72 11.13
CA ALA A 89 4.61 -8.04 11.88
C ALA A 89 3.52 -7.57 10.91
N GLU A 90 2.43 -7.10 11.49
CA GLU A 90 1.31 -6.62 10.70
C GLU A 90 0.99 -5.16 11.06
N GLN A 91 2.04 -4.36 11.11
CA GLN A 91 1.90 -2.95 11.44
C GLN A 91 1.09 -2.24 10.36
N PHE A 92 -0.13 -1.85 10.73
CA PHE A 92 -1.01 -1.17 9.81
C PHE A 92 -2.34 -0.80 10.48
N LEU A 93 -2.88 0.34 10.07
CA LEU A 93 -4.13 0.82 10.63
C LEU A 93 -5.21 0.78 9.55
N ASP A 94 -6.46 0.85 9.99
CA ASP A 94 -7.58 0.82 9.08
C ASP A 94 -8.53 1.97 9.41
N ASP A 95 -8.06 3.19 9.14
CA ASP A 95 -8.85 4.37 9.40
C ASP A 95 -8.64 5.38 8.28
N SER A 96 -9.37 6.48 8.37
CA SER A 96 -9.28 7.53 7.36
C SER A 96 -7.91 8.23 7.46
N THR A 97 -7.55 8.56 8.70
CA THR A 97 -6.29 9.23 8.94
C THR A 97 -5.13 8.44 8.31
N ALA A 98 -4.84 7.31 8.91
CA ALA A 98 -3.76 6.45 8.43
C ALA A 98 -3.77 6.46 6.89
N LEU A 99 -2.62 6.77 6.32
CA LEU A 99 -2.49 6.81 4.88
C LEU A 99 -1.39 5.84 4.44
N TYR A 100 -1.34 5.59 3.14
CA TYR A 100 -0.36 4.68 2.59
C TYR A 100 -0.17 4.92 1.09
N THR A 101 1.07 4.77 0.65
CA THR A 101 1.39 4.97 -0.75
C THR A 101 2.08 3.73 -1.33
N PHE A 102 2.55 3.87 -2.56
CA PHE A 102 3.23 2.77 -3.22
C PHE A 102 4.74 2.98 -3.22
N ALA A 103 5.46 1.93 -2.84
CA ALA A 103 6.91 1.98 -2.80
C ALA A 103 7.46 1.99 -4.22
N GLU A 104 8.75 2.29 -4.33
CA GLU A 104 9.41 2.34 -5.62
C GLU A 104 9.02 1.11 -6.45
N SER A 105 8.70 0.03 -5.74
CA SER A 105 8.32 -1.20 -6.40
C SER A 105 9.46 -1.70 -7.29
N TYR A 106 9.48 -3.01 -7.48
CA TYR A 106 10.52 -3.63 -8.30
C TYR A 106 10.78 -2.80 -9.56
N LYS A 107 11.91 -3.11 -10.20
CA LYS A 107 12.28 -2.41 -11.41
C LYS A 107 11.04 -2.16 -12.27
N LYS A 108 10.74 -0.88 -12.46
CA LYS A 108 9.58 -0.50 -13.26
C LYS A 108 9.53 1.02 -13.37
N LYS A 109 9.41 1.49 -14.61
CA LYS A 109 9.35 2.91 -14.87
C LYS A 109 8.48 3.58 -13.81
N VAL A 110 9.08 4.53 -13.10
CA VAL A 110 8.37 5.25 -12.07
C VAL A 110 9.25 6.40 -11.56
N SER A 111 8.61 7.56 -11.38
CA SER A 111 9.32 8.73 -10.91
C SER A 111 9.84 8.49 -9.49
N SER A 112 11.08 8.07 -9.41
CA SER A 112 11.71 7.80 -8.12
C SER A 112 13.18 7.43 -8.33
N LYS A 113 13.96 7.62 -7.26
CA LYS A 113 15.38 7.32 -7.31
C LYS A 113 15.90 7.14 -5.88
N GLU A 114 16.23 5.90 -5.56
CA GLU A 114 16.74 5.58 -4.24
C GLU A 114 16.99 4.08 -4.12
N SER A 115 17.90 3.73 -3.22
CA SER A 115 18.23 2.33 -2.99
C SER A 115 19.03 2.18 -1.70
N GLY A 116 19.05 0.97 -1.17
CA GLY A 116 19.76 0.69 0.06
C GLY A 116 19.79 -0.81 0.34
N PRO A 117 20.93 -1.46 -0.03
CA PRO A 117 21.08 -2.88 0.18
C PRO A 117 21.36 -3.19 1.65
N SER A 118 21.47 -4.48 1.94
CA SER A 118 21.73 -4.92 3.30
C SER A 118 21.81 -6.45 3.35
N SER A 119 22.77 -6.93 4.13
CA SER A 119 22.97 -8.36 4.27
C SER A 119 23.75 -8.65 5.55
N GLY A 120 23.76 -9.93 5.92
CA GLY A 120 24.45 -10.36 7.13
C GLY A 120 23.91 -11.71 7.62
N GLY A 1 9.71 -15.47 -13.95
CA GLY A 1 9.60 -16.09 -12.63
C GLY A 1 10.45 -15.34 -11.61
N SER A 2 11.03 -16.11 -10.69
CA SER A 2 11.87 -15.54 -9.66
C SER A 2 11.03 -14.60 -8.76
N SER A 3 11.63 -14.21 -7.66
CA SER A 3 10.97 -13.32 -6.71
C SER A 3 9.81 -14.06 -6.04
N GLY A 4 9.62 -13.77 -4.77
CA GLY A 4 8.56 -14.39 -3.99
C GLY A 4 7.21 -13.74 -4.31
N SER A 5 6.54 -13.31 -3.24
CA SER A 5 5.24 -12.68 -3.39
C SER A 5 4.40 -13.42 -4.42
N SER A 6 4.36 -14.74 -4.27
CA SER A 6 3.60 -15.58 -5.17
C SER A 6 2.10 -15.34 -4.97
N GLY A 7 1.69 -14.10 -5.21
CA GLY A 7 0.30 -13.73 -5.06
C GLY A 7 0.14 -12.21 -4.94
N LEU A 8 0.78 -11.67 -3.90
CA LEU A 8 0.73 -10.24 -3.66
C LEU A 8 0.90 -9.50 -4.98
N HIS A 9 1.66 -10.10 -5.87
CA HIS A 9 1.92 -9.50 -7.17
C HIS A 9 0.59 -9.17 -7.85
N ARG A 10 -0.33 -10.12 -7.77
CA ARG A 10 -1.65 -9.94 -8.37
C ARG A 10 -2.41 -8.83 -7.66
N ILE A 11 -2.02 -8.59 -6.42
CA ILE A 11 -2.65 -7.54 -5.62
C ILE A 11 -2.12 -6.17 -6.05
N VAL A 12 -0.81 -6.13 -6.25
CA VAL A 12 -0.17 -4.89 -6.67
C VAL A 12 -0.69 -4.50 -8.05
N ASP A 13 -0.78 -5.49 -8.92
CA ASP A 13 -1.25 -5.25 -10.27
C ASP A 13 -2.63 -4.59 -10.22
N LYS A 14 -3.47 -5.12 -9.35
CA LYS A 14 -4.81 -4.58 -9.19
C LYS A 14 -4.73 -3.12 -8.72
N MET A 15 -3.84 -2.88 -7.78
CA MET A 15 -3.64 -1.54 -7.25
C MET A 15 -3.07 -0.61 -8.32
N HIS A 16 -2.30 -1.19 -9.22
CA HIS A 16 -1.69 -0.42 -10.30
C HIS A 16 -2.78 0.21 -11.16
N ASP A 17 -3.97 -0.35 -11.05
CA ASP A 17 -5.10 0.14 -11.81
C ASP A 17 -5.82 1.23 -11.01
N THR A 18 -6.68 1.97 -11.70
CA THR A 18 -7.43 3.03 -11.06
C THR A 18 -8.92 2.68 -11.02
N SER A 19 -9.39 2.11 -12.11
CA SER A 19 -10.79 1.72 -12.20
C SER A 19 -11.13 0.72 -11.11
N THR A 20 -10.55 -0.47 -11.24
CA THR A 20 -10.78 -1.53 -10.26
C THR A 20 -9.74 -1.47 -9.15
N GLY A 21 -8.60 -0.88 -9.48
CA GLY A 21 -7.52 -0.75 -8.51
C GLY A 21 -7.89 0.22 -7.40
N ILE A 22 -6.88 0.66 -6.67
CA ILE A 22 -7.09 1.59 -5.58
C ILE A 22 -7.26 3.01 -6.13
N ARG A 23 -7.49 3.94 -5.22
CA ARG A 23 -7.66 5.33 -5.60
C ARG A 23 -7.26 6.26 -4.46
N PRO A 24 -5.96 6.68 -4.49
CA PRO A 24 -5.43 7.56 -3.47
C PRO A 24 -5.94 8.99 -3.66
N SER A 25 -6.90 9.36 -2.83
CA SER A 25 -7.48 10.69 -2.91
C SER A 25 -7.05 11.51 -1.70
N PRO A 26 -6.50 12.73 -1.98
CA PRO A 26 -6.05 13.61 -0.92
C PRO A 26 -7.24 14.27 -0.21
N ASN A 27 -6.95 14.87 0.93
CA ASN A 27 -7.97 15.54 1.72
C ASN A 27 -7.32 16.22 2.92
N MET A 28 -6.12 16.72 2.70
CA MET A 28 -5.38 17.40 3.76
C MET A 28 -5.43 16.60 5.06
N GLU A 29 -4.37 15.83 5.28
CA GLU A 29 -4.28 15.02 6.48
C GLU A 29 -3.29 15.65 7.47
N GLN A 30 -3.85 16.36 8.44
CA GLN A 30 -3.04 17.01 9.45
C GLN A 30 -1.78 17.61 8.82
N GLY A 31 -1.99 18.70 8.09
CA GLY A 31 -0.89 19.37 7.42
C GLY A 31 -0.19 18.45 6.44
N SER A 32 0.55 19.06 5.51
CA SER A 32 1.28 18.30 4.52
C SER A 32 0.30 17.48 3.66
N THR A 33 -0.30 18.16 2.69
CA THR A 33 -1.25 17.51 1.82
C THR A 33 -0.63 16.27 1.17
N TYR A 34 -1.33 15.15 1.32
CA TYR A 34 -0.87 13.89 0.76
C TYR A 34 -1.66 13.52 -0.48
N LYS A 35 -1.07 13.82 -1.63
CA LYS A 35 -1.71 13.52 -2.90
C LYS A 35 -1.66 12.01 -3.15
N LYS A 36 -0.47 11.56 -3.54
CA LYS A 36 -0.27 10.14 -3.82
C LYS A 36 -0.38 9.35 -2.52
N THR A 37 -1.60 9.27 -2.01
CA THR A 37 -1.85 8.55 -0.77
C THR A 37 -3.33 8.13 -0.70
N PHE A 38 -3.54 6.96 -0.12
CA PHE A 38 -4.89 6.44 0.03
C PHE A 38 -5.17 6.05 1.48
N LEU A 39 -6.27 6.56 2.00
CA LEU A 39 -6.67 6.27 3.37
C LEU A 39 -6.38 4.79 3.67
N GLY A 40 -5.98 4.55 4.91
CA GLY A 40 -5.67 3.19 5.34
C GLY A 40 -6.90 2.29 5.21
N SER A 41 -8.06 2.86 5.49
CA SER A 41 -9.30 2.13 5.40
C SER A 41 -9.61 1.78 3.95
N SER A 42 -9.38 2.74 3.08
CA SER A 42 -9.62 2.56 1.66
C SER A 42 -8.95 1.27 1.18
N LEU A 43 -7.72 1.07 1.64
CA LEU A 43 -6.96 -0.11 1.26
C LEU A 43 -7.66 -1.35 1.83
N VAL A 44 -7.87 -1.32 3.14
CA VAL A 44 -8.52 -2.44 3.82
C VAL A 44 -9.77 -2.84 3.03
N ASP A 45 -10.74 -1.94 3.03
CA ASP A 45 -11.99 -2.19 2.32
C ASP A 45 -11.68 -2.73 0.91
N TRP A 46 -10.76 -2.05 0.26
CA TRP A 46 -10.36 -2.43 -1.09
C TRP A 46 -9.97 -3.92 -1.06
N LEU A 47 -8.91 -4.20 -0.32
CA LEU A 47 -8.43 -5.57 -0.20
C LEU A 47 -9.62 -6.51 -0.05
N ILE A 48 -10.47 -6.18 0.92
CA ILE A 48 -11.66 -6.99 1.18
C ILE A 48 -12.37 -7.28 -0.14
N SER A 49 -12.90 -6.23 -0.73
CA SER A 49 -13.61 -6.36 -1.99
C SER A 49 -12.71 -7.00 -3.04
N SER A 50 -11.41 -6.76 -2.88
CA SER A 50 -10.42 -7.32 -3.80
C SER A 50 -10.47 -8.84 -3.75
N ASN A 51 -11.13 -9.36 -2.73
CA ASN A 51 -11.24 -10.80 -2.57
C ASN A 51 -9.96 -11.34 -1.93
N PHE A 52 -9.13 -10.41 -1.46
CA PHE A 52 -7.87 -10.77 -0.83
C PHE A 52 -8.04 -10.91 0.69
N ALA A 53 -9.14 -10.35 1.17
CA ALA A 53 -9.43 -10.39 2.60
C ALA A 53 -10.92 -10.64 2.81
N ALA A 54 -11.25 -11.12 3.99
CA ALA A 54 -12.64 -11.40 4.32
C ALA A 54 -13.17 -10.32 5.27
N SER A 55 -12.25 -9.80 6.08
CA SER A 55 -12.61 -8.76 7.03
C SER A 55 -11.46 -7.75 7.16
N ARG A 56 -11.78 -6.59 7.71
CA ARG A 56 -10.79 -5.55 7.89
C ARG A 56 -9.46 -6.16 8.34
N LEU A 57 -9.56 -7.14 9.21
CA LEU A 57 -8.38 -7.81 9.72
C LEU A 57 -7.56 -8.35 8.55
N GLU A 58 -8.11 -9.38 7.91
CA GLU A 58 -7.43 -10.00 6.78
C GLU A 58 -6.86 -8.92 5.85
N ALA A 59 -7.62 -7.85 5.70
CA ALA A 59 -7.19 -6.75 4.86
C ALA A 59 -6.01 -6.04 5.50
N VAL A 60 -6.17 -5.71 6.77
CA VAL A 60 -5.12 -5.02 7.51
C VAL A 60 -3.77 -5.66 7.17
N THR A 61 -3.74 -6.98 7.23
CA THR A 61 -2.52 -7.71 6.92
C THR A 61 -2.15 -7.54 5.45
N LEU A 62 -3.14 -7.74 4.58
CA LEU A 62 -2.93 -7.62 3.16
C LEU A 62 -2.13 -6.34 2.87
N ALA A 63 -2.39 -5.33 3.70
CA ALA A 63 -1.71 -4.06 3.55
C ALA A 63 -0.25 -4.21 3.97
N SER A 64 -0.06 -4.63 5.22
CA SER A 64 1.26 -4.83 5.75
C SER A 64 2.07 -5.76 4.85
N MET A 65 1.35 -6.65 4.18
CA MET A 65 1.98 -7.60 3.28
C MET A 65 2.56 -6.90 2.05
N LEU A 66 1.78 -5.96 1.52
CA LEU A 66 2.21 -5.21 0.35
C LEU A 66 3.37 -4.29 0.74
N MET A 67 3.22 -3.65 1.88
CA MET A 67 4.25 -2.75 2.37
C MET A 67 5.58 -3.48 2.55
N GLU A 68 5.48 -4.71 3.01
CA GLU A 68 6.67 -5.53 3.23
C GLU A 68 7.34 -5.87 1.90
N GLU A 69 6.51 -6.28 0.95
CA GLU A 69 7.00 -6.64 -0.37
C GLU A 69 7.62 -5.42 -1.05
N ASN A 70 7.40 -4.26 -0.44
CA ASN A 70 7.93 -3.02 -0.97
C ASN A 70 6.97 -2.48 -2.04
N PHE A 71 5.68 -2.71 -1.79
CA PHE A 71 4.66 -2.26 -2.72
C PHE A 71 3.94 -1.01 -2.17
N LEU A 72 4.29 -0.67 -0.94
CA LEU A 72 3.69 0.49 -0.29
C LEU A 72 4.47 0.81 0.98
N ARG A 73 4.23 2.00 1.50
CA ARG A 73 4.90 2.45 2.71
C ARG A 73 3.97 3.36 3.52
N PRO A 74 4.22 3.38 4.86
CA PRO A 74 3.43 4.21 5.75
C PRO A 74 3.81 5.68 5.62
N VAL A 75 2.79 6.53 5.62
CA VAL A 75 3.00 7.96 5.49
C VAL A 75 3.20 8.56 6.89
N GLY A 76 3.98 9.64 6.93
CA GLY A 76 4.26 10.31 8.18
C GLY A 76 2.97 10.55 8.98
N VAL A 77 3.16 10.87 10.25
CA VAL A 77 2.02 11.13 11.12
C VAL A 77 1.07 9.93 11.09
N ARG A 78 0.14 9.92 12.03
CA ARG A 78 -0.83 8.84 12.11
C ARG A 78 -0.12 7.49 12.05
N SER A 79 -0.01 6.98 10.84
CA SER A 79 0.64 5.69 10.62
C SER A 79 2.09 5.75 11.12
N MET A 80 2.92 4.91 10.53
CA MET A 80 4.32 4.84 10.91
C MET A 80 4.47 4.58 12.41
N GLY A 81 3.87 3.48 12.84
CA GLY A 81 3.93 3.09 14.24
C GLY A 81 4.90 1.93 14.45
N ALA A 82 6.08 2.26 14.96
CA ALA A 82 7.10 1.26 15.22
C ALA A 82 7.29 0.41 13.96
N ILE A 83 7.89 1.02 12.94
CA ILE A 83 8.14 0.33 11.70
C ILE A 83 9.39 -0.54 11.84
N ARG A 84 9.25 -1.79 11.43
CA ARG A 84 10.36 -2.73 11.50
C ARG A 84 10.48 -3.51 10.19
N SER A 85 11.72 -3.61 9.72
CA SER A 85 11.99 -4.32 8.48
C SER A 85 12.70 -5.63 8.77
N GLY A 86 12.05 -6.46 9.58
CA GLY A 86 12.61 -7.75 9.95
C GLY A 86 11.57 -8.86 9.82
N ASP A 87 10.45 -8.66 10.51
CA ASP A 87 9.37 -9.64 10.48
C ASP A 87 8.25 -9.12 9.57
N LEU A 88 7.31 -10.00 9.28
CA LEU A 88 6.18 -9.65 8.43
C LEU A 88 5.15 -8.89 9.27
N ALA A 89 4.72 -9.52 10.35
CA ALA A 89 3.74 -8.92 11.24
C ALA A 89 2.60 -8.33 10.39
N GLU A 90 1.76 -7.54 11.06
CA GLU A 90 0.64 -6.92 10.40
C GLU A 90 0.67 -5.40 10.62
N GLN A 91 1.86 -4.91 10.97
CA GLN A 91 2.03 -3.48 11.21
C GLN A 91 1.21 -2.67 10.21
N PHE A 92 0.02 -2.26 10.64
CA PHE A 92 -0.86 -1.48 9.80
C PHE A 92 -2.13 -1.09 10.55
N LEU A 93 -2.76 -0.04 10.06
CA LEU A 93 -3.99 0.45 10.68
C LEU A 93 -5.14 0.35 9.68
N ASP A 94 -6.30 0.82 10.10
CA ASP A 94 -7.47 0.79 9.25
C ASP A 94 -8.40 1.95 9.62
N ASP A 95 -7.95 3.14 9.25
CA ASP A 95 -8.72 4.35 9.54
C ASP A 95 -8.70 5.27 8.32
N SER A 96 -9.36 6.41 8.46
CA SER A 96 -9.41 7.38 7.38
C SER A 96 -8.29 8.41 7.54
N THR A 97 -7.26 8.01 8.28
CA THR A 97 -6.13 8.89 8.52
C THR A 97 -4.83 8.18 8.13
N ALA A 98 -4.73 6.92 8.52
CA ALA A 98 -3.55 6.13 8.21
C ALA A 98 -3.38 6.04 6.69
N LEU A 99 -2.73 7.07 6.14
CA LEU A 99 -2.49 7.12 4.71
C LEU A 99 -1.41 6.10 4.35
N TYR A 100 -1.31 5.85 3.05
CA TYR A 100 -0.32 4.91 2.54
C TYR A 100 -0.08 5.11 1.05
N THR A 101 1.20 5.06 0.67
CA THR A 101 1.57 5.23 -0.71
C THR A 101 2.30 3.98 -1.23
N PHE A 102 2.65 4.03 -2.51
CA PHE A 102 3.34 2.91 -3.13
C PHE A 102 4.86 3.04 -2.95
N ALA A 103 5.47 1.92 -2.62
CA ALA A 103 6.92 1.89 -2.41
C ALA A 103 7.61 1.83 -3.78
N GLU A 104 8.39 2.86 -4.06
CA GLU A 104 9.10 2.94 -5.32
C GLU A 104 10.18 1.85 -5.37
N SER A 105 9.94 0.87 -6.24
CA SER A 105 10.87 -0.24 -6.39
C SER A 105 10.32 -1.25 -7.39
N TYR A 106 10.26 -0.83 -8.64
CA TYR A 106 9.76 -1.68 -9.71
C TYR A 106 9.74 -0.96 -11.05
N LYS A 107 9.51 -1.72 -12.10
CA LYS A 107 9.48 -1.16 -13.44
C LYS A 107 8.57 0.07 -13.45
N LYS A 108 9.18 1.22 -13.74
CA LYS A 108 8.45 2.47 -13.78
C LYS A 108 9.38 3.58 -14.26
N LYS A 109 8.79 4.74 -14.50
CA LYS A 109 9.54 5.89 -14.96
C LYS A 109 9.59 6.94 -13.84
N VAL A 110 10.34 8.00 -14.10
CA VAL A 110 10.48 9.07 -13.14
C VAL A 110 9.66 10.28 -13.60
N SER A 111 8.61 10.57 -12.84
CA SER A 111 7.73 11.69 -13.16
C SER A 111 6.82 11.99 -11.98
N SER A 112 7.01 13.16 -11.40
CA SER A 112 6.21 13.58 -10.27
C SER A 112 5.11 14.54 -10.73
N LYS A 113 3.99 14.50 -10.01
CA LYS A 113 2.86 15.35 -10.34
C LYS A 113 2.72 16.43 -9.27
N GLU A 114 2.37 17.62 -9.72
CA GLU A 114 2.20 18.74 -8.81
C GLU A 114 1.64 19.95 -9.57
N SER A 115 0.32 20.04 -9.59
CA SER A 115 -0.35 21.14 -10.26
C SER A 115 -1.82 21.18 -9.86
N GLY A 116 -2.30 22.38 -9.59
CA GLY A 116 -3.69 22.57 -9.20
C GLY A 116 -3.79 23.15 -7.79
N PRO A 117 -4.99 22.96 -7.18
CA PRO A 117 -5.22 23.47 -5.83
C PRO A 117 -4.51 22.60 -4.79
N SER A 118 -4.62 23.02 -3.54
CA SER A 118 -4.00 22.30 -2.44
C SER A 118 -4.94 22.23 -1.24
N SER A 119 -5.32 23.41 -0.77
CA SER A 119 -6.21 23.51 0.37
C SER A 119 -6.65 24.97 0.57
N GLY A 120 -7.91 25.13 0.94
CA GLY A 120 -8.46 26.46 1.17
C GLY A 120 -9.66 26.40 2.11
N GLY A 1 10.69 -15.79 -6.91
CA GLY A 1 11.06 -14.77 -5.94
C GLY A 1 10.88 -15.28 -4.51
N SER A 2 11.59 -16.36 -4.22
CA SER A 2 11.51 -16.96 -2.89
C SER A 2 10.08 -17.41 -2.59
N SER A 3 9.94 -18.17 -1.53
CA SER A 3 8.64 -18.67 -1.12
C SER A 3 7.88 -17.57 -0.37
N GLY A 4 6.61 -17.87 -0.10
CA GLY A 4 5.77 -16.92 0.62
C GLY A 4 5.13 -15.92 -0.35
N SER A 5 5.71 -14.73 -0.39
CA SER A 5 5.21 -13.68 -1.27
C SER A 5 5.09 -14.21 -2.70
N SER A 6 4.04 -13.75 -3.37
CA SER A 6 3.80 -14.17 -4.74
C SER A 6 2.47 -13.60 -5.23
N GLY A 7 1.44 -13.82 -4.44
CA GLY A 7 0.11 -13.33 -4.77
C GLY A 7 0.05 -11.81 -4.71
N LEU A 8 0.72 -11.26 -3.71
CA LEU A 8 0.76 -9.82 -3.53
C LEU A 8 0.98 -9.15 -4.88
N HIS A 9 1.64 -9.88 -5.77
CA HIS A 9 1.92 -9.36 -7.10
C HIS A 9 0.61 -9.11 -7.85
N ARG A 10 -0.27 -10.10 -7.78
CA ARG A 10 -1.57 -9.99 -8.44
C ARG A 10 -2.41 -8.89 -7.79
N ILE A 11 -2.08 -8.59 -6.54
CA ILE A 11 -2.80 -7.57 -5.80
C ILE A 11 -2.26 -6.18 -6.22
N VAL A 12 -0.95 -6.09 -6.27
CA VAL A 12 -0.31 -4.83 -6.65
C VAL A 12 -0.83 -4.40 -8.03
N ASP A 13 -0.79 -5.33 -8.96
CA ASP A 13 -1.25 -5.05 -10.31
C ASP A 13 -2.64 -4.44 -10.26
N LYS A 14 -3.51 -5.08 -9.48
CA LYS A 14 -4.88 -4.61 -9.32
C LYS A 14 -4.86 -3.18 -8.78
N MET A 15 -4.07 -2.99 -7.74
CA MET A 15 -3.95 -1.67 -7.12
C MET A 15 -3.37 -0.66 -8.09
N HIS A 16 -2.53 -1.16 -9.00
CA HIS A 16 -1.90 -0.30 -9.99
C HIS A 16 -2.97 0.31 -10.89
N ASP A 17 -4.12 -0.35 -10.92
CA ASP A 17 -5.23 0.12 -11.74
C ASP A 17 -5.99 1.20 -10.98
N THR A 18 -6.91 1.84 -11.69
CA THR A 18 -7.72 2.89 -11.10
C THR A 18 -9.20 2.51 -11.11
N SER A 19 -9.60 1.87 -12.20
CA SER A 19 -10.98 1.43 -12.35
C SER A 19 -11.35 0.48 -11.21
N THR A 20 -10.79 -0.72 -11.29
CA THR A 20 -11.04 -1.73 -10.27
C THR A 20 -10.03 -1.62 -9.14
N GLY A 21 -8.87 -1.07 -9.47
CA GLY A 21 -7.80 -0.91 -8.49
C GLY A 21 -8.18 0.13 -7.44
N ILE A 22 -7.22 0.45 -6.59
CA ILE A 22 -7.44 1.42 -5.53
C ILE A 22 -7.58 2.81 -6.15
N ARG A 23 -7.75 3.80 -5.28
CA ARG A 23 -7.89 5.18 -5.72
C ARG A 23 -7.45 6.13 -4.62
N PRO A 24 -6.15 6.54 -4.71
CA PRO A 24 -5.58 7.45 -3.73
C PRO A 24 -6.08 8.89 -3.96
N SER A 25 -5.80 9.40 -5.15
CA SER A 25 -6.21 10.74 -5.50
C SER A 25 -5.86 11.71 -4.38
N PRO A 26 -4.68 12.38 -4.55
CA PRO A 26 -4.21 13.34 -3.57
C PRO A 26 -5.00 14.64 -3.65
N ASN A 27 -6.32 14.51 -3.52
CA ASN A 27 -7.19 15.66 -3.58
C ASN A 27 -7.18 16.38 -2.22
N MET A 28 -5.99 16.79 -1.82
CA MET A 28 -5.82 17.48 -0.55
C MET A 28 -6.36 16.62 0.62
N GLU A 29 -5.97 17.02 1.81
CA GLU A 29 -6.39 16.30 3.01
C GLU A 29 -6.34 17.23 4.23
N GLN A 30 -5.18 17.85 4.41
CA GLN A 30 -4.99 18.76 5.53
C GLN A 30 -3.87 19.74 5.22
N GLY A 31 -4.13 20.60 4.23
CA GLY A 31 -3.16 21.61 3.83
C GLY A 31 -2.09 20.99 2.91
N SER A 32 -1.50 19.90 3.39
CA SER A 32 -0.47 19.22 2.63
C SER A 32 -1.12 18.35 1.55
N THR A 33 -0.47 18.33 0.39
CA THR A 33 -0.96 17.55 -0.74
C THR A 33 -0.08 16.32 -0.96
N TYR A 34 -0.34 15.28 -0.17
CA TYR A 34 0.43 14.05 -0.28
C TYR A 34 0.54 13.60 -1.73
N LYS A 35 1.55 12.78 -1.99
CA LYS A 35 1.77 12.27 -3.33
C LYS A 35 1.36 10.80 -3.39
N LYS A 36 0.25 10.56 -4.07
CA LYS A 36 -0.26 9.21 -4.20
C LYS A 36 -0.38 8.57 -2.81
N THR A 37 -1.55 8.75 -2.21
CA THR A 37 -1.80 8.20 -0.89
C THR A 37 -3.28 7.83 -0.74
N PHE A 38 -3.52 6.70 -0.10
CA PHE A 38 -4.87 6.22 0.12
C PHE A 38 -5.10 5.88 1.60
N LEU A 39 -6.24 6.32 2.10
CA LEU A 39 -6.60 6.06 3.48
C LEU A 39 -6.37 4.58 3.80
N GLY A 40 -6.00 4.31 5.05
CA GLY A 40 -5.75 2.95 5.48
C GLY A 40 -7.01 2.10 5.34
N SER A 41 -8.14 2.76 5.40
CA SER A 41 -9.42 2.07 5.29
C SER A 41 -9.74 1.78 3.81
N SER A 42 -9.39 2.75 2.97
CA SER A 42 -9.61 2.61 1.54
C SER A 42 -8.99 1.31 1.03
N LEU A 43 -7.78 1.06 1.49
CA LEU A 43 -7.07 -0.15 1.10
C LEU A 43 -7.77 -1.38 1.67
N VAL A 44 -7.92 -1.36 2.99
CA VAL A 44 -8.57 -2.47 3.68
C VAL A 44 -9.87 -2.81 2.96
N ASP A 45 -10.79 -1.86 2.97
CA ASP A 45 -12.08 -2.05 2.33
C ASP A 45 -11.85 -2.59 0.91
N TRP A 46 -10.91 -1.98 0.22
CA TRP A 46 -10.59 -2.39 -1.14
C TRP A 46 -10.23 -3.88 -1.12
N LEU A 47 -9.10 -4.16 -0.47
CA LEU A 47 -8.63 -5.54 -0.37
C LEU A 47 -9.84 -6.47 -0.18
N ILE A 48 -10.72 -6.06 0.72
CA ILE A 48 -11.91 -6.84 1.00
C ILE A 48 -12.77 -6.94 -0.26
N SER A 49 -13.10 -5.77 -0.80
CA SER A 49 -13.93 -5.71 -2.00
C SER A 49 -13.23 -6.48 -3.13
N SER A 50 -11.91 -6.49 -3.09
CA SER A 50 -11.13 -7.18 -4.10
C SER A 50 -11.25 -8.69 -3.90
N ASN A 51 -11.75 -9.07 -2.74
CA ASN A 51 -11.92 -10.48 -2.41
C ASN A 51 -10.59 -11.04 -1.94
N PHE A 52 -9.70 -10.13 -1.55
CA PHE A 52 -8.38 -10.53 -1.08
C PHE A 52 -8.40 -10.79 0.43
N ALA A 53 -9.34 -10.15 1.10
CA ALA A 53 -9.49 -10.30 2.54
C ALA A 53 -10.95 -10.61 2.88
N ALA A 54 -11.14 -11.19 4.06
CA ALA A 54 -12.47 -11.53 4.51
C ALA A 54 -12.95 -10.48 5.51
N SER A 55 -11.99 -9.93 6.25
CA SER A 55 -12.31 -8.92 7.25
C SER A 55 -11.20 -7.87 7.28
N ARG A 56 -11.56 -6.69 7.79
CA ARG A 56 -10.61 -5.60 7.89
C ARG A 56 -9.23 -6.12 8.29
N LEU A 57 -9.25 -7.18 9.08
CA LEU A 57 -8.01 -7.80 9.54
C LEU A 57 -7.23 -8.33 8.34
N GLU A 58 -7.79 -9.38 7.74
CA GLU A 58 -7.16 -9.99 6.58
C GLU A 58 -6.62 -8.92 5.63
N ALA A 59 -7.31 -7.79 5.61
CA ALA A 59 -6.91 -6.68 4.77
C ALA A 59 -5.76 -5.93 5.42
N VAL A 60 -5.92 -5.69 6.71
CA VAL A 60 -4.90 -4.97 7.48
C VAL A 60 -3.56 -5.66 7.28
N THR A 61 -3.58 -6.98 7.37
CA THR A 61 -2.36 -7.77 7.20
C THR A 61 -1.90 -7.73 5.74
N LEU A 62 -2.87 -7.88 4.84
CA LEU A 62 -2.56 -7.86 3.42
C LEU A 62 -1.83 -6.57 3.07
N ALA A 63 -2.25 -5.49 3.71
CA ALA A 63 -1.64 -4.19 3.48
C ALA A 63 -0.20 -4.22 3.96
N SER A 64 -0.04 -4.53 5.24
CA SER A 64 1.29 -4.60 5.83
C SER A 64 2.19 -5.52 5.01
N MET A 65 1.57 -6.52 4.41
CA MET A 65 2.30 -7.47 3.59
C MET A 65 2.88 -6.80 2.35
N LEU A 66 2.04 -6.01 1.70
CA LEU A 66 2.46 -5.29 0.50
C LEU A 66 3.63 -4.38 0.84
N MET A 67 3.48 -3.65 1.94
CA MET A 67 4.51 -2.73 2.39
C MET A 67 5.84 -3.47 2.58
N GLU A 68 5.76 -4.64 3.19
CA GLU A 68 6.95 -5.44 3.44
C GLU A 68 7.63 -5.80 2.12
N GLU A 69 6.82 -6.27 1.17
CA GLU A 69 7.33 -6.66 -0.13
C GLU A 69 7.94 -5.44 -0.83
N ASN A 70 7.68 -4.27 -0.27
CA ASN A 70 8.21 -3.04 -0.83
C ASN A 70 7.27 -2.54 -1.93
N PHE A 71 5.97 -2.74 -1.70
CA PHE A 71 4.96 -2.32 -2.65
C PHE A 71 4.27 -1.04 -2.19
N LEU A 72 4.40 -0.76 -0.90
CA LEU A 72 3.80 0.43 -0.33
C LEU A 72 4.53 0.78 0.97
N ARG A 73 4.21 1.97 1.49
CA ARG A 73 4.82 2.44 2.71
C ARG A 73 3.82 3.27 3.52
N PRO A 74 4.09 3.35 4.85
CA PRO A 74 3.23 4.11 5.75
C PRO A 74 3.45 5.61 5.57
N VAL A 75 2.34 6.33 5.45
CA VAL A 75 2.40 7.77 5.28
C VAL A 75 1.44 8.44 6.28
N GLY A 76 1.67 9.72 6.49
CA GLY A 76 0.84 10.48 7.41
C GLY A 76 1.36 10.36 8.84
N VAL A 77 0.84 11.22 9.70
CA VAL A 77 1.24 11.22 11.10
C VAL A 77 0.66 10.00 11.79
N ARG A 78 -0.50 9.59 11.32
CA ARG A 78 -1.19 8.43 11.88
C ARG A 78 -0.31 7.19 11.73
N SER A 79 -0.05 6.82 10.48
CA SER A 79 0.76 5.66 10.19
C SER A 79 2.22 5.95 10.54
N MET A 80 3.09 5.04 10.10
CA MET A 80 4.52 5.18 10.36
C MET A 80 4.78 5.67 11.78
N GLY A 81 5.99 6.14 11.99
CA GLY A 81 6.38 6.65 13.31
C GLY A 81 7.70 6.01 13.77
N ALA A 82 7.89 4.77 13.36
CA ALA A 82 9.10 4.04 13.72
C ALA A 82 9.21 2.78 12.85
N ILE A 83 8.11 2.06 12.75
CA ILE A 83 8.08 0.85 11.96
C ILE A 83 9.38 0.07 12.15
N ARG A 84 10.01 -0.25 11.03
CA ARG A 84 11.27 -0.99 11.07
C ARG A 84 11.05 -2.37 11.69
N SER A 85 9.80 -2.77 11.73
CA SER A 85 9.44 -4.08 12.29
C SER A 85 8.97 -5.01 11.17
N GLY A 86 9.94 -5.56 10.45
CA GLY A 86 9.63 -6.47 9.37
C GLY A 86 8.78 -7.65 9.86
N ASP A 87 9.42 -8.82 9.89
CA ASP A 87 8.74 -10.03 10.34
C ASP A 87 7.31 -10.03 9.81
N LEU A 88 6.45 -10.78 10.49
CA LEU A 88 5.06 -10.88 10.10
C LEU A 88 4.26 -9.81 10.84
N ALA A 89 4.95 -8.75 11.22
CA ALA A 89 4.32 -7.66 11.94
C ALA A 89 3.10 -7.17 11.15
N GLU A 90 2.38 -6.22 11.75
CA GLU A 90 1.20 -5.67 11.10
C GLU A 90 1.18 -4.15 11.26
N GLN A 91 2.33 -3.54 10.98
CA GLN A 91 2.47 -2.11 11.08
C GLN A 91 1.53 -1.41 10.08
N PHE A 92 0.26 -1.37 10.43
CA PHE A 92 -0.74 -0.76 9.58
C PHE A 92 -1.96 -0.32 10.39
N LEU A 93 -2.85 0.39 9.72
CA LEU A 93 -4.06 0.87 10.36
C LEU A 93 -5.24 0.77 9.38
N ASP A 94 -6.42 1.05 9.89
CA ASP A 94 -7.62 1.00 9.07
C ASP A 94 -8.59 2.10 9.51
N ASP A 95 -8.25 3.33 9.15
CA ASP A 95 -9.06 4.47 9.49
C ASP A 95 -9.07 5.48 8.33
N SER A 96 -9.73 6.59 8.56
CA SER A 96 -9.82 7.63 7.54
C SER A 96 -8.70 8.64 7.74
N THR A 97 -7.58 8.16 8.26
CA THR A 97 -6.43 9.01 8.50
C THR A 97 -5.15 8.35 7.98
N ALA A 98 -4.97 7.11 8.39
CA ALA A 98 -3.79 6.35 7.98
C ALA A 98 -3.58 6.53 6.48
N LEU A 99 -2.40 7.01 6.13
CA LEU A 99 -2.07 7.23 4.73
C LEU A 99 -1.03 6.18 4.29
N TYR A 100 -1.14 5.76 3.04
CA TYR A 100 -0.24 4.77 2.49
C TYR A 100 0.03 5.04 1.02
N THR A 101 1.30 4.89 0.63
CA THR A 101 1.69 5.10 -0.74
C THR A 101 2.46 3.89 -1.28
N PHE A 102 2.62 3.86 -2.59
CA PHE A 102 3.32 2.77 -3.24
C PHE A 102 4.84 2.99 -3.20
N ALA A 103 5.54 1.99 -2.70
CA ALA A 103 6.99 2.05 -2.60
C ALA A 103 7.59 1.98 -4.01
N GLU A 104 8.73 2.63 -4.16
CA GLU A 104 9.43 2.64 -5.44
C GLU A 104 8.78 3.65 -6.38
N SER A 105 7.46 3.54 -6.53
CA SER A 105 6.72 4.43 -7.39
C SER A 105 6.85 3.97 -8.85
N TYR A 106 5.85 4.32 -9.64
CA TYR A 106 5.83 3.96 -11.05
C TYR A 106 5.04 4.98 -11.87
N LYS A 107 4.81 4.62 -13.12
CA LYS A 107 4.06 5.49 -14.02
C LYS A 107 2.76 5.93 -13.33
N LYS A 108 2.80 7.14 -12.81
CA LYS A 108 1.65 7.70 -12.13
C LYS A 108 1.79 9.22 -12.05
N LYS A 109 1.38 9.88 -13.12
CA LYS A 109 1.45 11.33 -13.19
C LYS A 109 0.38 11.94 -12.27
N VAL A 110 0.73 13.05 -11.65
CA VAL A 110 -0.18 13.73 -10.75
C VAL A 110 -0.02 15.24 -10.91
N SER A 111 -1.12 15.89 -11.25
CA SER A 111 -1.11 17.33 -11.44
C SER A 111 -1.60 18.03 -10.16
N SER A 112 -1.18 19.27 -10.01
CA SER A 112 -1.56 20.06 -8.85
C SER A 112 -0.84 21.41 -8.86
N LYS A 113 -1.44 22.36 -8.15
CA LYS A 113 -0.86 23.69 -8.08
C LYS A 113 -1.51 24.45 -6.91
N GLU A 114 -0.73 25.35 -6.34
CA GLU A 114 -1.21 26.15 -5.22
C GLU A 114 -0.12 27.12 -4.76
N SER A 115 0.99 26.55 -4.32
CA SER A 115 2.11 27.34 -3.84
C SER A 115 2.34 28.54 -4.77
N GLY A 116 3.01 29.54 -4.23
CA GLY A 116 3.29 30.74 -5.00
C GLY A 116 4.20 31.69 -4.22
N PRO A 117 4.99 32.50 -4.98
CA PRO A 117 5.89 33.46 -4.36
C PRO A 117 5.12 34.67 -3.81
N SER A 118 5.28 34.88 -2.52
CA SER A 118 4.61 36.00 -1.85
C SER A 118 5.19 36.19 -0.45
N SER A 119 5.18 37.45 -0.02
CA SER A 119 5.71 37.79 1.29
C SER A 119 4.64 38.50 2.11
N GLY A 120 3.85 37.69 2.81
CA GLY A 120 2.78 38.22 3.64
C GLY A 120 3.34 39.06 4.79
N GLY A 1 4.03 -21.00 -11.42
CA GLY A 1 5.44 -21.19 -11.18
C GLY A 1 5.98 -20.08 -10.27
N SER A 2 7.30 -19.97 -10.24
CA SER A 2 7.95 -18.96 -9.42
C SER A 2 7.60 -19.18 -7.95
N SER A 3 8.40 -18.56 -7.09
CA SER A 3 8.19 -18.68 -5.66
C SER A 3 8.29 -17.30 -5.01
N GLY A 4 7.71 -17.19 -3.82
CA GLY A 4 7.73 -15.94 -3.08
C GLY A 4 6.33 -15.34 -2.98
N SER A 5 6.28 -14.04 -2.77
CA SER A 5 5.01 -13.33 -2.65
C SER A 5 4.38 -13.17 -4.04
N SER A 6 4.17 -14.29 -4.71
CA SER A 6 3.58 -14.28 -6.02
C SER A 6 2.09 -13.97 -5.93
N GLY A 7 1.58 -14.05 -4.71
CA GLY A 7 0.17 -13.76 -4.46
C GLY A 7 -0.06 -12.27 -4.25
N LEU A 8 0.99 -11.61 -3.77
CA LEU A 8 0.91 -10.17 -3.53
C LEU A 8 1.06 -9.42 -4.84
N HIS A 9 1.75 -10.07 -5.78
CA HIS A 9 1.98 -9.47 -7.09
C HIS A 9 0.64 -9.19 -7.77
N ARG A 10 -0.23 -10.19 -7.73
CA ARG A 10 -1.54 -10.07 -8.33
C ARG A 10 -2.35 -8.96 -7.64
N ILE A 11 -1.96 -8.67 -6.41
CA ILE A 11 -2.63 -7.65 -5.63
C ILE A 11 -2.14 -6.27 -6.09
N VAL A 12 -0.84 -6.17 -6.30
CA VAL A 12 -0.24 -4.93 -6.75
C VAL A 12 -0.79 -4.57 -8.13
N ASP A 13 -0.76 -5.55 -9.02
CA ASP A 13 -1.24 -5.35 -10.37
C ASP A 13 -2.64 -4.73 -10.32
N LYS A 14 -3.45 -5.24 -9.41
CA LYS A 14 -4.81 -4.74 -9.25
C LYS A 14 -4.75 -3.28 -8.81
N MET A 15 -3.95 -3.02 -7.79
CA MET A 15 -3.80 -1.67 -7.27
C MET A 15 -3.31 -0.71 -8.36
N HIS A 16 -2.44 -1.23 -9.21
CA HIS A 16 -1.89 -0.44 -10.30
C HIS A 16 -3.04 0.10 -11.17
N ASP A 17 -4.11 -0.67 -11.22
CA ASP A 17 -5.27 -0.30 -12.01
C ASP A 17 -6.06 0.77 -11.26
N THR A 18 -7.04 1.34 -11.96
CA THR A 18 -7.88 2.38 -11.37
C THR A 18 -9.34 1.92 -11.35
N SER A 19 -9.75 1.29 -12.42
CA SER A 19 -11.12 0.80 -12.54
C SER A 19 -11.40 -0.18 -11.41
N THR A 20 -10.61 -1.24 -11.36
CA THR A 20 -10.77 -2.26 -10.35
C THR A 20 -9.74 -2.08 -9.24
N GLY A 21 -8.68 -1.35 -9.57
CA GLY A 21 -7.62 -1.09 -8.61
C GLY A 21 -8.08 -0.10 -7.54
N ILE A 22 -7.13 0.30 -6.71
CA ILE A 22 -7.42 1.25 -5.64
C ILE A 22 -7.77 2.60 -6.25
N ARG A 23 -8.04 3.56 -5.37
CA ARG A 23 -8.38 4.91 -5.80
C ARG A 23 -7.89 5.94 -4.78
N PRO A 24 -6.65 6.43 -5.03
CA PRO A 24 -6.05 7.41 -4.15
C PRO A 24 -6.67 8.80 -4.37
N SER A 25 -6.47 9.33 -5.56
CA SER A 25 -7.00 10.63 -5.91
C SER A 25 -6.55 11.67 -4.88
N PRO A 26 -6.82 12.96 -5.22
CA PRO A 26 -6.45 14.05 -4.33
C PRO A 26 -7.41 14.13 -3.14
N ASN A 27 -7.39 13.08 -2.34
CA ASN A 27 -8.25 13.02 -1.17
C ASN A 27 -7.72 13.99 -0.10
N MET A 28 -8.60 14.87 0.34
CA MET A 28 -8.23 15.85 1.36
C MET A 28 -8.19 15.21 2.75
N GLU A 29 -7.12 15.50 3.47
CA GLU A 29 -6.94 14.96 4.81
C GLU A 29 -7.11 16.06 5.85
N GLN A 30 -6.31 17.11 5.68
CA GLN A 30 -6.37 18.24 6.60
C GLN A 30 -6.13 19.55 5.84
N GLY A 31 -4.92 19.68 5.31
CA GLY A 31 -4.56 20.87 4.56
C GLY A 31 -3.94 20.50 3.21
N SER A 32 -2.86 19.74 3.28
CA SER A 32 -2.16 19.33 2.08
C SER A 32 -2.88 18.12 1.46
N THR A 33 -3.37 18.32 0.24
CA THR A 33 -4.07 17.27 -0.47
C THR A 33 -3.08 16.24 -1.02
N TYR A 34 -2.88 15.19 -0.26
CA TYR A 34 -1.96 14.13 -0.66
C TYR A 34 -2.44 13.45 -1.95
N LYS A 35 -2.10 14.07 -3.06
CA LYS A 35 -2.48 13.54 -4.36
C LYS A 35 -2.18 12.05 -4.41
N LYS A 36 -1.21 11.65 -3.60
CA LYS A 36 -0.82 10.24 -3.53
C LYS A 36 -1.34 9.63 -2.24
N THR A 37 -0.86 8.43 -1.95
CA THR A 37 -1.27 7.73 -0.74
C THR A 37 -2.77 7.43 -0.79
N PHE A 38 -3.25 6.89 0.32
CA PHE A 38 -4.67 6.55 0.43
C PHE A 38 -4.99 6.03 1.83
N LEU A 39 -6.07 6.57 2.39
CA LEU A 39 -6.51 6.17 3.71
C LEU A 39 -6.34 4.67 3.87
N GLY A 40 -5.89 4.26 5.05
CA GLY A 40 -5.68 2.86 5.34
C GLY A 40 -6.98 2.06 5.19
N SER A 41 -8.08 2.74 5.48
CA SER A 41 -9.40 2.11 5.39
C SER A 41 -9.74 1.84 3.92
N SER A 42 -9.35 2.78 3.08
CA SER A 42 -9.61 2.65 1.65
C SER A 42 -8.91 1.40 1.10
N LEU A 43 -7.75 1.11 1.67
CA LEU A 43 -6.98 -0.05 1.26
C LEU A 43 -7.64 -1.32 1.81
N VAL A 44 -7.99 -1.25 3.08
CA VAL A 44 -8.63 -2.39 3.74
C VAL A 44 -9.88 -2.78 2.95
N ASP A 45 -10.87 -1.89 3.00
CA ASP A 45 -12.13 -2.14 2.30
C ASP A 45 -11.83 -2.69 0.91
N TRP A 46 -10.78 -2.17 0.30
CA TRP A 46 -10.38 -2.61 -1.02
C TRP A 46 -9.98 -4.08 -0.94
N LEU A 47 -8.87 -4.32 -0.26
CA LEU A 47 -8.36 -5.67 -0.10
C LEU A 47 -9.53 -6.62 0.14
N ILE A 48 -10.53 -6.10 0.85
CA ILE A 48 -11.71 -6.88 1.17
C ILE A 48 -12.49 -7.18 -0.12
N SER A 49 -12.81 -6.11 -0.83
CA SER A 49 -13.54 -6.24 -2.08
C SER A 49 -12.64 -6.88 -3.15
N SER A 50 -11.35 -6.84 -2.89
CA SER A 50 -10.39 -7.41 -3.81
C SER A 50 -10.44 -8.94 -3.75
N ASN A 51 -11.09 -9.43 -2.70
CA ASN A 51 -11.22 -10.87 -2.52
C ASN A 51 -9.95 -11.41 -1.85
N PHE A 52 -9.11 -10.48 -1.43
CA PHE A 52 -7.86 -10.84 -0.77
C PHE A 52 -8.03 -10.90 0.75
N ALA A 53 -9.10 -10.28 1.21
CA ALA A 53 -9.40 -10.25 2.63
C ALA A 53 -10.88 -10.56 2.85
N ALA A 54 -11.16 -11.14 4.02
CA ALA A 54 -12.52 -11.50 4.36
C ALA A 54 -13.11 -10.43 5.29
N SER A 55 -12.21 -9.75 5.98
CA SER A 55 -12.63 -8.70 6.90
C SER A 55 -11.50 -7.68 7.08
N ARG A 56 -11.85 -6.54 7.66
CA ARG A 56 -10.89 -5.48 7.88
C ARG A 56 -9.56 -6.06 8.36
N LEU A 57 -9.66 -7.13 9.12
CA LEU A 57 -8.47 -7.80 9.64
C LEU A 57 -7.60 -8.25 8.46
N GLU A 58 -8.03 -9.31 7.83
CA GLU A 58 -7.30 -9.86 6.69
C GLU A 58 -6.75 -8.73 5.82
N ALA A 59 -7.59 -7.72 5.62
CA ALA A 59 -7.19 -6.58 4.81
C ALA A 59 -6.01 -5.87 5.48
N VAL A 60 -6.15 -5.64 6.78
CA VAL A 60 -5.11 -4.98 7.54
C VAL A 60 -3.77 -5.66 7.25
N THR A 61 -3.82 -6.98 7.19
CA THR A 61 -2.61 -7.76 6.93
C THR A 61 -2.20 -7.63 5.47
N LEU A 62 -3.20 -7.75 4.59
CA LEU A 62 -2.95 -7.66 3.16
C LEU A 62 -2.14 -6.39 2.87
N ALA A 63 -2.38 -5.37 3.69
CA ALA A 63 -1.69 -4.11 3.54
C ALA A 63 -0.24 -4.26 4.01
N SER A 64 -0.10 -4.67 5.26
CA SER A 64 1.22 -4.87 5.84
C SER A 64 2.03 -5.82 4.98
N MET A 65 1.32 -6.63 4.22
CA MET A 65 1.97 -7.60 3.34
C MET A 65 2.54 -6.93 2.10
N LEU A 66 1.77 -5.97 1.57
CA LEU A 66 2.19 -5.24 0.39
C LEU A 66 3.36 -4.33 0.75
N MET A 67 3.21 -3.64 1.88
CA MET A 67 4.25 -2.74 2.34
C MET A 67 5.59 -3.45 2.48
N GLU A 68 5.52 -4.69 2.95
CA GLU A 68 6.71 -5.49 3.13
C GLU A 68 7.36 -5.80 1.77
N GLU A 69 6.52 -6.16 0.81
CA GLU A 69 6.99 -6.46 -0.52
C GLU A 69 7.60 -5.22 -1.17
N ASN A 70 7.42 -4.09 -0.51
CA ASN A 70 7.93 -2.83 -1.01
C ASN A 70 6.96 -2.26 -2.04
N PHE A 71 5.69 -2.61 -1.88
CA PHE A 71 4.66 -2.15 -2.78
C PHE A 71 4.02 -0.86 -2.27
N LEU A 72 4.00 -0.73 -0.95
CA LEU A 72 3.42 0.44 -0.32
C LEU A 72 4.25 0.82 0.91
N ARG A 73 3.94 1.98 1.46
CA ARG A 73 4.65 2.47 2.63
C ARG A 73 3.76 3.44 3.42
N PRO A 74 4.02 3.49 4.75
CA PRO A 74 3.25 4.38 5.63
C PRO A 74 3.70 5.83 5.45
N VAL A 75 2.71 6.72 5.53
CA VAL A 75 2.99 8.14 5.38
C VAL A 75 3.02 8.80 6.76
N GLY A 76 3.33 10.09 6.76
CA GLY A 76 3.40 10.84 8.00
C GLY A 76 2.24 10.48 8.93
N VAL A 77 2.33 10.95 10.17
CA VAL A 77 1.30 10.69 11.16
C VAL A 77 1.00 9.18 11.18
N ARG A 78 -0.23 8.87 11.56
CA ARG A 78 -0.67 7.48 11.62
C ARG A 78 -0.03 6.67 10.49
N SER A 79 0.10 5.37 10.74
CA SER A 79 0.69 4.49 9.75
C SER A 79 2.21 4.41 9.95
N MET A 80 2.87 5.53 9.69
CA MET A 80 4.31 5.59 9.84
C MET A 80 4.70 6.08 11.25
N GLY A 81 5.98 6.00 11.53
CA GLY A 81 6.49 6.42 12.83
C GLY A 81 7.22 5.29 13.53
N ALA A 82 6.47 4.56 14.35
CA ALA A 82 7.03 3.44 15.09
C ALA A 82 6.65 2.13 14.38
N ILE A 83 7.23 1.94 13.21
CA ILE A 83 6.96 0.74 12.42
C ILE A 83 7.86 -0.40 12.92
N ARG A 84 7.25 -1.55 13.13
CA ARG A 84 7.98 -2.71 13.60
C ARG A 84 8.98 -3.17 12.53
N SER A 85 10.25 -3.08 12.88
CA SER A 85 11.31 -3.47 11.97
C SER A 85 11.97 -4.77 12.47
N GLY A 86 11.14 -5.80 12.60
CA GLY A 86 11.63 -7.09 13.06
C GLY A 86 11.14 -8.21 12.14
N ASP A 87 9.83 -8.29 11.99
CA ASP A 87 9.23 -9.31 11.14
C ASP A 87 8.15 -8.67 10.27
N LEU A 88 7.54 -9.51 9.44
CA LEU A 88 6.49 -9.04 8.55
C LEU A 88 5.48 -8.20 9.35
N ALA A 89 5.14 -8.70 10.53
CA ALA A 89 4.19 -8.01 11.39
C ALA A 89 2.98 -7.58 10.57
N GLU A 90 2.14 -6.77 11.20
CA GLU A 90 0.94 -6.27 10.55
C GLU A 90 0.87 -4.75 10.65
N GLN A 91 2.04 -4.14 10.83
CA GLN A 91 2.11 -2.70 10.94
C GLN A 91 1.15 -2.03 9.96
N PHE A 92 -0.03 -1.71 10.47
CA PHE A 92 -1.04 -1.06 9.65
C PHE A 92 -2.31 -0.79 10.47
N LEU A 93 -3.16 0.06 9.91
CA LEU A 93 -4.39 0.43 10.57
C LEU A 93 -5.55 0.34 9.57
N ASP A 94 -6.73 0.74 10.03
CA ASP A 94 -7.91 0.72 9.19
C ASP A 94 -8.81 1.90 9.55
N ASP A 95 -8.33 3.09 9.21
CA ASP A 95 -9.09 4.31 9.48
C ASP A 95 -8.90 5.29 8.33
N SER A 96 -9.39 6.50 8.55
CA SER A 96 -9.29 7.55 7.55
C SER A 96 -7.96 8.29 7.70
N THR A 97 -7.43 8.26 8.91
CA THR A 97 -6.17 8.92 9.20
C THR A 97 -5.01 8.18 8.55
N ALA A 98 -4.82 6.94 8.98
CA ALA A 98 -3.75 6.13 8.44
C ALA A 98 -3.63 6.36 6.93
N LEU A 99 -2.40 6.51 6.48
CA LEU A 99 -2.14 6.75 5.07
C LEU A 99 -1.11 5.74 4.57
N TYR A 100 -1.11 5.53 3.26
CA TYR A 100 -0.18 4.60 2.65
C TYR A 100 -0.07 4.83 1.14
N THR A 101 1.16 4.92 0.67
CA THR A 101 1.42 5.14 -0.74
C THR A 101 2.07 3.92 -1.37
N PHE A 102 2.71 4.14 -2.50
CA PHE A 102 3.38 3.07 -3.22
C PHE A 102 4.90 3.19 -3.08
N ALA A 103 5.53 2.07 -2.76
CA ALA A 103 6.97 2.04 -2.60
C ALA A 103 7.63 2.02 -3.99
N GLU A 104 8.91 2.33 -4.00
CA GLU A 104 9.67 2.35 -5.25
C GLU A 104 9.84 0.93 -5.78
N SER A 105 9.07 0.63 -6.83
CA SER A 105 9.12 -0.68 -7.45
C SER A 105 9.58 -0.56 -8.90
N TYR A 106 9.29 -1.60 -9.67
CA TYR A 106 9.67 -1.62 -11.07
C TYR A 106 9.19 -0.35 -11.78
N LYS A 107 9.62 -0.22 -13.03
CA LYS A 107 9.25 0.93 -13.83
C LYS A 107 7.77 1.27 -13.58
N LYS A 108 7.56 2.40 -12.92
CA LYS A 108 6.21 2.84 -12.62
C LYS A 108 6.26 4.25 -12.00
N LYS A 109 5.41 5.12 -12.52
CA LYS A 109 5.34 6.49 -12.04
C LYS A 109 5.01 6.48 -10.55
N VAL A 110 5.86 7.13 -9.77
CA VAL A 110 5.66 7.22 -8.34
C VAL A 110 6.53 8.33 -7.77
N SER A 111 7.76 8.39 -8.24
CA SER A 111 8.70 9.40 -7.79
C SER A 111 8.82 9.36 -6.26
N SER A 112 9.79 10.10 -5.76
CA SER A 112 10.02 10.17 -4.32
C SER A 112 10.26 11.61 -3.89
N LYS A 113 11.36 12.17 -4.38
CA LYS A 113 11.72 13.53 -4.05
C LYS A 113 12.21 14.24 -5.31
N GLU A 114 12.52 15.52 -5.15
CA GLU A 114 13.00 16.32 -6.26
C GLU A 114 13.96 17.40 -5.76
N SER A 115 14.68 17.99 -6.70
CA SER A 115 15.63 19.04 -6.38
C SER A 115 14.98 20.07 -5.45
N GLY A 116 15.66 20.35 -4.36
CA GLY A 116 15.17 21.31 -3.38
C GLY A 116 16.32 21.94 -2.60
N PRO A 117 15.95 22.92 -1.72
CA PRO A 117 16.93 23.60 -0.91
C PRO A 117 17.42 22.71 0.24
N SER A 118 18.33 23.25 1.03
CA SER A 118 18.89 22.51 2.15
C SER A 118 19.62 23.47 3.10
N SER A 119 19.96 22.95 4.26
CA SER A 119 20.67 23.74 5.26
C SER A 119 21.04 22.87 6.46
N GLY A 120 21.87 23.43 7.32
CA GLY A 120 22.31 22.72 8.51
C GLY A 120 21.22 22.74 9.59
N GLY A 1 15.69 -16.12 -0.45
CA GLY A 1 14.80 -16.79 -1.39
C GLY A 1 13.60 -15.92 -1.72
N SER A 2 12.51 -16.15 -1.01
CA SER A 2 11.29 -15.40 -1.22
C SER A 2 10.55 -15.22 0.11
N SER A 3 9.65 -14.24 0.13
CA SER A 3 8.87 -13.96 1.31
C SER A 3 7.49 -14.61 1.20
N GLY A 4 6.59 -13.91 0.52
CA GLY A 4 5.25 -14.41 0.33
C GLY A 4 4.38 -13.39 -0.40
N SER A 5 4.57 -13.32 -1.71
CA SER A 5 3.81 -12.39 -2.53
C SER A 5 2.83 -13.16 -3.42
N SER A 6 2.43 -14.32 -2.92
CA SER A 6 1.50 -15.16 -3.66
C SER A 6 0.30 -14.32 -4.14
N GLY A 7 -0.30 -13.62 -3.18
CA GLY A 7 -1.45 -12.78 -3.49
C GLY A 7 -1.00 -11.37 -3.87
N LEU A 8 0.03 -10.89 -3.18
CA LEU A 8 0.57 -9.57 -3.43
C LEU A 8 0.84 -9.41 -4.93
N HIS A 9 1.76 -10.24 -5.41
CA HIS A 9 2.14 -10.21 -6.82
C HIS A 9 0.88 -10.02 -7.67
N ARG A 10 -0.22 -10.55 -7.17
CA ARG A 10 -1.49 -10.45 -7.87
C ARG A 10 -2.21 -9.16 -7.50
N ILE A 11 -2.15 -8.83 -6.22
CA ILE A 11 -2.79 -7.62 -5.72
C ILE A 11 -2.08 -6.40 -6.30
N VAL A 12 -0.78 -6.35 -6.08
CA VAL A 12 0.02 -5.24 -6.58
C VAL A 12 -0.44 -4.88 -8.00
N ASP A 13 -0.47 -5.90 -8.84
CA ASP A 13 -0.89 -5.71 -10.22
C ASP A 13 -2.21 -4.94 -10.26
N LYS A 14 -3.14 -5.38 -9.43
CA LYS A 14 -4.44 -4.74 -9.35
C LYS A 14 -4.26 -3.29 -8.89
N MET A 15 -3.58 -3.14 -7.77
CA MET A 15 -3.33 -1.83 -7.21
C MET A 15 -2.65 -0.92 -8.23
N HIS A 16 -1.82 -1.53 -9.06
CA HIS A 16 -1.11 -0.79 -10.09
C HIS A 16 -2.11 -0.15 -11.05
N ASP A 17 -3.33 -0.66 -11.00
CA ASP A 17 -4.39 -0.14 -11.87
C ASP A 17 -5.14 0.97 -11.14
N THR A 18 -5.77 1.82 -11.92
CA THR A 18 -6.54 2.93 -11.37
C THR A 18 -8.03 2.70 -11.55
N SER A 19 -8.35 1.75 -12.43
CA SER A 19 -9.74 1.41 -12.71
C SER A 19 -10.24 0.38 -11.70
N THR A 20 -9.70 -0.82 -11.81
CA THR A 20 -10.08 -1.90 -10.92
C THR A 20 -9.16 -1.95 -9.70
N GLY A 21 -8.11 -1.13 -9.76
CA GLY A 21 -7.15 -1.06 -8.68
C GLY A 21 -7.59 -0.07 -7.61
N ILE A 22 -6.65 0.27 -6.74
CA ILE A 22 -6.93 1.21 -5.66
C ILE A 22 -7.18 2.60 -6.26
N ARG A 23 -7.48 3.54 -5.38
CA ARG A 23 -7.74 4.90 -5.80
C ARG A 23 -7.32 5.89 -4.71
N PRO A 24 -6.05 6.35 -4.81
CA PRO A 24 -5.52 7.29 -3.84
C PRO A 24 -6.07 8.70 -4.07
N SER A 25 -6.43 9.35 -2.97
CA SER A 25 -6.98 10.70 -3.04
C SER A 25 -6.29 11.59 -2.01
N PRO A 26 -6.37 12.92 -2.29
CA PRO A 26 -5.76 13.89 -1.39
C PRO A 26 -6.59 14.07 -0.12
N ASN A 27 -5.88 14.17 1.00
CA ASN A 27 -6.54 14.35 2.29
C ASN A 27 -6.14 15.70 2.89
N MET A 28 -4.87 16.03 2.71
CA MET A 28 -4.35 17.29 3.22
C MET A 28 -4.39 17.31 4.75
N GLU A 29 -3.21 17.25 5.34
CA GLU A 29 -3.09 17.27 6.79
C GLU A 29 -2.03 18.27 7.23
N GLN A 30 -2.47 19.28 7.95
CA GLN A 30 -1.56 20.31 8.44
C GLN A 30 -1.15 21.23 7.30
N GLY A 31 -0.39 20.68 6.37
CA GLY A 31 0.07 21.44 5.23
C GLY A 31 0.28 20.54 4.01
N SER A 32 1.32 19.74 4.08
CA SER A 32 1.64 18.82 2.99
C SER A 32 0.35 18.22 2.43
N THR A 33 0.40 17.86 1.15
CA THR A 33 -0.74 17.27 0.49
C THR A 33 -0.35 15.96 -0.19
N TYR A 34 -0.97 14.88 0.26
CA TYR A 34 -0.70 13.57 -0.30
C TYR A 34 -1.71 13.21 -1.38
N LYS A 35 -1.31 13.42 -2.63
CA LYS A 35 -2.17 13.13 -3.76
C LYS A 35 -2.15 11.63 -4.03
N LYS A 36 -1.00 11.15 -4.50
CA LYS A 36 -0.83 9.74 -4.80
C LYS A 36 -0.76 8.95 -3.49
N THR A 37 -1.82 9.06 -2.71
CA THR A 37 -1.90 8.35 -1.44
C THR A 37 -3.32 7.90 -1.16
N PHE A 38 -3.43 6.79 -0.46
CA PHE A 38 -4.73 6.24 -0.12
C PHE A 38 -4.83 5.92 1.37
N LEU A 39 -5.95 6.30 1.96
CA LEU A 39 -6.16 6.06 3.38
C LEU A 39 -5.92 4.58 3.69
N GLY A 40 -5.53 4.33 4.93
CA GLY A 40 -5.26 2.97 5.37
C GLY A 40 -6.51 2.09 5.24
N SER A 41 -7.65 2.70 5.51
CA SER A 41 -8.91 1.99 5.43
C SER A 41 -9.26 1.69 3.97
N SER A 42 -8.96 2.66 3.12
CA SER A 42 -9.23 2.53 1.69
C SER A 42 -8.62 1.22 1.18
N LEU A 43 -7.43 0.92 1.66
CA LEU A 43 -6.74 -0.30 1.26
C LEU A 43 -7.50 -1.51 1.80
N VAL A 44 -7.75 -1.47 3.11
CA VAL A 44 -8.46 -2.56 3.76
C VAL A 44 -9.75 -2.86 2.99
N ASP A 45 -10.62 -1.87 2.97
CA ASP A 45 -11.90 -2.01 2.27
C ASP A 45 -11.64 -2.53 0.86
N TRP A 46 -10.65 -1.94 0.22
CA TRP A 46 -10.29 -2.34 -1.13
C TRP A 46 -10.00 -3.84 -1.13
N LEU A 47 -8.91 -4.20 -0.45
CA LEU A 47 -8.51 -5.59 -0.36
C LEU A 47 -9.75 -6.46 -0.22
N ILE A 48 -10.60 -6.09 0.73
CA ILE A 48 -11.83 -6.84 0.97
C ILE A 48 -12.70 -6.80 -0.29
N SER A 49 -13.01 -5.58 -0.72
CA SER A 49 -13.83 -5.40 -1.90
C SER A 49 -13.22 -6.13 -3.09
N SER A 50 -11.91 -6.32 -3.01
CA SER A 50 -11.19 -7.01 -4.07
C SER A 50 -11.27 -8.52 -3.87
N ASN A 51 -11.80 -8.90 -2.71
CA ASN A 51 -11.94 -10.31 -2.38
C ASN A 51 -10.59 -10.87 -1.95
N PHE A 52 -9.70 -9.96 -1.57
CA PHE A 52 -8.38 -10.34 -1.13
C PHE A 52 -8.36 -10.61 0.38
N ALA A 53 -9.33 -10.03 1.06
CA ALA A 53 -9.44 -10.20 2.50
C ALA A 53 -10.89 -10.56 2.87
N ALA A 54 -11.02 -11.24 4.00
CA ALA A 54 -12.33 -11.66 4.46
C ALA A 54 -12.89 -10.59 5.41
N SER A 55 -12.00 -9.98 6.17
CA SER A 55 -12.38 -8.95 7.12
C SER A 55 -11.27 -7.89 7.22
N ARG A 56 -11.65 -6.73 7.72
CA ARG A 56 -10.70 -5.64 7.89
C ARG A 56 -9.35 -6.18 8.35
N LEU A 57 -9.42 -7.21 9.18
CA LEU A 57 -8.21 -7.82 9.71
C LEU A 57 -7.37 -8.35 8.54
N GLU A 58 -7.88 -9.38 7.89
CA GLU A 58 -7.19 -9.99 6.77
C GLU A 58 -6.60 -8.90 5.86
N ALA A 59 -7.38 -7.86 5.66
CA ALA A 59 -6.95 -6.75 4.82
C ALA A 59 -5.75 -6.06 5.47
N VAL A 60 -5.86 -5.86 6.78
CA VAL A 60 -4.79 -5.22 7.53
C VAL A 60 -3.49 -6.01 7.33
N THR A 61 -3.62 -7.32 7.35
CA THR A 61 -2.47 -8.20 7.17
C THR A 61 -1.98 -8.15 5.73
N LEU A 62 -2.95 -8.19 4.82
CA LEU A 62 -2.63 -8.16 3.40
C LEU A 62 -1.96 -6.84 3.05
N ALA A 63 -2.36 -5.80 3.78
CA ALA A 63 -1.80 -4.47 3.57
C ALA A 63 -0.35 -4.45 4.07
N SER A 64 -0.19 -4.77 5.34
CA SER A 64 1.13 -4.79 5.95
C SER A 64 2.09 -5.64 5.10
N MET A 65 1.51 -6.64 4.44
CA MET A 65 2.31 -7.52 3.60
C MET A 65 2.85 -6.77 2.39
N LEU A 66 1.94 -6.11 1.68
CA LEU A 66 2.32 -5.35 0.50
C LEU A 66 3.47 -4.41 0.85
N MET A 67 3.30 -3.69 1.94
CA MET A 67 4.31 -2.76 2.39
C MET A 67 5.67 -3.45 2.54
N GLU A 68 5.65 -4.57 3.25
CA GLU A 68 6.87 -5.33 3.47
C GLU A 68 7.55 -5.64 2.13
N GLU A 69 6.75 -6.10 1.19
CA GLU A 69 7.27 -6.45 -0.13
C GLU A 69 7.86 -5.19 -0.80
N ASN A 70 7.57 -4.04 -0.20
CA ASN A 70 8.06 -2.79 -0.74
C ASN A 70 7.13 -2.30 -1.84
N PHE A 71 5.86 -2.65 -1.68
CA PHE A 71 4.85 -2.26 -2.65
C PHE A 71 4.13 -0.98 -2.21
N LEU A 72 4.11 -0.78 -0.89
CA LEU A 72 3.46 0.39 -0.33
C LEU A 72 4.18 0.79 0.96
N ARG A 73 3.78 1.94 1.48
CA ARG A 73 4.38 2.45 2.71
C ARG A 73 3.38 3.35 3.45
N PRO A 74 3.60 3.46 4.78
CA PRO A 74 2.73 4.28 5.62
C PRO A 74 3.02 5.77 5.41
N VAL A 75 1.96 6.56 5.46
CA VAL A 75 2.09 8.00 5.28
C VAL A 75 1.20 8.72 6.29
N GLY A 76 1.36 10.04 6.34
CA GLY A 76 0.57 10.83 7.26
C GLY A 76 1.29 11.00 8.60
N VAL A 77 1.01 10.06 9.50
CA VAL A 77 1.62 10.08 10.81
C VAL A 77 1.08 8.91 11.64
N ARG A 78 -0.24 8.80 11.64
CA ARG A 78 -0.90 7.74 12.38
C ARG A 78 -0.13 6.43 12.24
N SER A 79 0.52 6.28 11.10
CA SER A 79 1.30 5.08 10.83
C SER A 79 2.79 5.43 10.79
N MET A 80 3.52 4.65 10.01
CA MET A 80 4.96 4.87 9.88
C MET A 80 5.58 5.28 11.22
N GLY A 81 6.75 5.89 11.13
CA GLY A 81 7.45 6.34 12.32
C GLY A 81 8.50 5.31 12.76
N ALA A 82 8.26 4.07 12.36
CA ALA A 82 9.17 2.99 12.71
C ALA A 82 9.18 1.96 11.57
N ILE A 83 8.11 1.16 11.54
CA ILE A 83 7.99 0.13 10.52
C ILE A 83 9.12 -0.88 10.68
N ARG A 84 8.78 -2.15 10.44
CA ARG A 84 9.75 -3.22 10.56
C ARG A 84 9.91 -3.93 9.21
N SER A 85 10.72 -3.33 8.35
CA SER A 85 10.96 -3.90 7.04
C SER A 85 12.02 -5.01 7.14
N GLY A 86 11.60 -6.13 7.72
CA GLY A 86 12.49 -7.27 7.89
C GLY A 86 11.72 -8.49 8.37
N ASP A 87 11.00 -8.31 9.47
CA ASP A 87 10.22 -9.40 10.04
C ASP A 87 8.87 -9.49 9.32
N LEU A 88 8.04 -10.40 9.80
CA LEU A 88 6.73 -10.60 9.21
C LEU A 88 5.72 -9.70 9.93
N ALA A 89 6.24 -8.68 10.60
CA ALA A 89 5.40 -7.76 11.33
C ALA A 89 4.20 -7.35 10.46
N GLU A 90 3.16 -6.89 11.12
CA GLU A 90 1.95 -6.47 10.42
C GLU A 90 1.54 -5.07 10.86
N GLN A 91 2.47 -4.14 10.72
CA GLN A 91 2.21 -2.76 11.10
C GLN A 91 1.34 -2.08 10.05
N PHE A 92 0.12 -1.76 10.46
CA PHE A 92 -0.82 -1.10 9.57
C PHE A 92 -2.15 -0.81 10.28
N LEU A 93 -2.61 0.42 10.12
CA LEU A 93 -3.86 0.83 10.74
C LEU A 93 -4.97 0.85 9.69
N ASP A 94 -6.21 0.77 10.16
CA ASP A 94 -7.35 0.77 9.27
C ASP A 94 -8.25 1.97 9.61
N ASP A 95 -7.73 3.16 9.32
CA ASP A 95 -8.46 4.38 9.59
C ASP A 95 -8.24 5.37 8.44
N SER A 96 -9.08 6.39 8.41
CA SER A 96 -9.00 7.40 7.37
C SER A 96 -7.68 8.16 7.49
N THR A 97 -7.34 8.51 8.72
CA THR A 97 -6.11 9.25 8.97
C THR A 97 -4.92 8.52 8.34
N ALA A 98 -4.54 7.41 8.97
CA ALA A 98 -3.42 6.63 8.49
C ALA A 98 -3.47 6.56 6.97
N LEU A 99 -2.42 7.10 6.35
CA LEU A 99 -2.34 7.11 4.90
C LEU A 99 -1.25 6.13 4.45
N TYR A 100 -1.33 5.76 3.18
CA TYR A 100 -0.35 4.83 2.61
C TYR A 100 -0.11 5.13 1.13
N THR A 101 1.14 4.97 0.74
CA THR A 101 1.52 5.22 -0.65
C THR A 101 2.35 4.05 -1.20
N PHE A 102 2.53 4.07 -2.51
CA PHE A 102 3.30 3.02 -3.16
C PHE A 102 4.79 3.24 -2.99
N ALA A 103 5.49 2.18 -2.60
CA ALA A 103 6.92 2.25 -2.41
C ALA A 103 7.62 2.32 -3.77
N GLU A 104 8.87 2.74 -3.72
CA GLU A 104 9.66 2.85 -4.94
C GLU A 104 9.34 1.70 -5.90
N SER A 105 10.09 0.63 -5.76
CA SER A 105 9.89 -0.55 -6.60
C SER A 105 10.41 -1.79 -5.88
N TYR A 106 9.76 -2.91 -6.19
CA TYR A 106 10.15 -4.18 -5.58
C TYR A 106 11.13 -4.94 -6.47
N LYS A 107 11.60 -6.06 -5.95
CA LYS A 107 12.55 -6.89 -6.68
C LYS A 107 12.14 -6.95 -8.16
N LYS A 108 13.12 -7.17 -9.01
CA LYS A 108 12.88 -7.25 -10.44
C LYS A 108 14.17 -7.60 -11.17
N LYS A 109 14.06 -8.51 -12.11
CA LYS A 109 15.21 -8.94 -12.88
C LYS A 109 15.92 -7.72 -13.46
N VAL A 110 17.17 -7.92 -13.85
CA VAL A 110 17.96 -6.85 -14.42
C VAL A 110 18.15 -5.75 -13.38
N SER A 111 19.10 -5.98 -12.48
CA SER A 111 19.39 -5.02 -11.44
C SER A 111 20.48 -5.56 -10.51
N SER A 112 20.98 -4.67 -9.65
CA SER A 112 22.02 -5.05 -8.72
C SER A 112 21.74 -6.45 -8.16
N LYS A 113 22.48 -7.41 -8.67
CA LYS A 113 22.32 -8.79 -8.23
C LYS A 113 22.91 -8.94 -6.82
N GLU A 114 22.14 -9.59 -5.96
CA GLU A 114 22.57 -9.81 -4.59
C GLU A 114 21.59 -10.75 -3.88
N SER A 115 21.63 -12.01 -4.29
CA SER A 115 20.76 -13.02 -3.70
C SER A 115 20.95 -14.35 -4.41
N GLY A 116 20.34 -15.38 -3.84
CA GLY A 116 20.43 -16.72 -4.41
C GLY A 116 19.71 -16.80 -5.76
N PRO A 117 18.73 -17.75 -5.84
CA PRO A 117 17.97 -17.93 -7.04
C PRO A 117 16.94 -16.81 -7.23
N SER A 118 16.79 -16.36 -8.46
CA SER A 118 15.85 -15.31 -8.78
C SER A 118 14.57 -15.90 -9.37
N SER A 119 13.66 -16.25 -8.48
CA SER A 119 12.39 -16.83 -8.90
C SER A 119 12.64 -18.10 -9.74
N GLY A 120 11.57 -18.84 -9.95
CA GLY A 120 11.66 -20.07 -10.72
C GLY A 120 11.38 -19.80 -12.20
N GLY A 1 7.16 -12.98 -15.00
CA GLY A 1 6.84 -13.99 -14.00
C GLY A 1 6.90 -13.42 -12.60
N SER A 2 6.81 -14.32 -11.62
CA SER A 2 6.84 -13.92 -10.23
C SER A 2 7.12 -15.15 -9.34
N SER A 3 7.68 -14.87 -8.18
CA SER A 3 7.99 -15.94 -7.23
C SER A 3 7.94 -15.39 -5.80
N GLY A 4 8.06 -16.30 -4.85
CA GLY A 4 8.04 -15.93 -3.45
C GLY A 4 6.69 -15.33 -3.07
N SER A 5 6.60 -14.02 -3.24
CA SER A 5 5.38 -13.30 -2.91
C SER A 5 4.39 -13.40 -4.09
N SER A 6 4.16 -14.63 -4.52
CA SER A 6 3.25 -14.87 -5.62
C SER A 6 1.80 -14.81 -5.13
N GLY A 7 1.45 -13.65 -4.58
CA GLY A 7 0.11 -13.45 -4.06
C GLY A 7 -0.16 -11.96 -3.82
N LEU A 8 0.85 -11.28 -3.30
CA LEU A 8 0.74 -9.86 -3.00
C LEU A 8 0.66 -9.09 -4.32
N HIS A 9 1.66 -9.31 -5.17
CA HIS A 9 1.71 -8.64 -6.45
C HIS A 9 0.37 -8.82 -7.18
N ARG A 10 -0.26 -9.95 -6.91
CA ARG A 10 -1.54 -10.26 -7.53
C ARG A 10 -2.61 -9.26 -7.05
N ILE A 11 -2.26 -8.51 -6.02
CA ILE A 11 -3.17 -7.54 -5.47
C ILE A 11 -2.66 -6.13 -5.78
N VAL A 12 -1.34 -6.00 -5.77
CA VAL A 12 -0.72 -4.72 -6.06
C VAL A 12 -1.03 -4.32 -7.50
N ASP A 13 -0.95 -5.30 -8.39
CA ASP A 13 -1.22 -5.06 -9.80
C ASP A 13 -2.60 -4.43 -9.95
N LYS A 14 -3.56 -5.00 -9.23
CA LYS A 14 -4.92 -4.50 -9.28
C LYS A 14 -4.95 -3.05 -8.80
N MET A 15 -4.07 -2.76 -7.84
CA MET A 15 -3.99 -1.42 -7.30
C MET A 15 -3.35 -0.45 -8.30
N HIS A 16 -2.47 -1.01 -9.12
CA HIS A 16 -1.78 -0.21 -10.12
C HIS A 16 -2.80 0.38 -11.10
N ASP A 17 -4.00 -0.18 -11.07
CA ASP A 17 -5.07 0.29 -11.94
C ASP A 17 -5.83 1.41 -11.23
N THR A 18 -6.47 2.24 -12.05
CA THR A 18 -7.24 3.36 -11.52
C THR A 18 -8.72 3.18 -11.84
N SER A 19 -9.00 2.19 -12.69
CA SER A 19 -10.38 1.90 -13.07
C SER A 19 -10.93 0.77 -12.21
N THR A 20 -10.12 -0.26 -12.05
CA THR A 20 -10.52 -1.41 -11.26
C THR A 20 -9.58 -1.59 -10.06
N GLY A 21 -8.77 -0.56 -9.83
CA GLY A 21 -7.83 -0.60 -8.72
C GLY A 21 -8.23 0.40 -7.63
N ILE A 22 -7.30 0.62 -6.71
CA ILE A 22 -7.54 1.54 -5.61
C ILE A 22 -7.63 2.96 -6.15
N ARG A 23 -7.87 3.90 -5.25
CA ARG A 23 -7.97 5.30 -5.63
C ARG A 23 -7.38 6.19 -4.54
N PRO A 24 -6.05 6.46 -4.68
CA PRO A 24 -5.35 7.29 -3.71
C PRO A 24 -5.71 8.77 -3.91
N SER A 25 -6.82 9.16 -3.32
CA SER A 25 -7.28 10.54 -3.41
C SER A 25 -6.40 11.45 -2.56
N PRO A 26 -6.03 12.61 -3.15
CA PRO A 26 -5.19 13.56 -2.46
C PRO A 26 -5.98 14.33 -1.39
N ASN A 27 -6.44 13.59 -0.40
CA ASN A 27 -7.22 14.17 0.68
C ASN A 27 -6.30 15.01 1.56
N MET A 28 -6.15 16.28 1.18
CA MET A 28 -5.30 17.19 1.94
C MET A 28 -5.51 17.02 3.45
N GLU A 29 -4.43 16.68 4.12
CA GLU A 29 -4.48 16.49 5.56
C GLU A 29 -4.01 17.77 6.28
N GLN A 30 -4.85 18.79 6.22
CA GLN A 30 -4.54 20.06 6.86
C GLN A 30 -3.18 20.56 6.39
N GLY A 31 -3.18 21.12 5.20
CA GLY A 31 -1.95 21.66 4.62
C GLY A 31 -0.94 20.53 4.33
N SER A 32 -1.40 19.57 3.55
CA SER A 32 -0.56 18.44 3.19
C SER A 32 -1.16 17.69 2.00
N THR A 33 -0.35 16.82 1.41
CA THR A 33 -0.79 16.05 0.26
C THR A 33 -0.09 14.69 0.25
N TYR A 34 1.22 14.72 0.40
CA TYR A 34 2.02 13.51 0.40
C TYR A 34 1.83 12.73 -0.91
N LYS A 35 1.60 13.48 -1.97
CA LYS A 35 1.40 12.88 -3.28
C LYS A 35 0.16 11.97 -3.24
N LYS A 36 0.01 11.20 -4.30
CA LYS A 36 -1.12 10.29 -4.40
C LYS A 36 -1.02 9.23 -3.30
N THR A 37 -2.04 9.20 -2.46
CA THR A 37 -2.08 8.25 -1.37
C THR A 37 -3.52 7.79 -1.09
N PHE A 38 -3.63 6.64 -0.45
CA PHE A 38 -4.94 6.09 -0.13
C PHE A 38 -5.05 5.80 1.36
N LEU A 39 -6.16 6.27 1.94
CA LEU A 39 -6.40 6.08 3.35
C LEU A 39 -6.22 4.59 3.70
N GLY A 40 -5.74 4.36 4.90
CA GLY A 40 -5.52 3.00 5.38
C GLY A 40 -6.77 2.15 5.20
N SER A 41 -7.91 2.76 5.48
CA SER A 41 -9.19 2.07 5.36
C SER A 41 -9.47 1.76 3.89
N SER A 42 -9.12 2.71 3.04
CA SER A 42 -9.33 2.55 1.61
C SER A 42 -8.74 1.21 1.14
N LEU A 43 -7.51 0.97 1.55
CA LEU A 43 -6.82 -0.26 1.18
C LEU A 43 -7.56 -1.45 1.79
N VAL A 44 -7.63 -1.45 3.11
CA VAL A 44 -8.29 -2.52 3.83
C VAL A 44 -9.63 -2.83 3.15
N ASP A 45 -10.47 -1.81 3.08
CA ASP A 45 -11.78 -1.96 2.45
C ASP A 45 -11.60 -2.50 1.04
N TRP A 46 -10.74 -1.84 0.29
CA TRP A 46 -10.47 -2.25 -1.09
C TRP A 46 -10.13 -3.74 -1.08
N LEU A 47 -9.01 -4.06 -0.46
CA LEU A 47 -8.57 -5.44 -0.38
C LEU A 47 -9.79 -6.35 -0.23
N ILE A 48 -10.60 -6.04 0.77
CA ILE A 48 -11.80 -6.82 1.04
C ILE A 48 -12.66 -6.86 -0.22
N SER A 49 -13.09 -5.69 -0.65
CA SER A 49 -13.92 -5.58 -1.84
C SER A 49 -13.25 -6.29 -3.01
N SER A 50 -11.92 -6.33 -2.96
CA SER A 50 -11.15 -6.98 -4.01
C SER A 50 -11.29 -8.50 -3.90
N ASN A 51 -11.79 -8.93 -2.76
CA ASN A 51 -11.98 -10.35 -2.51
C ASN A 51 -10.65 -10.96 -2.07
N PHE A 52 -9.71 -10.09 -1.71
CA PHE A 52 -8.41 -10.54 -1.27
C PHE A 52 -8.39 -10.81 0.24
N ALA A 53 -9.40 -10.27 0.91
CA ALA A 53 -9.52 -10.43 2.35
C ALA A 53 -10.97 -10.77 2.71
N ALA A 54 -11.13 -11.30 3.91
CA ALA A 54 -12.46 -11.67 4.38
C ALA A 54 -12.98 -10.59 5.33
N SER A 55 -12.05 -10.02 6.09
CA SER A 55 -12.40 -8.98 7.05
C SER A 55 -11.25 -7.96 7.14
N ARG A 56 -11.59 -6.80 7.68
CA ARG A 56 -10.61 -5.73 7.84
C ARG A 56 -9.26 -6.31 8.26
N LEU A 57 -9.33 -7.38 9.06
CA LEU A 57 -8.12 -8.03 9.53
C LEU A 57 -7.32 -8.54 8.34
N GLU A 58 -7.86 -9.55 7.69
CA GLU A 58 -7.19 -10.13 6.53
C GLU A 58 -6.61 -9.05 5.64
N ALA A 59 -7.33 -7.93 5.57
CA ALA A 59 -6.89 -6.80 4.77
C ALA A 59 -5.77 -6.06 5.49
N VAL A 60 -5.98 -5.85 6.79
CA VAL A 60 -5.00 -5.17 7.61
C VAL A 60 -3.63 -5.84 7.42
N THR A 61 -3.64 -7.16 7.47
CA THR A 61 -2.41 -7.93 7.31
C THR A 61 -1.93 -7.85 5.86
N LEU A 62 -2.87 -8.02 4.95
CA LEU A 62 -2.56 -7.98 3.53
C LEU A 62 -1.84 -6.67 3.21
N ALA A 63 -2.32 -5.59 3.82
CA ALA A 63 -1.73 -4.29 3.61
C ALA A 63 -0.28 -4.29 4.09
N SER A 64 -0.13 -4.60 5.38
CA SER A 64 1.19 -4.65 5.98
C SER A 64 2.09 -5.61 5.19
N MET A 65 1.46 -6.60 4.59
CA MET A 65 2.19 -7.58 3.81
C MET A 65 2.75 -6.95 2.52
N LEU A 66 1.95 -6.07 1.95
CA LEU A 66 2.35 -5.39 0.72
C LEU A 66 3.48 -4.41 1.02
N MET A 67 3.32 -3.71 2.14
CA MET A 67 4.32 -2.73 2.55
C MET A 67 5.69 -3.39 2.72
N GLU A 68 5.66 -4.61 3.24
CA GLU A 68 6.88 -5.36 3.46
C GLU A 68 7.56 -5.67 2.12
N GLU A 69 6.76 -6.16 1.19
CA GLU A 69 7.27 -6.50 -0.13
C GLU A 69 7.86 -5.27 -0.81
N ASN A 70 7.58 -4.11 -0.22
CA ASN A 70 8.06 -2.85 -0.75
C ASN A 70 7.10 -2.35 -1.82
N PHE A 71 5.86 -2.78 -1.70
CA PHE A 71 4.83 -2.38 -2.65
C PHE A 71 4.16 -1.07 -2.21
N LEU A 72 4.06 -0.90 -0.91
CA LEU A 72 3.44 0.29 -0.35
C LEU A 72 4.24 0.74 0.89
N ARG A 73 3.89 1.92 1.38
CA ARG A 73 4.55 2.47 2.55
C ARG A 73 3.62 3.44 3.27
N PRO A 74 3.86 3.59 4.61
CA PRO A 74 3.06 4.47 5.42
C PRO A 74 3.43 5.94 5.17
N VAL A 75 2.49 6.82 5.50
CA VAL A 75 2.72 8.24 5.31
C VAL A 75 2.66 8.94 6.66
N GLY A 76 3.53 8.50 7.56
CA GLY A 76 3.59 9.08 8.89
C GLY A 76 2.19 9.21 9.49
N VAL A 77 2.00 10.31 10.22
CA VAL A 77 0.71 10.56 10.86
C VAL A 77 0.24 9.30 11.57
N ARG A 78 -1.08 9.19 11.69
CA ARG A 78 -1.67 8.03 12.35
C ARG A 78 -0.89 6.76 12.01
N SER A 79 -0.67 6.56 10.72
CA SER A 79 0.06 5.40 10.26
C SER A 79 1.44 5.34 10.92
N MET A 80 2.30 4.49 10.37
CA MET A 80 3.64 4.33 10.90
C MET A 80 3.60 3.86 12.35
N GLY A 81 2.84 2.80 12.58
CA GLY A 81 2.71 2.23 13.91
C GLY A 81 3.86 1.27 14.21
N ALA A 82 4.98 1.85 14.60
CA ALA A 82 6.16 1.06 14.92
C ALA A 82 6.89 0.69 13.63
N ILE A 83 7.40 1.71 12.97
CA ILE A 83 8.12 1.52 11.73
C ILE A 83 9.61 1.38 12.02
N ARG A 84 10.14 0.19 11.76
CA ARG A 84 11.54 -0.09 11.99
C ARG A 84 12.01 -1.25 11.12
N SER A 85 11.34 -1.39 9.98
CA SER A 85 11.68 -2.45 9.04
C SER A 85 12.01 -3.74 9.80
N GLY A 86 11.39 -3.88 10.96
CA GLY A 86 11.60 -5.05 11.79
C GLY A 86 11.14 -6.32 11.07
N ASP A 87 10.03 -6.87 11.56
CA ASP A 87 9.47 -8.07 10.98
C ASP A 87 8.13 -7.74 10.33
N LEU A 88 7.58 -8.74 9.64
CA LEU A 88 6.31 -8.57 8.97
C LEU A 88 5.35 -7.80 9.87
N ALA A 89 5.08 -8.37 11.03
CA ALA A 89 4.19 -7.75 11.99
C ALA A 89 2.95 -7.23 11.26
N GLU A 90 2.17 -6.43 11.98
CA GLU A 90 0.96 -5.87 11.41
C GLU A 90 0.98 -4.34 11.52
N GLN A 91 2.14 -3.77 11.23
CA GLN A 91 2.31 -2.33 11.29
C GLN A 91 1.39 -1.65 10.28
N PHE A 92 0.12 -1.53 10.65
CA PHE A 92 -0.85 -0.91 9.77
C PHE A 92 -2.12 -0.53 10.55
N LEU A 93 -2.96 0.25 9.91
CA LEU A 93 -4.20 0.69 10.53
C LEU A 93 -5.34 0.57 9.51
N ASP A 94 -6.56 0.74 10.00
CA ASP A 94 -7.73 0.65 9.16
C ASP A 94 -8.66 1.84 9.46
N ASP A 95 -8.21 3.02 9.07
CA ASP A 95 -8.99 4.23 9.29
C ASP A 95 -8.64 5.26 8.21
N SER A 96 -9.46 6.29 8.15
CA SER A 96 -9.25 7.35 7.17
C SER A 96 -7.88 7.99 7.37
N THR A 97 -7.66 8.48 8.58
CA THR A 97 -6.40 9.12 8.92
C THR A 97 -5.23 8.36 8.28
N ALA A 98 -5.02 7.15 8.77
CA ALA A 98 -3.94 6.33 8.27
C ALA A 98 -3.85 6.48 6.75
N LEU A 99 -2.62 6.56 6.26
CA LEU A 99 -2.39 6.71 4.84
C LEU A 99 -1.25 5.78 4.41
N TYR A 100 -1.22 5.49 3.12
CA TYR A 100 -0.20 4.62 2.57
C TYR A 100 -0.07 4.81 1.06
N THR A 101 1.18 4.88 0.61
CA THR A 101 1.45 5.06 -0.80
C THR A 101 2.14 3.82 -1.38
N PHE A 102 2.65 3.98 -2.59
CA PHE A 102 3.33 2.87 -3.26
C PHE A 102 4.85 3.03 -3.15
N ALA A 103 5.50 1.95 -2.74
CA ALA A 103 6.94 1.94 -2.60
C ALA A 103 7.58 1.83 -3.98
N GLU A 104 8.91 1.92 -3.99
CA GLU A 104 9.65 1.85 -5.23
C GLU A 104 9.08 0.74 -6.12
N SER A 105 8.52 -0.27 -5.48
CA SER A 105 7.93 -1.38 -6.20
C SER A 105 9.00 -2.07 -7.05
N TYR A 106 8.81 -3.37 -7.22
CA TYR A 106 9.75 -4.16 -8.00
C TYR A 106 10.24 -3.37 -9.23
N LYS A 107 11.42 -3.73 -9.69
CA LYS A 107 12.01 -3.07 -10.85
C LYS A 107 10.92 -2.81 -11.89
N LYS A 108 10.84 -1.55 -12.30
CA LYS A 108 9.84 -1.15 -13.29
C LYS A 108 10.03 0.33 -13.62
N LYS A 109 10.20 0.60 -14.90
CA LYS A 109 10.38 1.97 -15.37
C LYS A 109 9.42 2.89 -14.62
N VAL A 110 9.99 3.80 -13.84
CA VAL A 110 9.21 4.73 -13.07
C VAL A 110 10.14 5.74 -12.38
N SER A 111 9.68 6.98 -12.33
CA SER A 111 10.47 8.03 -11.71
C SER A 111 11.03 7.55 -10.37
N SER A 112 12.35 7.65 -10.26
CA SER A 112 13.02 7.23 -9.04
C SER A 112 14.41 7.86 -8.96
N LYS A 113 15.05 7.70 -7.81
CA LYS A 113 16.38 8.24 -7.60
C LYS A 113 17.06 7.47 -6.48
N GLU A 114 18.34 7.79 -6.28
CA GLU A 114 19.12 7.14 -5.24
C GLU A 114 19.19 5.63 -5.50
N SER A 115 20.41 5.14 -5.67
CA SER A 115 20.62 3.73 -5.92
C SER A 115 22.11 3.46 -6.17
N GLY A 116 22.74 2.84 -5.18
CA GLY A 116 24.16 2.52 -5.29
C GLY A 116 24.75 2.23 -3.91
N PRO A 117 25.84 1.41 -3.91
CA PRO A 117 26.50 1.06 -2.67
C PRO A 117 27.36 2.22 -2.15
N SER A 118 27.92 2.02 -0.97
CA SER A 118 28.75 3.04 -0.35
C SER A 118 30.16 2.49 -0.11
N SER A 119 30.22 1.40 0.63
CA SER A 119 31.49 0.77 0.94
C SER A 119 31.90 -0.16 -0.20
N GLY A 120 33.20 -0.16 -0.48
CA GLY A 120 33.73 -1.00 -1.54
C GLY A 120 35.12 -1.54 -1.17
#